data_8FDJ
# 
_entry.id   8FDJ 
# 
_audit_conform.dict_name       mmcif_pdbx.dic 
_audit_conform.dict_version    5.391 
_audit_conform.dict_location   http://mmcif.pdb.org/dictionaries/ascii/mmcif_pdbx.dic 
# 
loop_
_database_2.database_id 
_database_2.database_code 
_database_2.pdbx_database_accession 
_database_2.pdbx_DOI 
PDB   8FDJ         pdb_00008fdj 10.2210/pdb8fdj/pdb 
WWPDB D_1000270452 ?            ?                   
# 
loop_
_pdbx_audit_revision_history.ordinal 
_pdbx_audit_revision_history.data_content_type 
_pdbx_audit_revision_history.major_revision 
_pdbx_audit_revision_history.minor_revision 
_pdbx_audit_revision_history.revision_date 
1 'Structure model' 1 0 2023-07-12 
2 'Structure model' 1 1 2023-08-16 
3 'Structure model' 1 2 2023-10-25 
4 'Structure model' 1 3 2024-05-01 
# 
_pdbx_audit_revision_details.ordinal             1 
_pdbx_audit_revision_details.revision_ordinal    1 
_pdbx_audit_revision_details.data_content_type   'Structure model' 
_pdbx_audit_revision_details.provider            repository 
_pdbx_audit_revision_details.type                'Initial release' 
_pdbx_audit_revision_details.description         ? 
_pdbx_audit_revision_details.details             ? 
# 
loop_
_pdbx_audit_revision_group.ordinal 
_pdbx_audit_revision_group.revision_ordinal 
_pdbx_audit_revision_group.data_content_type 
_pdbx_audit_revision_group.group 
1 2 'Structure model' 'Data collection'        
2 3 'Structure model' 'Refinement description' 
3 4 'Structure model' 'Database references'    
# 
loop_
_pdbx_audit_revision_category.ordinal 
_pdbx_audit_revision_category.revision_ordinal 
_pdbx_audit_revision_category.data_content_type 
_pdbx_audit_revision_category.category 
1 2 'Structure model' chem_comp_atom                
2 2 'Structure model' chem_comp_bond                
3 2 'Structure model' pdbx_validate_planes          
4 3 'Structure model' pdbx_initial_refinement_model 
5 4 'Structure model' citation                      
# 
loop_
_pdbx_audit_revision_item.ordinal 
_pdbx_audit_revision_item.revision_ordinal 
_pdbx_audit_revision_item.data_content_type 
_pdbx_audit_revision_item.item 
1 2 'Structure model' '_pdbx_validate_planes.type'             
2 3 'Structure model' '_pdbx_initial_refinement_model.details' 
3 4 'Structure model' '_citation.page_last'                    
4 4 'Structure model' '_citation.pdbx_database_id_PubMed'      
5 4 'Structure model' '_citation.title'                        
# 
_pdbx_database_status.status_code                     REL 
_pdbx_database_status.status_code_sf                  REL 
_pdbx_database_status.status_code_mr                  ? 
_pdbx_database_status.entry_id                        8FDJ 
_pdbx_database_status.recvd_initial_deposition_date   2022-12-03 
_pdbx_database_status.SG_entry                        N 
_pdbx_database_status.deposit_site                    RCSB 
_pdbx_database_status.process_site                    RCSB 
_pdbx_database_status.status_code_cs                  ? 
_pdbx_database_status.status_code_nmr_data            ? 
_pdbx_database_status.methods_development_category    ? 
_pdbx_database_status.pdb_format_compatible           Y 
# 
loop_
_pdbx_contact_author.id 
_pdbx_contact_author.email 
_pdbx_contact_author.name_first 
_pdbx_contact_author.name_last 
_pdbx_contact_author.name_mi 
_pdbx_contact_author.role 
_pdbx_contact_author.identifier_ORCID 
2 grichteraddo@ou.edu George  Richter-Addo B. 'principal investigator/group leader' 0000-0001-9400-0113 
3 lmthomas@ou.edu     Leonard Thomas       M. 'principal investigator/group leader' 0000-0003-3920-0619 
# 
loop_
_audit_author.name 
_audit_author.pdbx_ordinal 
_audit_author.identifier_ORCID 
'Powell, S.M.'       1 0000-0003-2670-0024 
'Wang, B.'           2 ?                   
'Thomas, L.M.'       3 0000-0003-3920-0619 
'Richter-Addo, G.B.' 4 0000-0001-9400-0113 
# 
_citation.abstract                  ? 
_citation.abstract_id_CAS           ? 
_citation.book_id_ISBN              ? 
_citation.book_publisher            ? 
_citation.book_publisher_city       ? 
_citation.book_title                ? 
_citation.coordinate_linkage        ? 
_citation.country                   US 
_citation.database_id_Medline       ? 
_citation.details                   ? 
_citation.id                        primary 
_citation.journal_abbrev            J.Inorg.Biochem. 
_citation.journal_id_ASTM           JIBIDJ 
_citation.journal_id_CSD            0525 
_citation.journal_id_ISSN           0162-0134 
_citation.journal_full              ? 
_citation.journal_issue             ? 
_citation.journal_volume            246 
_citation.language                  ? 
_citation.page_first                112304 
_citation.page_last                 112304 
_citation.title                     
;Crystal structural investigations of heme protein derivatives resulting from reactions of aryl- and alkylhydroxylamines with human hemoglobin.
;
_citation.year                      2023 
_citation.database_id_CSD           ? 
_citation.pdbx_database_id_DOI      10.1016/j.jinorgbio.2023.112304 
_citation.pdbx_database_id_PubMed   37406385 
_citation.pdbx_database_id_patent   ? 
_citation.unpublished_flag          ? 
# 
loop_
_citation_author.citation_id 
_citation_author.name 
_citation_author.ordinal 
_citation_author.identifier_ORCID 
primary 'Powell, S.M.'       1 ? 
primary 'Wang, B.'           2 ? 
primary 'Herrera, V.E.'      3 ? 
primary 'Prather, K.Y.'      4 ? 
primary 'Nguyen, N.T.'       5 ? 
primary 'Abucayon, E.G.'     6 ? 
primary 'Thomas, L.M.'       7 ? 
primary 'Safo, M.K.'         8 ? 
primary 'Richter-Addo, G.B.' 9 ? 
# 
loop_
_entity.id 
_entity.type 
_entity.src_method 
_entity.pdbx_description 
_entity.formula_weight 
_entity.pdbx_number_of_molecules 
_entity.pdbx_ec 
_entity.pdbx_mutation 
_entity.pdbx_fragment 
_entity.details 
1 polymer     man Myoglobin                         17365.164 1  ? D122N ? ? 
2 non-polymer syn 'PROTOPORPHYRIN IX CONTAINING FE' 616.487   1  ? ?     ? ? 
3 non-polymer syn NITROSOBENZENE                    107.110   1  ? ?     ? ? 
4 non-polymer syn 'SULFATE ION'                     96.063    1  ? ?     ? ? 
5 water       nat water                             18.015    29 ? ?     ? ? 
# 
_entity_poly.entity_id                      1 
_entity_poly.type                           'polypeptide(L)' 
_entity_poly.nstd_linkage                   no 
_entity_poly.nstd_monomer                   no 
_entity_poly.pdbx_seq_one_letter_code       
;MVLSEGEWQLVLHVWAKVEADVAGHGQDILIRLFKSHPETLEKFDRFKHLKTEAEMKASEDLKKHGVTVLTALGAILKKK
GHHEAELKPLAQSHATKHKIPIKYLEFISEAIIHVLHSRHPGNFGADAQGAMNKALELFRKDIAAKYKELGYQG
;
_entity_poly.pdbx_seq_one_letter_code_can   
;MVLSEGEWQLVLHVWAKVEADVAGHGQDILIRLFKSHPETLEKFDRFKHLKTEAEMKASEDLKKHGVTVLTALGAILKKK
GHHEAELKPLAQSHATKHKIPIKYLEFISEAIIHVLHSRHPGNFGADAQGAMNKALELFRKDIAAKYKELGYQG
;
_entity_poly.pdbx_strand_id                 A 
_entity_poly.pdbx_target_identifier         ? 
# 
loop_
_pdbx_entity_nonpoly.entity_id 
_pdbx_entity_nonpoly.name 
_pdbx_entity_nonpoly.comp_id 
2 'PROTOPORPHYRIN IX CONTAINING FE' HEM 
3 NITROSOBENZENE                    NBE 
4 'SULFATE ION'                     SO4 
5 water                             HOH 
# 
loop_
_entity_poly_seq.entity_id 
_entity_poly_seq.num 
_entity_poly_seq.mon_id 
_entity_poly_seq.hetero 
1 1   MET n 
1 2   VAL n 
1 3   LEU n 
1 4   SER n 
1 5   GLU n 
1 6   GLY n 
1 7   GLU n 
1 8   TRP n 
1 9   GLN n 
1 10  LEU n 
1 11  VAL n 
1 12  LEU n 
1 13  HIS n 
1 14  VAL n 
1 15  TRP n 
1 16  ALA n 
1 17  LYS n 
1 18  VAL n 
1 19  GLU n 
1 20  ALA n 
1 21  ASP n 
1 22  VAL n 
1 23  ALA n 
1 24  GLY n 
1 25  HIS n 
1 26  GLY n 
1 27  GLN n 
1 28  ASP n 
1 29  ILE n 
1 30  LEU n 
1 31  ILE n 
1 32  ARG n 
1 33  LEU n 
1 34  PHE n 
1 35  LYS n 
1 36  SER n 
1 37  HIS n 
1 38  PRO n 
1 39  GLU n 
1 40  THR n 
1 41  LEU n 
1 42  GLU n 
1 43  LYS n 
1 44  PHE n 
1 45  ASP n 
1 46  ARG n 
1 47  PHE n 
1 48  LYS n 
1 49  HIS n 
1 50  LEU n 
1 51  LYS n 
1 52  THR n 
1 53  GLU n 
1 54  ALA n 
1 55  GLU n 
1 56  MET n 
1 57  LYS n 
1 58  ALA n 
1 59  SER n 
1 60  GLU n 
1 61  ASP n 
1 62  LEU n 
1 63  LYS n 
1 64  LYS n 
1 65  HIS n 
1 66  GLY n 
1 67  VAL n 
1 68  THR n 
1 69  VAL n 
1 70  LEU n 
1 71  THR n 
1 72  ALA n 
1 73  LEU n 
1 74  GLY n 
1 75  ALA n 
1 76  ILE n 
1 77  LEU n 
1 78  LYS n 
1 79  LYS n 
1 80  LYS n 
1 81  GLY n 
1 82  HIS n 
1 83  HIS n 
1 84  GLU n 
1 85  ALA n 
1 86  GLU n 
1 87  LEU n 
1 88  LYS n 
1 89  PRO n 
1 90  LEU n 
1 91  ALA n 
1 92  GLN n 
1 93  SER n 
1 94  HIS n 
1 95  ALA n 
1 96  THR n 
1 97  LYS n 
1 98  HIS n 
1 99  LYS n 
1 100 ILE n 
1 101 PRO n 
1 102 ILE n 
1 103 LYS n 
1 104 TYR n 
1 105 LEU n 
1 106 GLU n 
1 107 PHE n 
1 108 ILE n 
1 109 SER n 
1 110 GLU n 
1 111 ALA n 
1 112 ILE n 
1 113 ILE n 
1 114 HIS n 
1 115 VAL n 
1 116 LEU n 
1 117 HIS n 
1 118 SER n 
1 119 ARG n 
1 120 HIS n 
1 121 PRO n 
1 122 GLY n 
1 123 ASN n 
1 124 PHE n 
1 125 GLY n 
1 126 ALA n 
1 127 ASP n 
1 128 ALA n 
1 129 GLN n 
1 130 GLY n 
1 131 ALA n 
1 132 MET n 
1 133 ASN n 
1 134 LYS n 
1 135 ALA n 
1 136 LEU n 
1 137 GLU n 
1 138 LEU n 
1 139 PHE n 
1 140 ARG n 
1 141 LYS n 
1 142 ASP n 
1 143 ILE n 
1 144 ALA n 
1 145 ALA n 
1 146 LYS n 
1 147 TYR n 
1 148 LYS n 
1 149 GLU n 
1 150 LEU n 
1 151 GLY n 
1 152 TYR n 
1 153 GLN n 
1 154 GLY n 
# 
_entity_src_gen.entity_id                          1 
_entity_src_gen.pdbx_src_id                        1 
_entity_src_gen.pdbx_alt_source_flag               sample 
_entity_src_gen.pdbx_seq_type                      'Biological sequence' 
_entity_src_gen.pdbx_beg_seq_num                   1 
_entity_src_gen.pdbx_end_seq_num                   154 
_entity_src_gen.gene_src_common_name               'sperm whale' 
_entity_src_gen.gene_src_genus                     ? 
_entity_src_gen.pdbx_gene_src_gene                 MB 
_entity_src_gen.gene_src_species                   ? 
_entity_src_gen.gene_src_strain                    ? 
_entity_src_gen.gene_src_tissue                    ? 
_entity_src_gen.gene_src_tissue_fraction           ? 
_entity_src_gen.gene_src_details                   ? 
_entity_src_gen.pdbx_gene_src_fragment             ? 
_entity_src_gen.pdbx_gene_src_scientific_name      'Physeter catodon' 
_entity_src_gen.pdbx_gene_src_ncbi_taxonomy_id     9755 
_entity_src_gen.pdbx_gene_src_variant              ? 
_entity_src_gen.pdbx_gene_src_cell_line            ? 
_entity_src_gen.pdbx_gene_src_atcc                 ? 
_entity_src_gen.pdbx_gene_src_organ                ? 
_entity_src_gen.pdbx_gene_src_organelle            ? 
_entity_src_gen.pdbx_gene_src_cell                 ? 
_entity_src_gen.pdbx_gene_src_cellular_location    ? 
_entity_src_gen.host_org_common_name               ? 
_entity_src_gen.pdbx_host_org_scientific_name      'Escherichia coli BL21(DE3)' 
_entity_src_gen.pdbx_host_org_ncbi_taxonomy_id     469008 
_entity_src_gen.host_org_genus                     ? 
_entity_src_gen.pdbx_host_org_gene                 ? 
_entity_src_gen.pdbx_host_org_organ                ? 
_entity_src_gen.host_org_species                   ? 
_entity_src_gen.pdbx_host_org_tissue               ? 
_entity_src_gen.pdbx_host_org_tissue_fraction      ? 
_entity_src_gen.pdbx_host_org_strain               ? 
_entity_src_gen.pdbx_host_org_variant              ? 
_entity_src_gen.pdbx_host_org_cell_line            ? 
_entity_src_gen.pdbx_host_org_atcc                 ? 
_entity_src_gen.pdbx_host_org_culture_collection   ? 
_entity_src_gen.pdbx_host_org_cell                 ? 
_entity_src_gen.pdbx_host_org_organelle            ? 
_entity_src_gen.pdbx_host_org_cellular_location    ? 
_entity_src_gen.pdbx_host_org_vector_type          ? 
_entity_src_gen.pdbx_host_org_vector               ? 
_entity_src_gen.host_org_details                   ? 
_entity_src_gen.expression_system_id               ? 
_entity_src_gen.plasmid_name                       ? 
_entity_src_gen.plasmid_details                    ? 
_entity_src_gen.pdbx_description                   ? 
# 
loop_
_chem_comp.id 
_chem_comp.type 
_chem_comp.mon_nstd_flag 
_chem_comp.name 
_chem_comp.pdbx_synonyms 
_chem_comp.formula 
_chem_comp.formula_weight 
ALA 'L-peptide linking' y ALANINE                           ?    'C3 H7 N O2'       89.093  
ARG 'L-peptide linking' y ARGININE                          ?    'C6 H15 N4 O2 1'   175.209 
ASN 'L-peptide linking' y ASPARAGINE                        ?    'C4 H8 N2 O3'      132.118 
ASP 'L-peptide linking' y 'ASPARTIC ACID'                   ?    'C4 H7 N O4'       133.103 
GLN 'L-peptide linking' y GLUTAMINE                         ?    'C5 H10 N2 O3'     146.144 
GLU 'L-peptide linking' y 'GLUTAMIC ACID'                   ?    'C5 H9 N O4'       147.129 
GLY 'peptide linking'   y GLYCINE                           ?    'C2 H5 N O2'       75.067  
HEM non-polymer         . 'PROTOPORPHYRIN IX CONTAINING FE' HEME 'C34 H32 Fe N4 O4' 616.487 
HIS 'L-peptide linking' y HISTIDINE                         ?    'C6 H10 N3 O2 1'   156.162 
HOH non-polymer         . WATER                             ?    'H2 O'             18.015  
ILE 'L-peptide linking' y ISOLEUCINE                        ?    'C6 H13 N O2'      131.173 
LEU 'L-peptide linking' y LEUCINE                           ?    'C6 H13 N O2'      131.173 
LYS 'L-peptide linking' y LYSINE                            ?    'C6 H15 N2 O2 1'   147.195 
MET 'L-peptide linking' y METHIONINE                        ?    'C5 H11 N O2 S'    149.211 
NBE non-polymer         . NITROSOBENZENE                    ?    'C6 H5 N O'        107.110 
PHE 'L-peptide linking' y PHENYLALANINE                     ?    'C9 H11 N O2'      165.189 
PRO 'L-peptide linking' y PROLINE                           ?    'C5 H9 N O2'       115.130 
SER 'L-peptide linking' y SERINE                            ?    'C3 H7 N O3'       105.093 
SO4 non-polymer         . 'SULFATE ION'                     ?    'O4 S -2'          96.063  
THR 'L-peptide linking' y THREONINE                         ?    'C4 H9 N O3'       119.119 
TRP 'L-peptide linking' y TRYPTOPHAN                        ?    'C11 H12 N2 O2'    204.225 
TYR 'L-peptide linking' y TYROSINE                          ?    'C9 H11 N O3'      181.189 
VAL 'L-peptide linking' y VALINE                            ?    'C5 H11 N O2'      117.146 
# 
loop_
_pdbx_poly_seq_scheme.asym_id 
_pdbx_poly_seq_scheme.entity_id 
_pdbx_poly_seq_scheme.seq_id 
_pdbx_poly_seq_scheme.mon_id 
_pdbx_poly_seq_scheme.ndb_seq_num 
_pdbx_poly_seq_scheme.pdb_seq_num 
_pdbx_poly_seq_scheme.auth_seq_num 
_pdbx_poly_seq_scheme.pdb_mon_id 
_pdbx_poly_seq_scheme.auth_mon_id 
_pdbx_poly_seq_scheme.pdb_strand_id 
_pdbx_poly_seq_scheme.pdb_ins_code 
_pdbx_poly_seq_scheme.hetero 
A 1 1   MET 1   0   ?   ?   ?   A . n 
A 1 2   VAL 2   1   1   VAL VAL A . n 
A 1 3   LEU 3   2   2   LEU LEU A . n 
A 1 4   SER 4   3   3   SER SER A . n 
A 1 5   GLU 5   4   4   GLU GLU A . n 
A 1 6   GLY 6   5   5   GLY GLY A . n 
A 1 7   GLU 7   6   6   GLU GLU A . n 
A 1 8   TRP 8   7   7   TRP TRP A . n 
A 1 9   GLN 9   8   8   GLN GLN A . n 
A 1 10  LEU 10  9   9   LEU LEU A . n 
A 1 11  VAL 11  10  10  VAL VAL A . n 
A 1 12  LEU 12  11  11  LEU LEU A . n 
A 1 13  HIS 13  12  12  HIS HIS A . n 
A 1 14  VAL 14  13  13  VAL VAL A . n 
A 1 15  TRP 15  14  14  TRP TRP A . n 
A 1 16  ALA 16  15  15  ALA ALA A . n 
A 1 17  LYS 17  16  16  LYS LYS A . n 
A 1 18  VAL 18  17  17  VAL VAL A . n 
A 1 19  GLU 19  18  18  GLU GLU A . n 
A 1 20  ALA 20  19  19  ALA ALA A . n 
A 1 21  ASP 21  20  20  ASP ASP A . n 
A 1 22  VAL 22  21  21  VAL VAL A . n 
A 1 23  ALA 23  22  22  ALA ALA A . n 
A 1 24  GLY 24  23  23  GLY GLY A . n 
A 1 25  HIS 25  24  24  HIS HIS A . n 
A 1 26  GLY 26  25  25  GLY GLY A . n 
A 1 27  GLN 27  26  26  GLN GLN A . n 
A 1 28  ASP 28  27  27  ASP ASP A . n 
A 1 29  ILE 29  28  28  ILE ILE A . n 
A 1 30  LEU 30  29  29  LEU LEU A . n 
A 1 31  ILE 31  30  30  ILE ILE A . n 
A 1 32  ARG 32  31  31  ARG ARG A . n 
A 1 33  LEU 33  32  32  LEU LEU A . n 
A 1 34  PHE 34  33  33  PHE PHE A . n 
A 1 35  LYS 35  34  34  LYS LYS A . n 
A 1 36  SER 36  35  35  SER SER A . n 
A 1 37  HIS 37  36  36  HIS HIS A . n 
A 1 38  PRO 38  37  37  PRO PRO A . n 
A 1 39  GLU 39  38  38  GLU GLU A . n 
A 1 40  THR 40  39  39  THR THR A . n 
A 1 41  LEU 41  40  40  LEU LEU A . n 
A 1 42  GLU 42  41  41  GLU GLU A . n 
A 1 43  LYS 43  42  42  LYS LYS A . n 
A 1 44  PHE 44  43  43  PHE PHE A . n 
A 1 45  ASP 45  44  44  ASP ASP A . n 
A 1 46  ARG 46  45  45  ARG ARG A . n 
A 1 47  PHE 47  46  46  PHE PHE A . n 
A 1 48  LYS 48  47  47  LYS LYS A . n 
A 1 49  HIS 49  48  48  HIS HIS A . n 
A 1 50  LEU 50  49  49  LEU LEU A . n 
A 1 51  LYS 51  50  50  LYS LYS A . n 
A 1 52  THR 52  51  51  THR THR A . n 
A 1 53  GLU 53  52  52  GLU GLU A . n 
A 1 54  ALA 54  53  53  ALA ALA A . n 
A 1 55  GLU 55  54  54  GLU GLU A . n 
A 1 56  MET 56  55  55  MET MET A . n 
A 1 57  LYS 57  56  56  LYS LYS A . n 
A 1 58  ALA 58  57  57  ALA ALA A . n 
A 1 59  SER 59  58  58  SER SER A . n 
A 1 60  GLU 60  59  59  GLU GLU A . n 
A 1 61  ASP 61  60  60  ASP ASP A . n 
A 1 62  LEU 62  61  61  LEU LEU A . n 
A 1 63  LYS 63  62  62  LYS LYS A . n 
A 1 64  LYS 64  63  63  LYS LYS A . n 
A 1 65  HIS 65  64  64  HIS HIS A . n 
A 1 66  GLY 66  65  65  GLY GLY A . n 
A 1 67  VAL 67  66  66  VAL VAL A . n 
A 1 68  THR 68  67  67  THR THR A . n 
A 1 69  VAL 69  68  68  VAL VAL A . n 
A 1 70  LEU 70  69  69  LEU LEU A . n 
A 1 71  THR 71  70  70  THR THR A . n 
A 1 72  ALA 72  71  71  ALA ALA A . n 
A 1 73  LEU 73  72  72  LEU LEU A . n 
A 1 74  GLY 74  73  73  GLY GLY A . n 
A 1 75  ALA 75  74  74  ALA ALA A . n 
A 1 76  ILE 76  75  75  ILE ILE A . n 
A 1 77  LEU 77  76  76  LEU LEU A . n 
A 1 78  LYS 78  77  77  LYS LYS A . n 
A 1 79  LYS 79  78  78  LYS LYS A . n 
A 1 80  LYS 80  79  79  LYS LYS A . n 
A 1 81  GLY 81  80  80  GLY GLY A . n 
A 1 82  HIS 82  81  81  HIS HIS A . n 
A 1 83  HIS 83  82  82  HIS HIS A . n 
A 1 84  GLU 84  83  83  GLU GLU A . n 
A 1 85  ALA 85  84  84  ALA ALA A . n 
A 1 86  GLU 86  85  85  GLU GLU A . n 
A 1 87  LEU 87  86  86  LEU LEU A . n 
A 1 88  LYS 88  87  87  LYS LYS A . n 
A 1 89  PRO 89  88  88  PRO PRO A . n 
A 1 90  LEU 90  89  89  LEU LEU A . n 
A 1 91  ALA 91  90  90  ALA ALA A . n 
A 1 92  GLN 92  91  91  GLN GLN A . n 
A 1 93  SER 93  92  92  SER SER A . n 
A 1 94  HIS 94  93  93  HIS HIS A . n 
A 1 95  ALA 95  94  94  ALA ALA A . n 
A 1 96  THR 96  95  95  THR THR A . n 
A 1 97  LYS 97  96  96  LYS LYS A . n 
A 1 98  HIS 98  97  97  HIS HIS A . n 
A 1 99  LYS 99  98  98  LYS LYS A . n 
A 1 100 ILE 100 99  99  ILE ILE A . n 
A 1 101 PRO 101 100 100 PRO PRO A . n 
A 1 102 ILE 102 101 101 ILE ILE A . n 
A 1 103 LYS 103 102 102 LYS LYS A . n 
A 1 104 TYR 104 103 103 TYR TYR A . n 
A 1 105 LEU 105 104 104 LEU LEU A . n 
A 1 106 GLU 106 105 105 GLU GLU A . n 
A 1 107 PHE 107 106 106 PHE PHE A . n 
A 1 108 ILE 108 107 107 ILE ILE A . n 
A 1 109 SER 109 108 108 SER SER A . n 
A 1 110 GLU 110 109 109 GLU GLU A . n 
A 1 111 ALA 111 110 110 ALA ALA A . n 
A 1 112 ILE 112 111 111 ILE ILE A . n 
A 1 113 ILE 113 112 112 ILE ILE A . n 
A 1 114 HIS 114 113 113 HIS HIS A . n 
A 1 115 VAL 115 114 114 VAL VAL A . n 
A 1 116 LEU 116 115 115 LEU LEU A . n 
A 1 117 HIS 117 116 116 HIS HIS A . n 
A 1 118 SER 118 117 117 SER SER A . n 
A 1 119 ARG 119 118 118 ARG ARG A . n 
A 1 120 HIS 120 119 119 HIS HIS A . n 
A 1 121 PRO 121 120 120 PRO PRO A . n 
A 1 122 GLY 122 121 121 GLY GLY A . n 
A 1 123 ASN 123 122 122 ASN ASN A . n 
A 1 124 PHE 124 123 123 PHE PHE A . n 
A 1 125 GLY 125 124 124 GLY GLY A . n 
A 1 126 ALA 126 125 125 ALA ALA A . n 
A 1 127 ASP 127 126 126 ASP ASP A . n 
A 1 128 ALA 128 127 127 ALA ALA A . n 
A 1 129 GLN 129 128 128 GLN GLN A . n 
A 1 130 GLY 130 129 129 GLY GLY A . n 
A 1 131 ALA 131 130 130 ALA ALA A . n 
A 1 132 MET 132 131 131 MET MET A . n 
A 1 133 ASN 133 132 132 ASN ASN A . n 
A 1 134 LYS 134 133 133 LYS LYS A . n 
A 1 135 ALA 135 134 134 ALA ALA A . n 
A 1 136 LEU 136 135 135 LEU LEU A . n 
A 1 137 GLU 137 136 136 GLU GLU A . n 
A 1 138 LEU 138 137 137 LEU LEU A . n 
A 1 139 PHE 139 138 138 PHE PHE A . n 
A 1 140 ARG 140 139 139 ARG ARG A . n 
A 1 141 LYS 141 140 140 LYS LYS A . n 
A 1 142 ASP 142 141 141 ASP ASP A . n 
A 1 143 ILE 143 142 142 ILE ILE A . n 
A 1 144 ALA 144 143 143 ALA ALA A . n 
A 1 145 ALA 145 144 144 ALA ALA A . n 
A 1 146 LYS 146 145 145 LYS LYS A . n 
A 1 147 TYR 147 146 146 TYR TYR A . n 
A 1 148 LYS 148 147 147 LYS LYS A . n 
A 1 149 GLU 149 148 148 GLU GLU A . n 
A 1 150 LEU 150 149 149 LEU LEU A . n 
A 1 151 GLY 151 150 150 GLY GLY A . n 
A 1 152 TYR 152 151 151 TYR TYR A . n 
A 1 153 GLN 153 152 ?   ?   ?   A . n 
A 1 154 GLY 154 153 ?   ?   ?   A . n 
# 
loop_
_pdbx_nonpoly_scheme.asym_id 
_pdbx_nonpoly_scheme.entity_id 
_pdbx_nonpoly_scheme.mon_id 
_pdbx_nonpoly_scheme.ndb_seq_num 
_pdbx_nonpoly_scheme.pdb_seq_num 
_pdbx_nonpoly_scheme.auth_seq_num 
_pdbx_nonpoly_scheme.pdb_mon_id 
_pdbx_nonpoly_scheme.auth_mon_id 
_pdbx_nonpoly_scheme.pdb_strand_id 
_pdbx_nonpoly_scheme.pdb_ins_code 
B 2 HEM 1  201 201 HEM HEM A . 
C 3 NBE 1  202 202 NBE NBE A . 
D 4 SO4 1  203 203 SO4 SO4 A . 
E 5 HOH 1  301 301 HOH HOH A . 
E 5 HOH 2  302 302 HOH HOH A . 
E 5 HOH 3  303 303 HOH HOH A . 
E 5 HOH 4  304 304 HOH HOH A . 
E 5 HOH 5  305 305 HOH HOH A . 
E 5 HOH 6  306 306 HOH HOH A . 
E 5 HOH 7  307 307 HOH HOH A . 
E 5 HOH 8  308 308 HOH HOH A . 
E 5 HOH 9  309 309 HOH HOH A . 
E 5 HOH 10 310 310 HOH HOH A . 
E 5 HOH 11 311 311 HOH HOH A . 
E 5 HOH 12 312 312 HOH HOH A . 
E 5 HOH 13 313 313 HOH HOH A . 
E 5 HOH 14 314 314 HOH HOH A . 
E 5 HOH 15 315 315 HOH HOH A . 
E 5 HOH 16 316 316 HOH HOH A . 
E 5 HOH 17 317 317 HOH HOH A . 
E 5 HOH 18 318 318 HOH HOH A . 
E 5 HOH 19 319 319 HOH HOH A . 
E 5 HOH 20 320 320 HOH HOH A . 
E 5 HOH 21 321 321 HOH HOH A . 
E 5 HOH 22 322 322 HOH HOH A . 
E 5 HOH 23 323 323 HOH HOH A . 
E 5 HOH 24 324 324 HOH HOH A . 
E 5 HOH 25 325 325 HOH HOH A . 
E 5 HOH 26 326 326 HOH HOH A . 
E 5 HOH 27 327 327 HOH HOH A . 
E 5 HOH 28 328 328 HOH HOH A . 
E 5 HOH 29 329 329 HOH HOH A . 
# 
loop_
_software.citation_id 
_software.classification 
_software.compiler_name 
_software.compiler_version 
_software.contact_author 
_software.contact_author_email 
_software.date 
_software.description 
_software.dependencies 
_software.hardware 
_software.language 
_software.location 
_software.mods 
_software.name 
_software.os 
_software.os_version 
_software.type 
_software.version 
_software.pdbx_ordinal 
? refinement        ? ? ? ? ? ? ? ? ? ? ? REFMAC   ? ? ? 5.8.0222 1 
? 'data collection' ? ? ? ? ? ? ? ? ? ? ? HKL-3000 ? ? ? .        2 
? 'data reduction'  ? ? ? ? ? ? ? ? ? ? ? HKL-3000 ? ? ? .        3 
? 'data scaling'    ? ? ? ? ? ? ? ? ? ? ? HKL-3000 ? ? ? .        4 
? phasing           ? ? ? ? ? ? ? ? ? ? ? PHASER   ? ? ? .        5 
# 
_cell.angle_alpha                  90.00 
_cell.angle_alpha_esd              ? 
_cell.angle_beta                   104.55 
_cell.angle_beta_esd               ? 
_cell.angle_gamma                  90.00 
_cell.angle_gamma_esd              ? 
_cell.entry_id                     8FDJ 
_cell.details                      ? 
_cell.formula_units_Z              ? 
_cell.length_a                     34.529 
_cell.length_a_esd                 ? 
_cell.length_b                     30.049 
_cell.length_b_esd                 ? 
_cell.length_c                     64.622 
_cell.length_c_esd                 ? 
_cell.volume                       ? 
_cell.volume_esd                   ? 
_cell.Z_PDB                        2 
_cell.reciprocal_angle_alpha       ? 
_cell.reciprocal_angle_beta        ? 
_cell.reciprocal_angle_gamma       ? 
_cell.reciprocal_angle_alpha_esd   ? 
_cell.reciprocal_angle_beta_esd    ? 
_cell.reciprocal_angle_gamma_esd   ? 
_cell.reciprocal_length_a          ? 
_cell.reciprocal_length_b          ? 
_cell.reciprocal_length_c          ? 
_cell.reciprocal_length_a_esd      ? 
_cell.reciprocal_length_b_esd      ? 
_cell.reciprocal_length_c_esd      ? 
_cell.pdbx_unique_axis             ? 
_cell.pdbx_esd_method              ? 
# 
_symmetry.entry_id                         8FDJ 
_symmetry.cell_setting                     ? 
_symmetry.Int_Tables_number                4 
_symmetry.space_group_name_Hall            ? 
_symmetry.space_group_name_H-M             'P 1 21 1' 
_symmetry.pdbx_full_space_group_name_H-M   ? 
# 
_exptl.absorpt_coefficient_mu     ? 
_exptl.absorpt_correction_T_max   ? 
_exptl.absorpt_correction_T_min   ? 
_exptl.absorpt_correction_type    ? 
_exptl.absorpt_process_details    ? 
_exptl.entry_id                   8FDJ 
_exptl.crystals_number            1 
_exptl.details                    ? 
_exptl.method                     'X-RAY DIFFRACTION' 
_exptl.method_details             ? 
# 
_exptl_crystal.colour                       ? 
_exptl_crystal.density_diffrn               ? 
_exptl_crystal.density_Matthews             1.87 
_exptl_crystal.density_method               ? 
_exptl_crystal.density_percent_sol          34.18 
_exptl_crystal.description                  ? 
_exptl_crystal.F_000                        ? 
_exptl_crystal.id                           1 
_exptl_crystal.preparation                  ? 
_exptl_crystal.size_max                     ? 
_exptl_crystal.size_mid                     ? 
_exptl_crystal.size_min                     ? 
_exptl_crystal.size_rad                     ? 
_exptl_crystal.colour_lustre                ? 
_exptl_crystal.colour_modifier              ? 
_exptl_crystal.colour_primary               ? 
_exptl_crystal.density_meas                 ? 
_exptl_crystal.density_meas_esd             ? 
_exptl_crystal.density_meas_gt              ? 
_exptl_crystal.density_meas_lt              ? 
_exptl_crystal.density_meas_temp            ? 
_exptl_crystal.density_meas_temp_esd        ? 
_exptl_crystal.density_meas_temp_gt         ? 
_exptl_crystal.density_meas_temp_lt         ? 
_exptl_crystal.pdbx_crystal_image_url       ? 
_exptl_crystal.pdbx_crystal_image_format    ? 
_exptl_crystal.pdbx_mosaicity               ? 
_exptl_crystal.pdbx_mosaicity_esd           ? 
_exptl_crystal.pdbx_mosaic_method           ? 
_exptl_crystal.pdbx_mosaic_block_size       ? 
_exptl_crystal.pdbx_mosaic_block_size_esd   ? 
# 
_exptl_crystal_grow.apparatus       ? 
_exptl_crystal_grow.atmosphere      ? 
_exptl_crystal_grow.crystal_id      1 
_exptl_crystal_grow.details         ? 
_exptl_crystal_grow.method          'VAPOR DIFFUSION, HANGING DROP' 
_exptl_crystal_grow.method_ref      ? 
_exptl_crystal_grow.pH              7.4 
_exptl_crystal_grow.pressure        ? 
_exptl_crystal_grow.pressure_esd    ? 
_exptl_crystal_grow.seeding         ? 
_exptl_crystal_grow.seeding_ref     ? 
_exptl_crystal_grow.temp_details    ? 
_exptl_crystal_grow.temp_esd        ? 
_exptl_crystal_grow.time            ? 
_exptl_crystal_grow.pdbx_details    '2.56 M ammonium sulfate, 100 mM Tris-HCl, 1 mM EDTA' 
_exptl_crystal_grow.pdbx_pH_range   ? 
_exptl_crystal_grow.temp            298.0 
# 
_diffrn.ambient_environment              ? 
_diffrn.ambient_temp                     100 
_diffrn.ambient_temp_details             ? 
_diffrn.ambient_temp_esd                 ? 
_diffrn.crystal_id                       1 
_diffrn.crystal_support                  ? 
_diffrn.crystal_treatment                ? 
_diffrn.details                          ? 
_diffrn.id                               1 
_diffrn.ambient_pressure                 ? 
_diffrn.ambient_pressure_esd             ? 
_diffrn.ambient_pressure_gt              ? 
_diffrn.ambient_pressure_lt              ? 
_diffrn.ambient_temp_gt                  ? 
_diffrn.ambient_temp_lt                  ? 
_diffrn.pdbx_serial_crystal_experiment   N 
# 
_diffrn_detector.details                      ? 
_diffrn_detector.detector                     PIXEL 
_diffrn_detector.diffrn_id                    1 
_diffrn_detector.type                         'DECTRIS PILATUS 300K' 
_diffrn_detector.area_resol_mean              ? 
_diffrn_detector.dtime                        ? 
_diffrn_detector.pdbx_frames_total            ? 
_diffrn_detector.pdbx_collection_time_total   ? 
_diffrn_detector.pdbx_collection_date         2014-11-21 
_diffrn_detector.pdbx_frequency               ? 
# 
_diffrn_radiation.collimation                      ? 
_diffrn_radiation.diffrn_id                        1 
_diffrn_radiation.filter_edge                      ? 
_diffrn_radiation.inhomogeneity                    ? 
_diffrn_radiation.monochromator                    ? 
_diffrn_radiation.polarisn_norm                    ? 
_diffrn_radiation.polarisn_ratio                   ? 
_diffrn_radiation.probe                            ? 
_diffrn_radiation.type                             ? 
_diffrn_radiation.xray_symbol                      ? 
_diffrn_radiation.wavelength_id                    1 
_diffrn_radiation.pdbx_monochromatic_or_laue_m_l   M 
_diffrn_radiation.pdbx_wavelength_list             ? 
_diffrn_radiation.pdbx_wavelength                  ? 
_diffrn_radiation.pdbx_diffrn_protocol             'SINGLE WAVELENGTH' 
_diffrn_radiation.pdbx_analyzer                    ? 
_diffrn_radiation.pdbx_scattering_type             x-ray 
# 
_diffrn_radiation_wavelength.id           1 
_diffrn_radiation_wavelength.wavelength   1.5418 
_diffrn_radiation_wavelength.wt           1.0 
# 
_diffrn_source.current                     ? 
_diffrn_source.details                     ? 
_diffrn_source.diffrn_id                   1 
_diffrn_source.power                       ? 
_diffrn_source.size                        ? 
_diffrn_source.source                      'ROTATING ANODE' 
_diffrn_source.target                      ? 
_diffrn_source.type                        'RIGAKU MICROMAX-007 HF' 
_diffrn_source.voltage                     ? 
_diffrn_source.take-off_angle              ? 
_diffrn_source.pdbx_wavelength_list        1.5418 
_diffrn_source.pdbx_wavelength             ? 
_diffrn_source.pdbx_synchrotron_beamline   ? 
_diffrn_source.pdbx_synchrotron_site       ? 
# 
_reflns.B_iso_Wilson_estimate                          ? 
_reflns.entry_id                                       8FDJ 
_reflns.data_reduction_details                         ? 
_reflns.data_reduction_method                          ? 
_reflns.d_resolution_high                              1.75 
_reflns.d_resolution_low                               50.00 
_reflns.details                                        ? 
_reflns.limit_h_max                                    ? 
_reflns.limit_h_min                                    ? 
_reflns.limit_k_max                                    ? 
_reflns.limit_k_min                                    ? 
_reflns.limit_l_max                                    ? 
_reflns.limit_l_min                                    ? 
_reflns.number_all                                     ? 
_reflns.number_obs                                     13162 
_reflns.observed_criterion                             ? 
_reflns.observed_criterion_F_max                       ? 
_reflns.observed_criterion_F_min                       ? 
_reflns.observed_criterion_I_max                       ? 
_reflns.observed_criterion_I_min                       ? 
_reflns.observed_criterion_sigma_F                     ? 
_reflns.observed_criterion_sigma_I                     ? 
_reflns.percent_possible_obs                           99.7 
_reflns.R_free_details                                 ? 
_reflns.Rmerge_F_all                                   ? 
_reflns.Rmerge_F_obs                                   ? 
_reflns.Friedel_coverage                               ? 
_reflns.number_gt                                      ? 
_reflns.threshold_expression                           ? 
_reflns.pdbx_redundancy                                3.1 
_reflns.pdbx_netI_over_av_sigmaI                       ? 
_reflns.pdbx_netI_over_sigmaI                          29.1 
_reflns.pdbx_res_netI_over_av_sigmaI_2                 ? 
_reflns.pdbx_res_netI_over_sigmaI_2                    ? 
_reflns.pdbx_chi_squared                               ? 
_reflns.pdbx_scaling_rejects                           ? 
_reflns.pdbx_d_res_high_opt                            ? 
_reflns.pdbx_d_res_low_opt                             ? 
_reflns.pdbx_d_res_opt_method                          ? 
_reflns.phase_calculation_details                      ? 
_reflns.pdbx_Rrim_I_all                                ? 
_reflns.pdbx_Rpim_I_all                                ? 
_reflns.pdbx_d_opt                                     ? 
_reflns.pdbx_number_measured_all                       ? 
_reflns.pdbx_diffrn_id                                 1 
_reflns.pdbx_ordinal                                   1 
_reflns.pdbx_CC_half                                   0.900 
_reflns.pdbx_CC_star                                   ? 
_reflns.pdbx_R_split                                   ? 
_reflns.pdbx_Rmerge_I_obs                              0.036 
_reflns.pdbx_Rmerge_I_all                              ? 
_reflns.pdbx_Rsym_value                                ? 
_reflns.pdbx_CC_split_method                           ? 
_reflns.pdbx_aniso_diffraction_limit_axis_1_ortho[1]   ? 
_reflns.pdbx_aniso_diffraction_limit_axis_1_ortho[2]   ? 
_reflns.pdbx_aniso_diffraction_limit_axis_1_ortho[3]   ? 
_reflns.pdbx_aniso_diffraction_limit_axis_2_ortho[1]   ? 
_reflns.pdbx_aniso_diffraction_limit_axis_2_ortho[2]   ? 
_reflns.pdbx_aniso_diffraction_limit_axis_2_ortho[3]   ? 
_reflns.pdbx_aniso_diffraction_limit_axis_3_ortho[1]   ? 
_reflns.pdbx_aniso_diffraction_limit_axis_3_ortho[2]   ? 
_reflns.pdbx_aniso_diffraction_limit_axis_3_ortho[3]   ? 
_reflns.pdbx_aniso_diffraction_limit_1                 ? 
_reflns.pdbx_aniso_diffraction_limit_2                 ? 
_reflns.pdbx_aniso_diffraction_limit_3                 ? 
_reflns.pdbx_aniso_B_tensor_eigenvector_1_ortho[1]     ? 
_reflns.pdbx_aniso_B_tensor_eigenvector_1_ortho[2]     ? 
_reflns.pdbx_aniso_B_tensor_eigenvector_1_ortho[3]     ? 
_reflns.pdbx_aniso_B_tensor_eigenvector_2_ortho[1]     ? 
_reflns.pdbx_aniso_B_tensor_eigenvector_2_ortho[2]     ? 
_reflns.pdbx_aniso_B_tensor_eigenvector_2_ortho[3]     ? 
_reflns.pdbx_aniso_B_tensor_eigenvector_3_ortho[1]     ? 
_reflns.pdbx_aniso_B_tensor_eigenvector_3_ortho[2]     ? 
_reflns.pdbx_aniso_B_tensor_eigenvector_3_ortho[3]     ? 
_reflns.pdbx_aniso_B_tensor_eigenvalue_1               ? 
_reflns.pdbx_aniso_B_tensor_eigenvalue_2               ? 
_reflns.pdbx_aniso_B_tensor_eigenvalue_3               ? 
_reflns.pdbx_orthogonalization_convention              ? 
_reflns.pdbx_percent_possible_ellipsoidal              ? 
_reflns.pdbx_percent_possible_spherical                ? 
_reflns.pdbx_percent_possible_ellipsoidal_anomalous    ? 
_reflns.pdbx_percent_possible_spherical_anomalous      ? 
_reflns.pdbx_redundancy_anomalous                      ? 
_reflns.pdbx_CC_half_anomalous                         ? 
_reflns.pdbx_absDiff_over_sigma_anomalous              ? 
_reflns.pdbx_percent_possible_anomalous                ? 
_reflns.pdbx_observed_signal_threshold                 ? 
_reflns.pdbx_signal_type                               ? 
_reflns.pdbx_signal_details                            ? 
_reflns.pdbx_signal_software_id                        ? 
# 
_reflns_shell.d_res_high                                    1.75 
_reflns_shell.d_res_low                                     1.78 
_reflns_shell.meanI_over_sigI_all                           ? 
_reflns_shell.meanI_over_sigI_obs                           ? 
_reflns_shell.number_measured_all                           ? 
_reflns_shell.number_measured_obs                           ? 
_reflns_shell.number_possible                               ? 
_reflns_shell.number_unique_all                             ? 
_reflns_shell.number_unique_obs                             632 
_reflns_shell.percent_possible_obs                          ? 
_reflns_shell.Rmerge_F_all                                  ? 
_reflns_shell.Rmerge_F_obs                                  ? 
_reflns_shell.meanI_over_sigI_gt                            ? 
_reflns_shell.meanI_over_uI_all                             ? 
_reflns_shell.meanI_over_uI_gt                              ? 
_reflns_shell.number_measured_gt                            ? 
_reflns_shell.number_unique_gt                              ? 
_reflns_shell.percent_possible_gt                           ? 
_reflns_shell.Rmerge_F_gt                                   ? 
_reflns_shell.Rmerge_I_gt                                   ? 
_reflns_shell.pdbx_redundancy                               ? 
_reflns_shell.pdbx_chi_squared                              ? 
_reflns_shell.pdbx_netI_over_sigmaI_all                     ? 
_reflns_shell.pdbx_netI_over_sigmaI_obs                     ? 
_reflns_shell.pdbx_Rrim_I_all                               ? 
_reflns_shell.pdbx_Rpim_I_all                               ? 
_reflns_shell.pdbx_rejects                                  ? 
_reflns_shell.pdbx_ordinal                                  1 
_reflns_shell.pdbx_diffrn_id                                1 
_reflns_shell.pdbx_CC_half                                  0.900 
_reflns_shell.pdbx_CC_star                                  ? 
_reflns_shell.pdbx_R_split                                  ? 
_reflns_shell.percent_possible_all                          ? 
_reflns_shell.Rmerge_I_all                                  ? 
_reflns_shell.Rmerge_I_obs                                  0.347 
_reflns_shell.pdbx_Rsym_value                               ? 
_reflns_shell.pdbx_percent_possible_ellipsoidal             ? 
_reflns_shell.pdbx_percent_possible_spherical               ? 
_reflns_shell.pdbx_percent_possible_ellipsoidal_anomalous   ? 
_reflns_shell.pdbx_percent_possible_spherical_anomalous     ? 
_reflns_shell.pdbx_redundancy_anomalous                     ? 
_reflns_shell.pdbx_CC_half_anomalous                        ? 
_reflns_shell.pdbx_absDiff_over_sigma_anomalous             ? 
_reflns_shell.pdbx_percent_possible_anomalous               ? 
# 
_refine.aniso_B[1][1]                            -0.20 
_refine.aniso_B[1][2]                            0.00 
_refine.aniso_B[1][3]                            0.05 
_refine.aniso_B[2][2]                            0.16 
_refine.aniso_B[2][3]                            0.00 
_refine.aniso_B[3][3]                            0.01 
_refine.B_iso_max                                ? 
_refine.B_iso_mean                               21.128 
_refine.B_iso_min                                ? 
_refine.correlation_coeff_Fo_to_Fc               0.938 
_refine.correlation_coeff_Fo_to_Fc_free          0.926 
_refine.details                                  'HYDROGENS HAVE BEEN ADDED IN THE RIDING POSITIONS' 
_refine.diff_density_max                         ? 
_refine.diff_density_max_esd                     ? 
_refine.diff_density_min                         ? 
_refine.diff_density_min_esd                     ? 
_refine.diff_density_rms                         ? 
_refine.diff_density_rms_esd                     ? 
_refine.entry_id                                 8FDJ 
_refine.pdbx_refine_id                           'X-RAY DIFFRACTION' 
_refine.ls_abs_structure_details                 ? 
_refine.ls_abs_structure_Flack                   ? 
_refine.ls_abs_structure_Flack_esd               ? 
_refine.ls_abs_structure_Rogers                  ? 
_refine.ls_abs_structure_Rogers_esd              ? 
_refine.ls_d_res_high                            1.75 
_refine.ls_d_res_low                             33.44 
_refine.ls_extinction_coef                       ? 
_refine.ls_extinction_coef_esd                   ? 
_refine.ls_extinction_expression                 ? 
_refine.ls_extinction_method                     ? 
_refine.ls_goodness_of_fit_all                   ? 
_refine.ls_goodness_of_fit_all_esd               ? 
_refine.ls_goodness_of_fit_obs                   ? 
_refine.ls_goodness_of_fit_obs_esd               ? 
_refine.ls_hydrogen_treatment                    ? 
_refine.ls_matrix_type                           ? 
_refine.ls_number_constraints                    ? 
_refine.ls_number_parameters                     ? 
_refine.ls_number_reflns_all                     ? 
_refine.ls_number_reflns_obs                     12365 
_refine.ls_number_reflns_R_free                  590 
_refine.ls_number_reflns_R_work                  ? 
_refine.ls_number_restraints                     ? 
_refine.ls_percent_reflns_obs                    98.11 
_refine.ls_percent_reflns_R_free                 4.6 
_refine.ls_R_factor_all                          ? 
_refine.ls_R_factor_obs                          0.23098 
_refine.ls_R_factor_R_free                       0.27612 
_refine.ls_R_factor_R_free_error                 ? 
_refine.ls_R_factor_R_free_error_details         ? 
_refine.ls_R_factor_R_work                       0.22875 
_refine.ls_R_Fsqd_factor_obs                     ? 
_refine.ls_R_I_factor_obs                        ? 
_refine.ls_redundancy_reflns_all                 ? 
_refine.ls_redundancy_reflns_obs                 ? 
_refine.ls_restrained_S_all                      ? 
_refine.ls_restrained_S_obs                      ? 
_refine.ls_shift_over_esd_max                    ? 
_refine.ls_shift_over_esd_mean                   ? 
_refine.ls_structure_factor_coef                 ? 
_refine.ls_weighting_details                     ? 
_refine.ls_weighting_scheme                      ? 
_refine.ls_wR_factor_all                         ? 
_refine.ls_wR_factor_obs                         ? 
_refine.ls_wR_factor_R_free                      ? 
_refine.ls_wR_factor_R_work                      ? 
_refine.occupancy_max                            ? 
_refine.occupancy_min                            ? 
_refine.solvent_model_details                    ? 
_refine.solvent_model_param_bsol                 ? 
_refine.solvent_model_param_ksol                 ? 
_refine.pdbx_R_complete                          ? 
_refine.ls_R_factor_gt                           ? 
_refine.ls_goodness_of_fit_gt                    ? 
_refine.ls_goodness_of_fit_ref                   ? 
_refine.ls_shift_over_su_max                     ? 
_refine.ls_shift_over_su_max_lt                  ? 
_refine.ls_shift_over_su_mean                    ? 
_refine.ls_shift_over_su_mean_lt                 ? 
_refine.pdbx_ls_sigma_I                          ? 
_refine.pdbx_ls_sigma_F                          ? 
_refine.pdbx_ls_sigma_Fsqd                       ? 
_refine.pdbx_data_cutoff_high_absF               ? 
_refine.pdbx_data_cutoff_high_rms_absF           ? 
_refine.pdbx_data_cutoff_low_absF                ? 
_refine.pdbx_isotropic_thermal_model             ? 
_refine.pdbx_ls_cross_valid_method               THROUGHOUT 
_refine.pdbx_method_to_determine_struct          'MOLECULAR REPLACEMENT' 
_refine.pdbx_starting_model                      'PDB entry 2MBW' 
_refine.pdbx_stereochemistry_target_values       ? 
_refine.pdbx_R_Free_selection_details            RANDOM 
_refine.pdbx_stereochem_target_val_spec_case     ? 
_refine.pdbx_overall_ESU_R                       0.173 
_refine.pdbx_overall_ESU_R_Free                  0.160 
_refine.pdbx_solvent_vdw_probe_radii             1.20 
_refine.pdbx_solvent_ion_probe_radii             0.80 
_refine.pdbx_solvent_shrinkage_radii             0.80 
_refine.pdbx_real_space_R                        ? 
_refine.pdbx_density_correlation                 ? 
_refine.pdbx_pd_number_of_powder_patterns        ? 
_refine.pdbx_pd_number_of_points                 ? 
_refine.pdbx_pd_meas_number_of_points            ? 
_refine.pdbx_pd_proc_ls_prof_R_factor            ? 
_refine.pdbx_pd_proc_ls_prof_wR_factor           ? 
_refine.pdbx_pd_Marquardt_correlation_coeff      ? 
_refine.pdbx_pd_Fsqrd_R_factor                   ? 
_refine.pdbx_pd_ls_matrix_band_width             ? 
_refine.pdbx_overall_phase_error                 ? 
_refine.pdbx_overall_SU_R_free_Cruickshank_DPI   ? 
_refine.pdbx_overall_SU_R_free_Blow_DPI          ? 
_refine.pdbx_overall_SU_R_Blow_DPI               ? 
_refine.pdbx_TLS_residual_ADP_flag               ? 
_refine.pdbx_diffrn_id                           1 
_refine.overall_SU_B                             3.695 
_refine.overall_SU_ML                            0.118 
_refine.overall_SU_R_Cruickshank_DPI             ? 
_refine.overall_SU_R_free                        ? 
_refine.overall_FOM_free_R_set                   ? 
_refine.overall_FOM_work_R_set                   ? 
_refine.pdbx_average_fsc_overall                 ? 
_refine.pdbx_average_fsc_work                    ? 
_refine.pdbx_average_fsc_free                    ? 
# 
_refine_hist.pdbx_refine_id                   'X-RAY DIFFRACTION' 
_refine_hist.cycle_id                         1 
_refine_hist.details                          ? 
_refine_hist.d_res_high                       1.75 
_refine_hist.d_res_low                        33.44 
_refine_hist.number_atoms_solvent             29 
_refine_hist.number_atoms_total               1288 
_refine_hist.number_reflns_all                ? 
_refine_hist.number_reflns_obs                ? 
_refine_hist.number_reflns_R_free             ? 
_refine_hist.number_reflns_R_work             ? 
_refine_hist.R_factor_all                     ? 
_refine_hist.R_factor_obs                     ? 
_refine_hist.R_factor_R_free                  ? 
_refine_hist.R_factor_R_work                  ? 
_refine_hist.pdbx_number_residues_total       ? 
_refine_hist.pdbx_B_iso_mean_ligand           ? 
_refine_hist.pdbx_B_iso_mean_solvent          ? 
_refine_hist.pdbx_number_atoms_protein        1203 
_refine_hist.pdbx_number_atoms_nucleic_acid   0 
_refine_hist.pdbx_number_atoms_ligand         56 
_refine_hist.pdbx_number_atoms_lipid          ? 
_refine_hist.pdbx_number_atoms_carb           ? 
_refine_hist.pdbx_pseudo_atom_details         ? 
# 
loop_
_refine_ls_restr.pdbx_refine_id 
_refine_ls_restr.criterion 
_refine_ls_restr.dev_ideal 
_refine_ls_restr.dev_ideal_target 
_refine_ls_restr.number 
_refine_ls_restr.rejects 
_refine_ls_restr.type 
_refine_ls_restr.weight 
_refine_ls_restr.pdbx_restraint_function 
'X-RAY DIFFRACTION' ? 0.012  0.015  1293 ? r_bond_refined_d             ? ? 
'X-RAY DIFFRACTION' ? 0.001  0.017  1214 ? r_bond_other_d               ? ? 
'X-RAY DIFFRACTION' ? 1.578  1.715  1751 ? r_angle_refined_deg          ? ? 
'X-RAY DIFFRACTION' ? 1.019  1.680  2825 ? r_angle_other_deg            ? ? 
'X-RAY DIFFRACTION' ? 5.938  5.000  150  ? r_dihedral_angle_1_deg       ? ? 
'X-RAY DIFFRACTION' ? 32.369 23.158 57   ? r_dihedral_angle_2_deg       ? ? 
'X-RAY DIFFRACTION' ? 14.649 15.000 234  ? r_dihedral_angle_3_deg       ? ? 
'X-RAY DIFFRACTION' ? 17.871 15.000 4    ? r_dihedral_angle_4_deg       ? ? 
'X-RAY DIFFRACTION' ? 0.081  0.200  156  ? r_chiral_restr               ? ? 
'X-RAY DIFFRACTION' ? 0.010  0.020  1415 ? r_gen_planes_refined         ? ? 
'X-RAY DIFFRACTION' ? 0.007  0.020  253  ? r_gen_planes_other           ? ? 
'X-RAY DIFFRACTION' ? ?      ?      ?    ? r_nbd_refined                ? ? 
'X-RAY DIFFRACTION' ? ?      ?      ?    ? r_nbd_other                  ? ? 
'X-RAY DIFFRACTION' ? ?      ?      ?    ? r_nbtor_refined              ? ? 
'X-RAY DIFFRACTION' ? ?      ?      ?    ? r_nbtor_other                ? ? 
'X-RAY DIFFRACTION' ? ?      ?      ?    ? r_xyhbond_nbd_refined        ? ? 
'X-RAY DIFFRACTION' ? ?      ?      ?    ? r_xyhbond_nbd_other          ? ? 
'X-RAY DIFFRACTION' ? ?      ?      ?    ? r_metal_ion_refined          ? ? 
'X-RAY DIFFRACTION' ? ?      ?      ?    ? r_metal_ion_other            ? ? 
'X-RAY DIFFRACTION' ? ?      ?      ?    ? r_symmetry_vdw_refined       ? ? 
'X-RAY DIFFRACTION' ? ?      ?      ?    ? r_symmetry_vdw_other         ? ? 
'X-RAY DIFFRACTION' ? ?      ?      ?    ? r_symmetry_hbond_refined     ? ? 
'X-RAY DIFFRACTION' ? ?      ?      ?    ? r_symmetry_hbond_other       ? ? 
'X-RAY DIFFRACTION' ? ?      ?      ?    ? r_symmetry_metal_ion_refined ? ? 
'X-RAY DIFFRACTION' ? ?      ?      ?    ? r_symmetry_metal_ion_other   ? ? 
'X-RAY DIFFRACTION' ? 1.702  1.940  604  ? r_mcbond_it                  ? ? 
'X-RAY DIFFRACTION' ? 1.674  1.937  602  ? r_mcbond_other               ? ? 
'X-RAY DIFFRACTION' ? 2.389  2.901  752  ? r_mcangle_it                 ? ? 
'X-RAY DIFFRACTION' ? 2.388  2.903  753  ? r_mcangle_other              ? ? 
'X-RAY DIFFRACTION' ? 2.308  2.279  689  ? r_scbond_it                  ? ? 
'X-RAY DIFFRACTION' ? 2.311  2.285  686  ? r_scbond_other               ? ? 
'X-RAY DIFFRACTION' ? ?      ?      ?    ? r_scangle_it                 ? ? 
'X-RAY DIFFRACTION' ? 3.587  3.309  994  ? r_scangle_other              ? ? 
'X-RAY DIFFRACTION' ? 4.442  23.495 1530 ? r_long_range_B_refined       ? ? 
'X-RAY DIFFRACTION' ? 4.437  23.483 1528 ? r_long_range_B_other         ? ? 
'X-RAY DIFFRACTION' ? ?      ?      ?    ? r_rigid_bond_restr           ? ? 
'X-RAY DIFFRACTION' ? ?      ?      ?    ? r_sphericity_free            ? ? 
'X-RAY DIFFRACTION' ? ?      ?      ?    ? r_sphericity_bonded          ? ? 
# 
_refine_ls_shell.pdbx_refine_id                   'X-RAY DIFFRACTION' 
_refine_ls_shell.d_res_high                       1.75 
_refine_ls_shell.d_res_low                        1.796 
_refine_ls_shell.number_reflns_all                ? 
_refine_ls_shell.number_reflns_obs                ? 
_refine_ls_shell.number_reflns_R_free             51 
_refine_ls_shell.number_reflns_R_work             765 
_refine_ls_shell.percent_reflns_obs               85.99 
_refine_ls_shell.percent_reflns_R_free            ? 
_refine_ls_shell.R_factor_all                     ? 
_refine_ls_shell.R_factor_obs                     ? 
_refine_ls_shell.R_factor_R_free_error            ? 
_refine_ls_shell.R_factor_R_work                  0.312 
_refine_ls_shell.redundancy_reflns_all            ? 
_refine_ls_shell.redundancy_reflns_obs            ? 
_refine_ls_shell.wR_factor_all                    ? 
_refine_ls_shell.wR_factor_obs                    ? 
_refine_ls_shell.wR_factor_R_free                 ? 
_refine_ls_shell.wR_factor_R_work                 ? 
_refine_ls_shell.pdbx_R_complete                  ? 
_refine_ls_shell.pdbx_total_number_of_bins_used   20 
_refine_ls_shell.pdbx_phase_error                 ? 
_refine_ls_shell.pdbx_fsc_work                    ? 
_refine_ls_shell.pdbx_fsc_free                    ? 
_refine_ls_shell.R_factor_R_free                  0.393 
# 
_struct.entry_id                     8FDJ 
_struct.title                        'Wild-Type Sperm Whale Myoglobin in Complex with Nitrosobenzene' 
_struct.pdbx_model_details           ? 
_struct.pdbx_formula_weight          ? 
_struct.pdbx_formula_weight_method   ? 
_struct.pdbx_model_type_details      ? 
_struct.pdbx_CASP_flag               N 
# 
_struct_keywords.entry_id        8FDJ 
_struct_keywords.text            'myoglobin, nitrosobenzene, iron, oxygen storage' 
_struct_keywords.pdbx_keywords   'OXYGEN STORAGE' 
# 
loop_
_struct_asym.id 
_struct_asym.pdbx_blank_PDB_chainid_flag 
_struct_asym.pdbx_modified 
_struct_asym.entity_id 
_struct_asym.details 
A N N 1 ? 
B N N 2 ? 
C N N 3 ? 
D N N 4 ? 
E N N 5 ? 
# 
_struct_ref.id                         1 
_struct_ref.db_name                    UNP 
_struct_ref.db_code                    MYG_PHYCD 
_struct_ref.pdbx_db_accession          P02185 
_struct_ref.pdbx_db_isoform            ? 
_struct_ref.entity_id                  1 
_struct_ref.pdbx_seq_one_letter_code   
;MVLSEGEWQLVLHVWAKVEADVAGHGQDILIRLFKSHPETLEKFDRFKHLKTEAEMKASEDLKKHGVTVLTALGAILKKK
GHHEAELKPLAQSHATKHKIPIKYLEFISEAIIHVLHSRHPGDFGADAQGAMNKALELFRKDIAAKYKELGYQG
;
_struct_ref.pdbx_align_begin           1 
# 
_struct_ref_seq.align_id                      1 
_struct_ref_seq.ref_id                        1 
_struct_ref_seq.pdbx_PDB_id_code              8FDJ 
_struct_ref_seq.pdbx_strand_id                A 
_struct_ref_seq.seq_align_beg                 1 
_struct_ref_seq.pdbx_seq_align_beg_ins_code   ? 
_struct_ref_seq.seq_align_end                 154 
_struct_ref_seq.pdbx_seq_align_end_ins_code   ? 
_struct_ref_seq.pdbx_db_accession             P02185 
_struct_ref_seq.db_align_beg                  1 
_struct_ref_seq.pdbx_db_align_beg_ins_code    ? 
_struct_ref_seq.db_align_end                  154 
_struct_ref_seq.pdbx_db_align_end_ins_code    ? 
_struct_ref_seq.pdbx_auth_seq_align_beg       0 
_struct_ref_seq.pdbx_auth_seq_align_end       153 
# 
_struct_ref_seq_dif.align_id                     1 
_struct_ref_seq_dif.pdbx_pdb_id_code             8FDJ 
_struct_ref_seq_dif.mon_id                       ASN 
_struct_ref_seq_dif.pdbx_pdb_strand_id           A 
_struct_ref_seq_dif.seq_num                      123 
_struct_ref_seq_dif.pdbx_pdb_ins_code            ? 
_struct_ref_seq_dif.pdbx_seq_db_name             UNP 
_struct_ref_seq_dif.pdbx_seq_db_accession_code   P02185 
_struct_ref_seq_dif.db_mon_id                    ASP 
_struct_ref_seq_dif.pdbx_seq_db_seq_num          123 
_struct_ref_seq_dif.details                      'engineered mutation' 
_struct_ref_seq_dif.pdbx_auth_seq_num            122 
_struct_ref_seq_dif.pdbx_ordinal                 1 
# 
_pdbx_struct_assembly.id                   1 
_pdbx_struct_assembly.details              author_and_software_defined_assembly 
_pdbx_struct_assembly.method_details       PISA 
_pdbx_struct_assembly.oligomeric_details   monomeric 
_pdbx_struct_assembly.oligomeric_count     1 
# 
_pdbx_struct_assembly_gen.assembly_id       1 
_pdbx_struct_assembly_gen.oper_expression   1 
_pdbx_struct_assembly_gen.asym_id_list      A,B,C,D,E 
# 
_pdbx_struct_assembly_auth_evidence.id                     1 
_pdbx_struct_assembly_auth_evidence.assembly_id            1 
_pdbx_struct_assembly_auth_evidence.experimental_support   'gel filtration' 
_pdbx_struct_assembly_auth_evidence.details                ? 
# 
_pdbx_struct_oper_list.id                   1 
_pdbx_struct_oper_list.type                 'identity operation' 
_pdbx_struct_oper_list.name                 1_555 
_pdbx_struct_oper_list.symmetry_operation   x,y,z 
_pdbx_struct_oper_list.matrix[1][1]         1.0000000000 
_pdbx_struct_oper_list.matrix[1][2]         0.0000000000 
_pdbx_struct_oper_list.matrix[1][3]         0.0000000000 
_pdbx_struct_oper_list.vector[1]            0.0000000000 
_pdbx_struct_oper_list.matrix[2][1]         0.0000000000 
_pdbx_struct_oper_list.matrix[2][2]         1.0000000000 
_pdbx_struct_oper_list.matrix[2][3]         0.0000000000 
_pdbx_struct_oper_list.vector[2]            0.0000000000 
_pdbx_struct_oper_list.matrix[3][1]         0.0000000000 
_pdbx_struct_oper_list.matrix[3][2]         0.0000000000 
_pdbx_struct_oper_list.matrix[3][3]         1.0000000000 
_pdbx_struct_oper_list.vector[3]            0.0000000000 
# 
loop_
_struct_conf.conf_type_id 
_struct_conf.id 
_struct_conf.pdbx_PDB_helix_id 
_struct_conf.beg_label_comp_id 
_struct_conf.beg_label_asym_id 
_struct_conf.beg_label_seq_id 
_struct_conf.pdbx_beg_PDB_ins_code 
_struct_conf.end_label_comp_id 
_struct_conf.end_label_asym_id 
_struct_conf.end_label_seq_id 
_struct_conf.pdbx_end_PDB_ins_code 
_struct_conf.beg_auth_comp_id 
_struct_conf.beg_auth_asym_id 
_struct_conf.beg_auth_seq_id 
_struct_conf.end_auth_comp_id 
_struct_conf.end_auth_asym_id 
_struct_conf.end_auth_seq_id 
_struct_conf.pdbx_PDB_helix_class 
_struct_conf.details 
_struct_conf.pdbx_PDB_helix_length 
HELX_P HELX_P1 AA1 SER A 4   ? GLU A 19  ? SER A 3   GLU A 18  1 ? 16 
HELX_P HELX_P2 AA2 ASP A 21  ? HIS A 37  ? ASP A 20  HIS A 36  1 ? 17 
HELX_P HELX_P3 AA3 HIS A 37  ? GLU A 42  ? HIS A 36  GLU A 41  1 ? 6  
HELX_P HELX_P4 AA4 THR A 52  ? SER A 59  ? THR A 51  SER A 58  1 ? 8  
HELX_P HELX_P5 AA5 SER A 59  ? LYS A 79  ? SER A 58  LYS A 78  1 ? 21 
HELX_P HELX_P6 AA6 HIS A 83  ? LYS A 97  ? HIS A 82  LYS A 96  1 ? 15 
HELX_P HELX_P7 AA7 PRO A 101 ? HIS A 120 ? PRO A 100 HIS A 119 1 ? 20 
HELX_P HELX_P8 AA8 PRO A 121 ? PHE A 124 ? PRO A 120 PHE A 123 5 ? 4  
HELX_P HELX_P9 AA9 GLY A 125 ? GLY A 151 ? GLY A 124 GLY A 150 1 ? 27 
# 
_struct_conf_type.id          HELX_P 
_struct_conf_type.criteria    ? 
_struct_conf_type.reference   ? 
# 
loop_
_struct_conn.id 
_struct_conn.conn_type_id 
_struct_conn.pdbx_leaving_atom_flag 
_struct_conn.pdbx_PDB_id 
_struct_conn.ptnr1_label_asym_id 
_struct_conn.ptnr1_label_comp_id 
_struct_conn.ptnr1_label_seq_id 
_struct_conn.ptnr1_label_atom_id 
_struct_conn.pdbx_ptnr1_label_alt_id 
_struct_conn.pdbx_ptnr1_PDB_ins_code 
_struct_conn.pdbx_ptnr1_standard_comp_id 
_struct_conn.ptnr1_symmetry 
_struct_conn.ptnr2_label_asym_id 
_struct_conn.ptnr2_label_comp_id 
_struct_conn.ptnr2_label_seq_id 
_struct_conn.ptnr2_label_atom_id 
_struct_conn.pdbx_ptnr2_label_alt_id 
_struct_conn.pdbx_ptnr2_PDB_ins_code 
_struct_conn.ptnr1_auth_asym_id 
_struct_conn.ptnr1_auth_comp_id 
_struct_conn.ptnr1_auth_seq_id 
_struct_conn.ptnr2_auth_asym_id 
_struct_conn.ptnr2_auth_comp_id 
_struct_conn.ptnr2_auth_seq_id 
_struct_conn.ptnr2_symmetry 
_struct_conn.pdbx_ptnr3_label_atom_id 
_struct_conn.pdbx_ptnr3_label_seq_id 
_struct_conn.pdbx_ptnr3_label_comp_id 
_struct_conn.pdbx_ptnr3_label_asym_id 
_struct_conn.pdbx_ptnr3_label_alt_id 
_struct_conn.pdbx_ptnr3_PDB_ins_code 
_struct_conn.details 
_struct_conn.pdbx_dist_value 
_struct_conn.pdbx_value_order 
_struct_conn.pdbx_role 
metalc1 metalc ? ? A HIS 94 NE2 ? ? ? 1_555 B HEM . FE ? ? A HIS 93  A HEM 201 1_555 ? ? ? ? ? ? ? 2.207 ? ? 
metalc2 metalc ? ? B HEM .  FE  ? ? ? 1_555 C NBE . N  ? ? A HEM 201 A NBE 202 1_555 ? ? ? ? ? ? ? 2.119 ? ? 
# 
_struct_conn_type.id          metalc 
_struct_conn_type.criteria    ? 
_struct_conn_type.reference   ? 
# 
loop_
_pdbx_struct_conn_angle.id 
_pdbx_struct_conn_angle.ptnr1_label_atom_id 
_pdbx_struct_conn_angle.ptnr1_label_alt_id 
_pdbx_struct_conn_angle.ptnr1_label_asym_id 
_pdbx_struct_conn_angle.ptnr1_label_comp_id 
_pdbx_struct_conn_angle.ptnr1_label_seq_id 
_pdbx_struct_conn_angle.ptnr1_auth_atom_id 
_pdbx_struct_conn_angle.ptnr1_auth_asym_id 
_pdbx_struct_conn_angle.ptnr1_auth_comp_id 
_pdbx_struct_conn_angle.ptnr1_auth_seq_id 
_pdbx_struct_conn_angle.ptnr1_PDB_ins_code 
_pdbx_struct_conn_angle.ptnr1_symmetry 
_pdbx_struct_conn_angle.ptnr2_label_atom_id 
_pdbx_struct_conn_angle.ptnr2_label_alt_id 
_pdbx_struct_conn_angle.ptnr2_label_asym_id 
_pdbx_struct_conn_angle.ptnr2_label_comp_id 
_pdbx_struct_conn_angle.ptnr2_label_seq_id 
_pdbx_struct_conn_angle.ptnr2_auth_atom_id 
_pdbx_struct_conn_angle.ptnr2_auth_asym_id 
_pdbx_struct_conn_angle.ptnr2_auth_comp_id 
_pdbx_struct_conn_angle.ptnr2_auth_seq_id 
_pdbx_struct_conn_angle.ptnr2_PDB_ins_code 
_pdbx_struct_conn_angle.ptnr2_symmetry 
_pdbx_struct_conn_angle.ptnr3_label_atom_id 
_pdbx_struct_conn_angle.ptnr3_label_alt_id 
_pdbx_struct_conn_angle.ptnr3_label_asym_id 
_pdbx_struct_conn_angle.ptnr3_label_comp_id 
_pdbx_struct_conn_angle.ptnr3_label_seq_id 
_pdbx_struct_conn_angle.ptnr3_auth_atom_id 
_pdbx_struct_conn_angle.ptnr3_auth_asym_id 
_pdbx_struct_conn_angle.ptnr3_auth_comp_id 
_pdbx_struct_conn_angle.ptnr3_auth_seq_id 
_pdbx_struct_conn_angle.ptnr3_PDB_ins_code 
_pdbx_struct_conn_angle.ptnr3_symmetry 
_pdbx_struct_conn_angle.value 
_pdbx_struct_conn_angle.value_esd 
1  NE2 ? A HIS 94 ? A HIS 93  ? 1_555 FE ? B HEM . ? A HEM 201 ? 1_555 NA ? B HEM . ? A HEM 201 ? 1_555 94.5  ? 
2  NE2 ? A HIS 94 ? A HIS 93  ? 1_555 FE ? B HEM . ? A HEM 201 ? 1_555 NB ? B HEM . ? A HEM 201 ? 1_555 93.0  ? 
3  NA  ? B HEM .  ? A HEM 201 ? 1_555 FE ? B HEM . ? A HEM 201 ? 1_555 NB ? B HEM . ? A HEM 201 ? 1_555 87.2  ? 
4  NE2 ? A HIS 94 ? A HIS 93  ? 1_555 FE ? B HEM . ? A HEM 201 ? 1_555 NC ? B HEM . ? A HEM 201 ? 1_555 86.0  ? 
5  NA  ? B HEM .  ? A HEM 201 ? 1_555 FE ? B HEM . ? A HEM 201 ? 1_555 NC ? B HEM . ? A HEM 201 ? 1_555 175.8 ? 
6  NB  ? B HEM .  ? A HEM 201 ? 1_555 FE ? B HEM . ? A HEM 201 ? 1_555 NC ? B HEM . ? A HEM 201 ? 1_555 88.6  ? 
7  NE2 ? A HIS 94 ? A HIS 93  ? 1_555 FE ? B HEM . ? A HEM 201 ? 1_555 ND ? B HEM . ? A HEM 201 ? 1_555 85.7  ? 
8  NA  ? B HEM .  ? A HEM 201 ? 1_555 FE ? B HEM . ? A HEM 201 ? 1_555 ND ? B HEM . ? A HEM 201 ? 1_555 91.3  ? 
9  NB  ? B HEM .  ? A HEM 201 ? 1_555 FE ? B HEM . ? A HEM 201 ? 1_555 ND ? B HEM . ? A HEM 201 ? 1_555 178.0 ? 
10 NC  ? B HEM .  ? A HEM 201 ? 1_555 FE ? B HEM . ? A HEM 201 ? 1_555 ND ? B HEM . ? A HEM 201 ? 1_555 92.8  ? 
11 NE2 ? A HIS 94 ? A HIS 93  ? 1_555 FE ? B HEM . ? A HEM 201 ? 1_555 N  ? C NBE . ? A NBE 202 ? 1_555 170.5 ? 
12 NA  ? B HEM .  ? A HEM 201 ? 1_555 FE ? B HEM . ? A HEM 201 ? 1_555 N  ? C NBE . ? A NBE 202 ? 1_555 89.7  ? 
13 NB  ? B HEM .  ? A HEM 201 ? 1_555 FE ? B HEM . ? A HEM 201 ? 1_555 N  ? C NBE . ? A NBE 202 ? 1_555 95.7  ? 
14 NC  ? B HEM .  ? A HEM 201 ? 1_555 FE ? B HEM . ? A HEM 201 ? 1_555 N  ? C NBE . ? A NBE 202 ? 1_555 90.4  ? 
15 ND  ? B HEM .  ? A HEM 201 ? 1_555 FE ? B HEM . ? A HEM 201 ? 1_555 N  ? C NBE . ? A NBE 202 ? 1_555 85.7  ? 
# 
loop_
_struct_site.id 
_struct_site.pdbx_evidence_code 
_struct_site.pdbx_auth_asym_id 
_struct_site.pdbx_auth_comp_id 
_struct_site.pdbx_auth_seq_id 
_struct_site.pdbx_auth_ins_code 
_struct_site.pdbx_num_residues 
_struct_site.details 
AC1 Software A HEM 201 ? 13 'binding site for residue HEM A 201' 
AC2 Software A NBE 202 ? 7  'binding site for residue NBE A 202' 
AC3 Software A SO4 203 ? 7  'binding site for residue SO4 A 203' 
# 
loop_
_struct_site_gen.id 
_struct_site_gen.site_id 
_struct_site_gen.pdbx_num_res 
_struct_site_gen.label_comp_id 
_struct_site_gen.label_asym_id 
_struct_site_gen.label_seq_id 
_struct_site_gen.pdbx_auth_ins_code 
_struct_site_gen.auth_comp_id 
_struct_site_gen.auth_asym_id 
_struct_site_gen.auth_seq_id 
_struct_site_gen.label_atom_id 
_struct_site_gen.label_alt_id 
_struct_site_gen.symmetry 
_struct_site_gen.details 
1  AC1 13 LYS A 43  ? LYS A 42  . ? 1_555 ? 
2  AC1 13 PHE A 44  ? PHE A 43  . ? 1_555 ? 
3  AC1 13 ARG A 46  ? ARG A 45  . ? 1_555 ? 
4  AC1 13 VAL A 69  ? VAL A 68  . ? 1_555 ? 
5  AC1 13 LEU A 90  ? LEU A 89  . ? 1_555 ? 
6  AC1 13 SER A 93  ? SER A 92  . ? 1_555 ? 
7  AC1 13 HIS A 94  ? HIS A 93  . ? 1_555 ? 
8  AC1 13 HIS A 98  ? HIS A 97  . ? 1_555 ? 
9  AC1 13 ILE A 100 ? ILE A 99  . ? 1_555 ? 
10 AC1 13 TYR A 104 ? TYR A 103 . ? 1_555 ? 
11 AC1 13 HIS A 117 ? HIS A 116 . ? 1_545 ? 
12 AC1 13 GLN A 129 ? GLN A 128 . ? 1_545 ? 
13 AC1 13 NBE C .   ? NBE A 202 . ? 1_555 ? 
14 AC2 7  LEU A 30  ? LEU A 29  . ? 1_555 ? 
15 AC2 7  LEU A 33  ? LEU A 32  . ? 1_555 ? 
16 AC2 7  PHE A 44  ? PHE A 43  . ? 1_555 ? 
17 AC2 7  HIS A 65  ? HIS A 64  . ? 1_555 ? 
18 AC2 7  VAL A 69  ? VAL A 68  . ? 1_555 ? 
19 AC2 7  ILE A 108 ? ILE A 107 . ? 1_555 ? 
20 AC2 7  HEM B .   ? HEM A 201 . ? 1_555 ? 
21 AC3 7  THR A 52  ? THR A 51  . ? 1_555 ? 
22 AC3 7  GLU A 53  ? GLU A 52  . ? 1_555 ? 
23 AC3 7  HOH E .   ? HOH A 303 . ? 1_555 ? 
24 AC3 7  HOH E .   ? HOH A 306 . ? 1_555 ? 
25 AC3 7  HOH E .   ? HOH A 313 . ? 1_555 ? 
26 AC3 7  HOH E .   ? HOH A 322 . ? 1_555 ? 
27 AC3 7  HOH E .   ? HOH A 325 . ? 1_555 ? 
# 
loop_
_pdbx_validate_torsion.id 
_pdbx_validate_torsion.PDB_model_num 
_pdbx_validate_torsion.auth_comp_id 
_pdbx_validate_torsion.auth_asym_id 
_pdbx_validate_torsion.auth_seq_id 
_pdbx_validate_torsion.PDB_ins_code 
_pdbx_validate_torsion.label_alt_id 
_pdbx_validate_torsion.phi 
_pdbx_validate_torsion.psi 
1 1 HIS A 119 ? ? -144.42 50.91 
2 1 PHE A 123 ? ? -143.74 50.76 
# 
_pdbx_validate_planes.id              1 
_pdbx_validate_planes.PDB_model_num   1 
_pdbx_validate_planes.auth_comp_id    ARG 
_pdbx_validate_planes.auth_asym_id    A 
_pdbx_validate_planes.auth_seq_id     139 
_pdbx_validate_planes.PDB_ins_code    ? 
_pdbx_validate_planes.label_alt_id    ? 
_pdbx_validate_planes.rmsd            0.088 
_pdbx_validate_planes.type            'SIDE CHAIN' 
# 
_pdbx_entry_details.entry_id                 8FDJ 
_pdbx_entry_details.nonpolymer_details       ? 
_pdbx_entry_details.sequence_details         ? 
_pdbx_entry_details.compound_details         ? 
_pdbx_entry_details.source_details           ? 
_pdbx_entry_details.has_ligand_of_interest   Y 
# 
loop_
_pdbx_unobs_or_zero_occ_residues.id 
_pdbx_unobs_or_zero_occ_residues.PDB_model_num 
_pdbx_unobs_or_zero_occ_residues.polymer_flag 
_pdbx_unobs_or_zero_occ_residues.occupancy_flag 
_pdbx_unobs_or_zero_occ_residues.auth_asym_id 
_pdbx_unobs_or_zero_occ_residues.auth_comp_id 
_pdbx_unobs_or_zero_occ_residues.auth_seq_id 
_pdbx_unobs_or_zero_occ_residues.PDB_ins_code 
_pdbx_unobs_or_zero_occ_residues.label_asym_id 
_pdbx_unobs_or_zero_occ_residues.label_comp_id 
_pdbx_unobs_or_zero_occ_residues.label_seq_id 
1 1 Y 1 A MET 0   ? A MET 1   
2 1 Y 1 A GLN 152 ? A GLN 153 
3 1 Y 1 A GLY 153 ? A GLY 154 
# 
loop_
_chem_comp_atom.comp_id 
_chem_comp_atom.atom_id 
_chem_comp_atom.type_symbol 
_chem_comp_atom.pdbx_aromatic_flag 
_chem_comp_atom.pdbx_stereo_config 
_chem_comp_atom.pdbx_ordinal 
ALA N    N  N N 1   
ALA CA   C  N S 2   
ALA C    C  N N 3   
ALA O    O  N N 4   
ALA CB   C  N N 5   
ALA OXT  O  N N 6   
ALA H    H  N N 7   
ALA H2   H  N N 8   
ALA HA   H  N N 9   
ALA HB1  H  N N 10  
ALA HB2  H  N N 11  
ALA HB3  H  N N 12  
ALA HXT  H  N N 13  
ARG N    N  N N 14  
ARG CA   C  N S 15  
ARG C    C  N N 16  
ARG O    O  N N 17  
ARG CB   C  N N 18  
ARG CG   C  N N 19  
ARG CD   C  N N 20  
ARG NE   N  N N 21  
ARG CZ   C  N N 22  
ARG NH1  N  N N 23  
ARG NH2  N  N N 24  
ARG OXT  O  N N 25  
ARG H    H  N N 26  
ARG H2   H  N N 27  
ARG HA   H  N N 28  
ARG HB2  H  N N 29  
ARG HB3  H  N N 30  
ARG HG2  H  N N 31  
ARG HG3  H  N N 32  
ARG HD2  H  N N 33  
ARG HD3  H  N N 34  
ARG HE   H  N N 35  
ARG HH11 H  N N 36  
ARG HH12 H  N N 37  
ARG HH21 H  N N 38  
ARG HH22 H  N N 39  
ARG HXT  H  N N 40  
ASN N    N  N N 41  
ASN CA   C  N S 42  
ASN C    C  N N 43  
ASN O    O  N N 44  
ASN CB   C  N N 45  
ASN CG   C  N N 46  
ASN OD1  O  N N 47  
ASN ND2  N  N N 48  
ASN OXT  O  N N 49  
ASN H    H  N N 50  
ASN H2   H  N N 51  
ASN HA   H  N N 52  
ASN HB2  H  N N 53  
ASN HB3  H  N N 54  
ASN HD21 H  N N 55  
ASN HD22 H  N N 56  
ASN HXT  H  N N 57  
ASP N    N  N N 58  
ASP CA   C  N S 59  
ASP C    C  N N 60  
ASP O    O  N N 61  
ASP CB   C  N N 62  
ASP CG   C  N N 63  
ASP OD1  O  N N 64  
ASP OD2  O  N N 65  
ASP OXT  O  N N 66  
ASP H    H  N N 67  
ASP H2   H  N N 68  
ASP HA   H  N N 69  
ASP HB2  H  N N 70  
ASP HB3  H  N N 71  
ASP HD2  H  N N 72  
ASP HXT  H  N N 73  
GLN N    N  N N 74  
GLN CA   C  N S 75  
GLN C    C  N N 76  
GLN O    O  N N 77  
GLN CB   C  N N 78  
GLN CG   C  N N 79  
GLN CD   C  N N 80  
GLN OE1  O  N N 81  
GLN NE2  N  N N 82  
GLN OXT  O  N N 83  
GLN H    H  N N 84  
GLN H2   H  N N 85  
GLN HA   H  N N 86  
GLN HB2  H  N N 87  
GLN HB3  H  N N 88  
GLN HG2  H  N N 89  
GLN HG3  H  N N 90  
GLN HE21 H  N N 91  
GLN HE22 H  N N 92  
GLN HXT  H  N N 93  
GLU N    N  N N 94  
GLU CA   C  N S 95  
GLU C    C  N N 96  
GLU O    O  N N 97  
GLU CB   C  N N 98  
GLU CG   C  N N 99  
GLU CD   C  N N 100 
GLU OE1  O  N N 101 
GLU OE2  O  N N 102 
GLU OXT  O  N N 103 
GLU H    H  N N 104 
GLU H2   H  N N 105 
GLU HA   H  N N 106 
GLU HB2  H  N N 107 
GLU HB3  H  N N 108 
GLU HG2  H  N N 109 
GLU HG3  H  N N 110 
GLU HE2  H  N N 111 
GLU HXT  H  N N 112 
GLY N    N  N N 113 
GLY CA   C  N N 114 
GLY C    C  N N 115 
GLY O    O  N N 116 
GLY OXT  O  N N 117 
GLY H    H  N N 118 
GLY H2   H  N N 119 
GLY HA2  H  N N 120 
GLY HA3  H  N N 121 
GLY HXT  H  N N 122 
HEM CHA  C  N N 123 
HEM CHB  C  N N 124 
HEM CHC  C  N N 125 
HEM CHD  C  N N 126 
HEM C1A  C  Y N 127 
HEM C2A  C  Y N 128 
HEM C3A  C  Y N 129 
HEM C4A  C  Y N 130 
HEM CMA  C  N N 131 
HEM CAA  C  N N 132 
HEM CBA  C  N N 133 
HEM CGA  C  N N 134 
HEM O1A  O  N N 135 
HEM O2A  O  N N 136 
HEM C1B  C  N N 137 
HEM C2B  C  N N 138 
HEM C3B  C  N N 139 
HEM C4B  C  N N 140 
HEM CMB  C  N N 141 
HEM CAB  C  N N 142 
HEM CBB  C  N N 143 
HEM C1C  C  Y N 144 
HEM C2C  C  Y N 145 
HEM C3C  C  Y N 146 
HEM C4C  C  Y N 147 
HEM CMC  C  N N 148 
HEM CAC  C  N N 149 
HEM CBC  C  N N 150 
HEM C1D  C  N N 151 
HEM C2D  C  N N 152 
HEM C3D  C  N N 153 
HEM C4D  C  N N 154 
HEM CMD  C  N N 155 
HEM CAD  C  N N 156 
HEM CBD  C  N N 157 
HEM CGD  C  N N 158 
HEM O1D  O  N N 159 
HEM O2D  O  N N 160 
HEM NA   N  Y N 161 
HEM NB   N  N N 162 
HEM NC   N  Y N 163 
HEM ND   N  N N 164 
HEM FE   FE N N 165 
HEM HHB  H  N N 166 
HEM HHC  H  N N 167 
HEM HHD  H  N N 168 
HEM HMA  H  N N 169 
HEM HMAA H  N N 170 
HEM HMAB H  N N 171 
HEM HAA  H  N N 172 
HEM HAAA H  N N 173 
HEM HBA  H  N N 174 
HEM HBAA H  N N 175 
HEM HMB  H  N N 176 
HEM HMBA H  N N 177 
HEM HMBB H  N N 178 
HEM HAB  H  N N 179 
HEM HBB  H  N N 180 
HEM HBBA H  N N 181 
HEM HMC  H  N N 182 
HEM HMCA H  N N 183 
HEM HMCB H  N N 184 
HEM HAC  H  N N 185 
HEM HBC  H  N N 186 
HEM HBCA H  N N 187 
HEM HMD  H  N N 188 
HEM HMDA H  N N 189 
HEM HMDB H  N N 190 
HEM HAD  H  N N 191 
HEM HADA H  N N 192 
HEM HBD  H  N N 193 
HEM HBDA H  N N 194 
HEM H2A  H  N N 195 
HEM H2D  H  N N 196 
HEM HHA  H  N N 197 
HIS N    N  N N 198 
HIS CA   C  N S 199 
HIS C    C  N N 200 
HIS O    O  N N 201 
HIS CB   C  N N 202 
HIS CG   C  Y N 203 
HIS ND1  N  Y N 204 
HIS CD2  C  Y N 205 
HIS CE1  C  Y N 206 
HIS NE2  N  Y N 207 
HIS OXT  O  N N 208 
HIS H    H  N N 209 
HIS H2   H  N N 210 
HIS HA   H  N N 211 
HIS HB2  H  N N 212 
HIS HB3  H  N N 213 
HIS HD1  H  N N 214 
HIS HD2  H  N N 215 
HIS HE1  H  N N 216 
HIS HE2  H  N N 217 
HIS HXT  H  N N 218 
HOH O    O  N N 219 
HOH H1   H  N N 220 
HOH H2   H  N N 221 
ILE N    N  N N 222 
ILE CA   C  N S 223 
ILE C    C  N N 224 
ILE O    O  N N 225 
ILE CB   C  N S 226 
ILE CG1  C  N N 227 
ILE CG2  C  N N 228 
ILE CD1  C  N N 229 
ILE OXT  O  N N 230 
ILE H    H  N N 231 
ILE H2   H  N N 232 
ILE HA   H  N N 233 
ILE HB   H  N N 234 
ILE HG12 H  N N 235 
ILE HG13 H  N N 236 
ILE HG21 H  N N 237 
ILE HG22 H  N N 238 
ILE HG23 H  N N 239 
ILE HD11 H  N N 240 
ILE HD12 H  N N 241 
ILE HD13 H  N N 242 
ILE HXT  H  N N 243 
LEU N    N  N N 244 
LEU CA   C  N S 245 
LEU C    C  N N 246 
LEU O    O  N N 247 
LEU CB   C  N N 248 
LEU CG   C  N N 249 
LEU CD1  C  N N 250 
LEU CD2  C  N N 251 
LEU OXT  O  N N 252 
LEU H    H  N N 253 
LEU H2   H  N N 254 
LEU HA   H  N N 255 
LEU HB2  H  N N 256 
LEU HB3  H  N N 257 
LEU HG   H  N N 258 
LEU HD11 H  N N 259 
LEU HD12 H  N N 260 
LEU HD13 H  N N 261 
LEU HD21 H  N N 262 
LEU HD22 H  N N 263 
LEU HD23 H  N N 264 
LEU HXT  H  N N 265 
LYS N    N  N N 266 
LYS CA   C  N S 267 
LYS C    C  N N 268 
LYS O    O  N N 269 
LYS CB   C  N N 270 
LYS CG   C  N N 271 
LYS CD   C  N N 272 
LYS CE   C  N N 273 
LYS NZ   N  N N 274 
LYS OXT  O  N N 275 
LYS H    H  N N 276 
LYS H2   H  N N 277 
LYS HA   H  N N 278 
LYS HB2  H  N N 279 
LYS HB3  H  N N 280 
LYS HG2  H  N N 281 
LYS HG3  H  N N 282 
LYS HD2  H  N N 283 
LYS HD3  H  N N 284 
LYS HE2  H  N N 285 
LYS HE3  H  N N 286 
LYS HZ1  H  N N 287 
LYS HZ2  H  N N 288 
LYS HZ3  H  N N 289 
LYS HXT  H  N N 290 
MET N    N  N N 291 
MET CA   C  N S 292 
MET C    C  N N 293 
MET O    O  N N 294 
MET CB   C  N N 295 
MET CG   C  N N 296 
MET SD   S  N N 297 
MET CE   C  N N 298 
MET OXT  O  N N 299 
MET H    H  N N 300 
MET H2   H  N N 301 
MET HA   H  N N 302 
MET HB2  H  N N 303 
MET HB3  H  N N 304 
MET HG2  H  N N 305 
MET HG3  H  N N 306 
MET HE1  H  N N 307 
MET HE2  H  N N 308 
MET HE3  H  N N 309 
MET HXT  H  N N 310 
NBE C1   C  Y N 311 
NBE N    N  N N 312 
NBE O    O  N N 313 
NBE C2   C  Y N 314 
NBE C3   C  Y N 315 
NBE C4   C  Y N 316 
NBE C5   C  Y N 317 
NBE C6   C  Y N 318 
NBE H2   H  N N 319 
NBE H3   H  N N 320 
NBE H4   H  N N 321 
NBE H5   H  N N 322 
NBE H6   H  N N 323 
PHE N    N  N N 324 
PHE CA   C  N S 325 
PHE C    C  N N 326 
PHE O    O  N N 327 
PHE CB   C  N N 328 
PHE CG   C  Y N 329 
PHE CD1  C  Y N 330 
PHE CD2  C  Y N 331 
PHE CE1  C  Y N 332 
PHE CE2  C  Y N 333 
PHE CZ   C  Y N 334 
PHE OXT  O  N N 335 
PHE H    H  N N 336 
PHE H2   H  N N 337 
PHE HA   H  N N 338 
PHE HB2  H  N N 339 
PHE HB3  H  N N 340 
PHE HD1  H  N N 341 
PHE HD2  H  N N 342 
PHE HE1  H  N N 343 
PHE HE2  H  N N 344 
PHE HZ   H  N N 345 
PHE HXT  H  N N 346 
PRO N    N  N N 347 
PRO CA   C  N S 348 
PRO C    C  N N 349 
PRO O    O  N N 350 
PRO CB   C  N N 351 
PRO CG   C  N N 352 
PRO CD   C  N N 353 
PRO OXT  O  N N 354 
PRO H    H  N N 355 
PRO HA   H  N N 356 
PRO HB2  H  N N 357 
PRO HB3  H  N N 358 
PRO HG2  H  N N 359 
PRO HG3  H  N N 360 
PRO HD2  H  N N 361 
PRO HD3  H  N N 362 
PRO HXT  H  N N 363 
SER N    N  N N 364 
SER CA   C  N S 365 
SER C    C  N N 366 
SER O    O  N N 367 
SER CB   C  N N 368 
SER OG   O  N N 369 
SER OXT  O  N N 370 
SER H    H  N N 371 
SER H2   H  N N 372 
SER HA   H  N N 373 
SER HB2  H  N N 374 
SER HB3  H  N N 375 
SER HG   H  N N 376 
SER HXT  H  N N 377 
SO4 S    S  N N 378 
SO4 O1   O  N N 379 
SO4 O2   O  N N 380 
SO4 O3   O  N N 381 
SO4 O4   O  N N 382 
THR N    N  N N 383 
THR CA   C  N S 384 
THR C    C  N N 385 
THR O    O  N N 386 
THR CB   C  N R 387 
THR OG1  O  N N 388 
THR CG2  C  N N 389 
THR OXT  O  N N 390 
THR H    H  N N 391 
THR H2   H  N N 392 
THR HA   H  N N 393 
THR HB   H  N N 394 
THR HG1  H  N N 395 
THR HG21 H  N N 396 
THR HG22 H  N N 397 
THR HG23 H  N N 398 
THR HXT  H  N N 399 
TRP N    N  N N 400 
TRP CA   C  N S 401 
TRP C    C  N N 402 
TRP O    O  N N 403 
TRP CB   C  N N 404 
TRP CG   C  Y N 405 
TRP CD1  C  Y N 406 
TRP CD2  C  Y N 407 
TRP NE1  N  Y N 408 
TRP CE2  C  Y N 409 
TRP CE3  C  Y N 410 
TRP CZ2  C  Y N 411 
TRP CZ3  C  Y N 412 
TRP CH2  C  Y N 413 
TRP OXT  O  N N 414 
TRP H    H  N N 415 
TRP H2   H  N N 416 
TRP HA   H  N N 417 
TRP HB2  H  N N 418 
TRP HB3  H  N N 419 
TRP HD1  H  N N 420 
TRP HE1  H  N N 421 
TRP HE3  H  N N 422 
TRP HZ2  H  N N 423 
TRP HZ3  H  N N 424 
TRP HH2  H  N N 425 
TRP HXT  H  N N 426 
TYR N    N  N N 427 
TYR CA   C  N S 428 
TYR C    C  N N 429 
TYR O    O  N N 430 
TYR CB   C  N N 431 
TYR CG   C  Y N 432 
TYR CD1  C  Y N 433 
TYR CD2  C  Y N 434 
TYR CE1  C  Y N 435 
TYR CE2  C  Y N 436 
TYR CZ   C  Y N 437 
TYR OH   O  N N 438 
TYR OXT  O  N N 439 
TYR H    H  N N 440 
TYR H2   H  N N 441 
TYR HA   H  N N 442 
TYR HB2  H  N N 443 
TYR HB3  H  N N 444 
TYR HD1  H  N N 445 
TYR HD2  H  N N 446 
TYR HE1  H  N N 447 
TYR HE2  H  N N 448 
TYR HH   H  N N 449 
TYR HXT  H  N N 450 
VAL N    N  N N 451 
VAL CA   C  N S 452 
VAL C    C  N N 453 
VAL O    O  N N 454 
VAL CB   C  N N 455 
VAL CG1  C  N N 456 
VAL CG2  C  N N 457 
VAL OXT  O  N N 458 
VAL H    H  N N 459 
VAL H2   H  N N 460 
VAL HA   H  N N 461 
VAL HB   H  N N 462 
VAL HG11 H  N N 463 
VAL HG12 H  N N 464 
VAL HG13 H  N N 465 
VAL HG21 H  N N 466 
VAL HG22 H  N N 467 
VAL HG23 H  N N 468 
VAL HXT  H  N N 469 
# 
loop_
_chem_comp_bond.comp_id 
_chem_comp_bond.atom_id_1 
_chem_comp_bond.atom_id_2 
_chem_comp_bond.value_order 
_chem_comp_bond.pdbx_aromatic_flag 
_chem_comp_bond.pdbx_stereo_config 
_chem_comp_bond.pdbx_ordinal 
ALA N   CA   sing N N 1   
ALA N   H    sing N N 2   
ALA N   H2   sing N N 3   
ALA CA  C    sing N N 4   
ALA CA  CB   sing N N 5   
ALA CA  HA   sing N N 6   
ALA C   O    doub N N 7   
ALA C   OXT  sing N N 8   
ALA CB  HB1  sing N N 9   
ALA CB  HB2  sing N N 10  
ALA CB  HB3  sing N N 11  
ALA OXT HXT  sing N N 12  
ARG N   CA   sing N N 13  
ARG N   H    sing N N 14  
ARG N   H2   sing N N 15  
ARG CA  C    sing N N 16  
ARG CA  CB   sing N N 17  
ARG CA  HA   sing N N 18  
ARG C   O    doub N N 19  
ARG C   OXT  sing N N 20  
ARG CB  CG   sing N N 21  
ARG CB  HB2  sing N N 22  
ARG CB  HB3  sing N N 23  
ARG CG  CD   sing N N 24  
ARG CG  HG2  sing N N 25  
ARG CG  HG3  sing N N 26  
ARG CD  NE   sing N N 27  
ARG CD  HD2  sing N N 28  
ARG CD  HD3  sing N N 29  
ARG NE  CZ   sing N N 30  
ARG NE  HE   sing N N 31  
ARG CZ  NH1  sing N N 32  
ARG CZ  NH2  doub N N 33  
ARG NH1 HH11 sing N N 34  
ARG NH1 HH12 sing N N 35  
ARG NH2 HH21 sing N N 36  
ARG NH2 HH22 sing N N 37  
ARG OXT HXT  sing N N 38  
ASN N   CA   sing N N 39  
ASN N   H    sing N N 40  
ASN N   H2   sing N N 41  
ASN CA  C    sing N N 42  
ASN CA  CB   sing N N 43  
ASN CA  HA   sing N N 44  
ASN C   O    doub N N 45  
ASN C   OXT  sing N N 46  
ASN CB  CG   sing N N 47  
ASN CB  HB2  sing N N 48  
ASN CB  HB3  sing N N 49  
ASN CG  OD1  doub N N 50  
ASN CG  ND2  sing N N 51  
ASN ND2 HD21 sing N N 52  
ASN ND2 HD22 sing N N 53  
ASN OXT HXT  sing N N 54  
ASP N   CA   sing N N 55  
ASP N   H    sing N N 56  
ASP N   H2   sing N N 57  
ASP CA  C    sing N N 58  
ASP CA  CB   sing N N 59  
ASP CA  HA   sing N N 60  
ASP C   O    doub N N 61  
ASP C   OXT  sing N N 62  
ASP CB  CG   sing N N 63  
ASP CB  HB2  sing N N 64  
ASP CB  HB3  sing N N 65  
ASP CG  OD1  doub N N 66  
ASP CG  OD2  sing N N 67  
ASP OD2 HD2  sing N N 68  
ASP OXT HXT  sing N N 69  
GLN N   CA   sing N N 70  
GLN N   H    sing N N 71  
GLN N   H2   sing N N 72  
GLN CA  C    sing N N 73  
GLN CA  CB   sing N N 74  
GLN CA  HA   sing N N 75  
GLN C   O    doub N N 76  
GLN C   OXT  sing N N 77  
GLN CB  CG   sing N N 78  
GLN CB  HB2  sing N N 79  
GLN CB  HB3  sing N N 80  
GLN CG  CD   sing N N 81  
GLN CG  HG2  sing N N 82  
GLN CG  HG3  sing N N 83  
GLN CD  OE1  doub N N 84  
GLN CD  NE2  sing N N 85  
GLN NE2 HE21 sing N N 86  
GLN NE2 HE22 sing N N 87  
GLN OXT HXT  sing N N 88  
GLU N   CA   sing N N 89  
GLU N   H    sing N N 90  
GLU N   H2   sing N N 91  
GLU CA  C    sing N N 92  
GLU CA  CB   sing N N 93  
GLU CA  HA   sing N N 94  
GLU C   O    doub N N 95  
GLU C   OXT  sing N N 96  
GLU CB  CG   sing N N 97  
GLU CB  HB2  sing N N 98  
GLU CB  HB3  sing N N 99  
GLU CG  CD   sing N N 100 
GLU CG  HG2  sing N N 101 
GLU CG  HG3  sing N N 102 
GLU CD  OE1  doub N N 103 
GLU CD  OE2  sing N N 104 
GLU OE2 HE2  sing N N 105 
GLU OXT HXT  sing N N 106 
GLY N   CA   sing N N 107 
GLY N   H    sing N N 108 
GLY N   H2   sing N N 109 
GLY CA  C    sing N N 110 
GLY CA  HA2  sing N N 111 
GLY CA  HA3  sing N N 112 
GLY C   O    doub N N 113 
GLY C   OXT  sing N N 114 
GLY OXT HXT  sing N N 115 
HEM CHA C1A  sing N N 116 
HEM CHA C4D  doub N N 117 
HEM CHA HHA  sing N N 118 
HEM CHB C4A  sing N N 119 
HEM CHB C1B  doub N N 120 
HEM CHB HHB  sing N N 121 
HEM CHC C4B  sing N N 122 
HEM CHC C1C  doub N N 123 
HEM CHC HHC  sing N N 124 
HEM CHD C4C  doub N N 125 
HEM CHD C1D  sing N N 126 
HEM CHD HHD  sing N N 127 
HEM C1A C2A  doub Y N 128 
HEM C1A NA   sing Y N 129 
HEM C2A C3A  sing Y N 130 
HEM C2A CAA  sing N N 131 
HEM C3A C4A  doub Y N 132 
HEM C3A CMA  sing N N 133 
HEM C4A NA   sing Y N 134 
HEM CMA HMA  sing N N 135 
HEM CMA HMAA sing N N 136 
HEM CMA HMAB sing N N 137 
HEM CAA CBA  sing N N 138 
HEM CAA HAA  sing N N 139 
HEM CAA HAAA sing N N 140 
HEM CBA CGA  sing N N 141 
HEM CBA HBA  sing N N 142 
HEM CBA HBAA sing N N 143 
HEM CGA O1A  doub N N 144 
HEM CGA O2A  sing N N 145 
HEM C1B C2B  sing N N 146 
HEM C1B NB   sing N N 147 
HEM C2B C3B  doub N N 148 
HEM C2B CMB  sing N N 149 
HEM C3B C4B  sing N N 150 
HEM C3B CAB  sing N N 151 
HEM C4B NB   doub N N 152 
HEM CMB HMB  sing N N 153 
HEM CMB HMBA sing N N 154 
HEM CMB HMBB sing N N 155 
HEM CAB CBB  doub N N 156 
HEM CAB HAB  sing N N 157 
HEM CBB HBB  sing N N 158 
HEM CBB HBBA sing N N 159 
HEM C1C C2C  sing Y N 160 
HEM C1C NC   sing Y N 161 
HEM C2C C3C  doub Y N 162 
HEM C2C CMC  sing N N 163 
HEM C3C C4C  sing Y N 164 
HEM C3C CAC  sing N N 165 
HEM C4C NC   sing Y N 166 
HEM CMC HMC  sing N N 167 
HEM CMC HMCA sing N N 168 
HEM CMC HMCB sing N N 169 
HEM CAC CBC  doub N N 170 
HEM CAC HAC  sing N N 171 
HEM CBC HBC  sing N N 172 
HEM CBC HBCA sing N N 173 
HEM C1D C2D  sing N N 174 
HEM C1D ND   doub N N 175 
HEM C2D C3D  doub N N 176 
HEM C2D CMD  sing N N 177 
HEM C3D C4D  sing N N 178 
HEM C3D CAD  sing N N 179 
HEM C4D ND   sing N N 180 
HEM CMD HMD  sing N N 181 
HEM CMD HMDA sing N N 182 
HEM CMD HMDB sing N N 183 
HEM CAD CBD  sing N N 184 
HEM CAD HAD  sing N N 185 
HEM CAD HADA sing N N 186 
HEM CBD CGD  sing N N 187 
HEM CBD HBD  sing N N 188 
HEM CBD HBDA sing N N 189 
HEM CGD O1D  doub N N 190 
HEM CGD O2D  sing N N 191 
HEM O2A H2A  sing N N 192 
HEM O2D H2D  sing N N 193 
HEM FE  NA   sing N N 194 
HEM FE  NB   sing N N 195 
HEM FE  NC   sing N N 196 
HEM FE  ND   sing N N 197 
HIS N   CA   sing N N 198 
HIS N   H    sing N N 199 
HIS N   H2   sing N N 200 
HIS CA  C    sing N N 201 
HIS CA  CB   sing N N 202 
HIS CA  HA   sing N N 203 
HIS C   O    doub N N 204 
HIS C   OXT  sing N N 205 
HIS CB  CG   sing N N 206 
HIS CB  HB2  sing N N 207 
HIS CB  HB3  sing N N 208 
HIS CG  ND1  sing Y N 209 
HIS CG  CD2  doub Y N 210 
HIS ND1 CE1  doub Y N 211 
HIS ND1 HD1  sing N N 212 
HIS CD2 NE2  sing Y N 213 
HIS CD2 HD2  sing N N 214 
HIS CE1 NE2  sing Y N 215 
HIS CE1 HE1  sing N N 216 
HIS NE2 HE2  sing N N 217 
HIS OXT HXT  sing N N 218 
HOH O   H1   sing N N 219 
HOH O   H2   sing N N 220 
ILE N   CA   sing N N 221 
ILE N   H    sing N N 222 
ILE N   H2   sing N N 223 
ILE CA  C    sing N N 224 
ILE CA  CB   sing N N 225 
ILE CA  HA   sing N N 226 
ILE C   O    doub N N 227 
ILE C   OXT  sing N N 228 
ILE CB  CG1  sing N N 229 
ILE CB  CG2  sing N N 230 
ILE CB  HB   sing N N 231 
ILE CG1 CD1  sing N N 232 
ILE CG1 HG12 sing N N 233 
ILE CG1 HG13 sing N N 234 
ILE CG2 HG21 sing N N 235 
ILE CG2 HG22 sing N N 236 
ILE CG2 HG23 sing N N 237 
ILE CD1 HD11 sing N N 238 
ILE CD1 HD12 sing N N 239 
ILE CD1 HD13 sing N N 240 
ILE OXT HXT  sing N N 241 
LEU N   CA   sing N N 242 
LEU N   H    sing N N 243 
LEU N   H2   sing N N 244 
LEU CA  C    sing N N 245 
LEU CA  CB   sing N N 246 
LEU CA  HA   sing N N 247 
LEU C   O    doub N N 248 
LEU C   OXT  sing N N 249 
LEU CB  CG   sing N N 250 
LEU CB  HB2  sing N N 251 
LEU CB  HB3  sing N N 252 
LEU CG  CD1  sing N N 253 
LEU CG  CD2  sing N N 254 
LEU CG  HG   sing N N 255 
LEU CD1 HD11 sing N N 256 
LEU CD1 HD12 sing N N 257 
LEU CD1 HD13 sing N N 258 
LEU CD2 HD21 sing N N 259 
LEU CD2 HD22 sing N N 260 
LEU CD2 HD23 sing N N 261 
LEU OXT HXT  sing N N 262 
LYS N   CA   sing N N 263 
LYS N   H    sing N N 264 
LYS N   H2   sing N N 265 
LYS CA  C    sing N N 266 
LYS CA  CB   sing N N 267 
LYS CA  HA   sing N N 268 
LYS C   O    doub N N 269 
LYS C   OXT  sing N N 270 
LYS CB  CG   sing N N 271 
LYS CB  HB2  sing N N 272 
LYS CB  HB3  sing N N 273 
LYS CG  CD   sing N N 274 
LYS CG  HG2  sing N N 275 
LYS CG  HG3  sing N N 276 
LYS CD  CE   sing N N 277 
LYS CD  HD2  sing N N 278 
LYS CD  HD3  sing N N 279 
LYS CE  NZ   sing N N 280 
LYS CE  HE2  sing N N 281 
LYS CE  HE3  sing N N 282 
LYS NZ  HZ1  sing N N 283 
LYS NZ  HZ2  sing N N 284 
LYS NZ  HZ3  sing N N 285 
LYS OXT HXT  sing N N 286 
MET N   CA   sing N N 287 
MET N   H    sing N N 288 
MET N   H2   sing N N 289 
MET CA  C    sing N N 290 
MET CA  CB   sing N N 291 
MET CA  HA   sing N N 292 
MET C   O    doub N N 293 
MET C   OXT  sing N N 294 
MET CB  CG   sing N N 295 
MET CB  HB2  sing N N 296 
MET CB  HB3  sing N N 297 
MET CG  SD   sing N N 298 
MET CG  HG2  sing N N 299 
MET CG  HG3  sing N N 300 
MET SD  CE   sing N N 301 
MET CE  HE1  sing N N 302 
MET CE  HE2  sing N N 303 
MET CE  HE3  sing N N 304 
MET OXT HXT  sing N N 305 
NBE C1  N    sing N N 306 
NBE C1  C2   doub Y N 307 
NBE C1  C6   sing Y N 308 
NBE N   O    doub N N 309 
NBE C2  C3   sing Y N 310 
NBE C2  H2   sing N N 311 
NBE C3  C4   doub Y N 312 
NBE C3  H3   sing N N 313 
NBE C4  C5   sing Y N 314 
NBE C4  H4   sing N N 315 
NBE C5  C6   doub Y N 316 
NBE C5  H5   sing N N 317 
NBE C6  H6   sing N N 318 
PHE N   CA   sing N N 319 
PHE N   H    sing N N 320 
PHE N   H2   sing N N 321 
PHE CA  C    sing N N 322 
PHE CA  CB   sing N N 323 
PHE CA  HA   sing N N 324 
PHE C   O    doub N N 325 
PHE C   OXT  sing N N 326 
PHE CB  CG   sing N N 327 
PHE CB  HB2  sing N N 328 
PHE CB  HB3  sing N N 329 
PHE CG  CD1  doub Y N 330 
PHE CG  CD2  sing Y N 331 
PHE CD1 CE1  sing Y N 332 
PHE CD1 HD1  sing N N 333 
PHE CD2 CE2  doub Y N 334 
PHE CD2 HD2  sing N N 335 
PHE CE1 CZ   doub Y N 336 
PHE CE1 HE1  sing N N 337 
PHE CE2 CZ   sing Y N 338 
PHE CE2 HE2  sing N N 339 
PHE CZ  HZ   sing N N 340 
PHE OXT HXT  sing N N 341 
PRO N   CA   sing N N 342 
PRO N   CD   sing N N 343 
PRO N   H    sing N N 344 
PRO CA  C    sing N N 345 
PRO CA  CB   sing N N 346 
PRO CA  HA   sing N N 347 
PRO C   O    doub N N 348 
PRO C   OXT  sing N N 349 
PRO CB  CG   sing N N 350 
PRO CB  HB2  sing N N 351 
PRO CB  HB3  sing N N 352 
PRO CG  CD   sing N N 353 
PRO CG  HG2  sing N N 354 
PRO CG  HG3  sing N N 355 
PRO CD  HD2  sing N N 356 
PRO CD  HD3  sing N N 357 
PRO OXT HXT  sing N N 358 
SER N   CA   sing N N 359 
SER N   H    sing N N 360 
SER N   H2   sing N N 361 
SER CA  C    sing N N 362 
SER CA  CB   sing N N 363 
SER CA  HA   sing N N 364 
SER C   O    doub N N 365 
SER C   OXT  sing N N 366 
SER CB  OG   sing N N 367 
SER CB  HB2  sing N N 368 
SER CB  HB3  sing N N 369 
SER OG  HG   sing N N 370 
SER OXT HXT  sing N N 371 
SO4 S   O1   doub N N 372 
SO4 S   O2   doub N N 373 
SO4 S   O3   sing N N 374 
SO4 S   O4   sing N N 375 
THR N   CA   sing N N 376 
THR N   H    sing N N 377 
THR N   H2   sing N N 378 
THR CA  C    sing N N 379 
THR CA  CB   sing N N 380 
THR CA  HA   sing N N 381 
THR C   O    doub N N 382 
THR C   OXT  sing N N 383 
THR CB  OG1  sing N N 384 
THR CB  CG2  sing N N 385 
THR CB  HB   sing N N 386 
THR OG1 HG1  sing N N 387 
THR CG2 HG21 sing N N 388 
THR CG2 HG22 sing N N 389 
THR CG2 HG23 sing N N 390 
THR OXT HXT  sing N N 391 
TRP N   CA   sing N N 392 
TRP N   H    sing N N 393 
TRP N   H2   sing N N 394 
TRP CA  C    sing N N 395 
TRP CA  CB   sing N N 396 
TRP CA  HA   sing N N 397 
TRP C   O    doub N N 398 
TRP C   OXT  sing N N 399 
TRP CB  CG   sing N N 400 
TRP CB  HB2  sing N N 401 
TRP CB  HB3  sing N N 402 
TRP CG  CD1  doub Y N 403 
TRP CG  CD2  sing Y N 404 
TRP CD1 NE1  sing Y N 405 
TRP CD1 HD1  sing N N 406 
TRP CD2 CE2  doub Y N 407 
TRP CD2 CE3  sing Y N 408 
TRP NE1 CE2  sing Y N 409 
TRP NE1 HE1  sing N N 410 
TRP CE2 CZ2  sing Y N 411 
TRP CE3 CZ3  doub Y N 412 
TRP CE3 HE3  sing N N 413 
TRP CZ2 CH2  doub Y N 414 
TRP CZ2 HZ2  sing N N 415 
TRP CZ3 CH2  sing Y N 416 
TRP CZ3 HZ3  sing N N 417 
TRP CH2 HH2  sing N N 418 
TRP OXT HXT  sing N N 419 
TYR N   CA   sing N N 420 
TYR N   H    sing N N 421 
TYR N   H2   sing N N 422 
TYR CA  C    sing N N 423 
TYR CA  CB   sing N N 424 
TYR CA  HA   sing N N 425 
TYR C   O    doub N N 426 
TYR C   OXT  sing N N 427 
TYR CB  CG   sing N N 428 
TYR CB  HB2  sing N N 429 
TYR CB  HB3  sing N N 430 
TYR CG  CD1  doub Y N 431 
TYR CG  CD2  sing Y N 432 
TYR CD1 CE1  sing Y N 433 
TYR CD1 HD1  sing N N 434 
TYR CD2 CE2  doub Y N 435 
TYR CD2 HD2  sing N N 436 
TYR CE1 CZ   doub Y N 437 
TYR CE1 HE1  sing N N 438 
TYR CE2 CZ   sing Y N 439 
TYR CE2 HE2  sing N N 440 
TYR CZ  OH   sing N N 441 
TYR OH  HH   sing N N 442 
TYR OXT HXT  sing N N 443 
VAL N   CA   sing N N 444 
VAL N   H    sing N N 445 
VAL N   H2   sing N N 446 
VAL CA  C    sing N N 447 
VAL CA  CB   sing N N 448 
VAL CA  HA   sing N N 449 
VAL C   O    doub N N 450 
VAL C   OXT  sing N N 451 
VAL CB  CG1  sing N N 452 
VAL CB  CG2  sing N N 453 
VAL CB  HB   sing N N 454 
VAL CG1 HG11 sing N N 455 
VAL CG1 HG12 sing N N 456 
VAL CG1 HG13 sing N N 457 
VAL CG2 HG21 sing N N 458 
VAL CG2 HG22 sing N N 459 
VAL CG2 HG23 sing N N 460 
VAL OXT HXT  sing N N 461 
# 
_pdbx_audit_support.funding_organization   'National Science Foundation (NSF, United States)' 
_pdbx_audit_support.country                'United States' 
_pdbx_audit_support.grant_number           ? 
_pdbx_audit_support.ordinal                1 
# 
_pdbx_entity_instance_feature.ordinal        1 
_pdbx_entity_instance_feature.comp_id        NBE 
_pdbx_entity_instance_feature.asym_id        ? 
_pdbx_entity_instance_feature.seq_num        ? 
_pdbx_entity_instance_feature.auth_comp_id   NBE 
_pdbx_entity_instance_feature.auth_asym_id   ? 
_pdbx_entity_instance_feature.auth_seq_num   ? 
_pdbx_entity_instance_feature.feature_type   'SUBJECT OF INVESTIGATION' 
_pdbx_entity_instance_feature.details        ? 
# 
_pdbx_initial_refinement_model.id               1 
_pdbx_initial_refinement_model.entity_id_list   ? 
_pdbx_initial_refinement_model.type             'experimental model' 
_pdbx_initial_refinement_model.source_name      PDB 
_pdbx_initial_refinement_model.accession_code   2mbw 
_pdbx_initial_refinement_model.details          'PDB entry 2MBW' 
# 
_atom_sites.entry_id                    8FDJ 
_atom_sites.Cartn_transf_matrix[1][1]   ? 
_atom_sites.Cartn_transf_matrix[1][2]   ? 
_atom_sites.Cartn_transf_matrix[1][3]   ? 
_atom_sites.Cartn_transf_matrix[2][1]   ? 
_atom_sites.Cartn_transf_matrix[2][2]   ? 
_atom_sites.Cartn_transf_matrix[2][3]   ? 
_atom_sites.Cartn_transf_matrix[3][1]   ? 
_atom_sites.Cartn_transf_matrix[3][2]   ? 
_atom_sites.Cartn_transf_matrix[3][3]   ? 
_atom_sites.Cartn_transf_vector[1]      ? 
_atom_sites.Cartn_transf_vector[2]      ? 
_atom_sites.Cartn_transf_vector[3]      ? 
_atom_sites.fract_transf_matrix[1][1]   -0.02272586 
_atom_sites.fract_transf_matrix[1][2]   0.01761374 
_atom_sites.fract_transf_matrix[1][3]   0.00827777 
_atom_sites.fract_transf_matrix[2][1]   -0.02149217 
_atom_sites.fract_transf_matrix[2][2]   -0.02440072 
_atom_sites.fract_transf_matrix[2][3]   -0.00708404 
_atom_sites.fract_transf_matrix[3][1]   -0.00185041 
_atom_sites.fract_transf_matrix[3][2]   -0.00290265 
_atom_sites.fract_transf_matrix[3][3]   0.01561201 
_atom_sites.fract_transf_vector[1]      -0.257391 
_atom_sites.fract_transf_vector[2]      0.140316 
_atom_sites.fract_transf_vector[3]      -0.252294 
_atom_sites.solution_primary            ? 
_atom_sites.solution_secondary          ? 
_atom_sites.solution_hydrogens          ? 
_atom_sites.special_details             ? 
# 
loop_
_atom_type.symbol 
C  
FE 
N  
O  
S  
# 
loop_
_atom_site.group_PDB 
_atom_site.id 
_atom_site.type_symbol 
_atom_site.label_atom_id 
_atom_site.label_alt_id 
_atom_site.label_comp_id 
_atom_site.label_asym_id 
_atom_site.label_entity_id 
_atom_site.label_seq_id 
_atom_site.pdbx_PDB_ins_code 
_atom_site.Cartn_x 
_atom_site.Cartn_y 
_atom_site.Cartn_z 
_atom_site.occupancy 
_atom_site.B_iso_or_equiv 
_atom_site.pdbx_formal_charge 
_atom_site.auth_seq_id 
_atom_site.auth_comp_id 
_atom_site.auth_asym_id 
_atom_site.auth_atom_id 
_atom_site.pdbx_PDB_model_num 
ATOM   1    N  N   . VAL A 1 2   ? 2.471   -13.321 13.736  1.00 30.50 ? 1   VAL A N   1 
ATOM   2    C  CA  . VAL A 1 2   ? 3.673   -13.568 12.871  1.00 29.39 ? 1   VAL A CA  1 
ATOM   3    C  C   . VAL A 1 2   ? 3.278   -14.474 11.697  1.00 27.15 ? 1   VAL A C   1 
ATOM   4    O  O   . VAL A 1 2   ? 2.528   -15.445 11.848  1.00 25.85 ? 1   VAL A O   1 
ATOM   5    C  CB  . VAL A 1 2   ? 4.835   -14.171 13.679  1.00 32.47 ? 1   VAL A CB  1 
ATOM   6    C  CG1 . VAL A 1 2   ? 5.950   -14.683 12.788  1.00 32.88 ? 1   VAL A CG1 1 
ATOM   7    C  CG2 . VAL A 1 2   ? 5.374   -13.179 14.695  1.00 32.91 ? 1   VAL A CG2 1 
ATOM   8    N  N   . LEU A 1 3   ? 3.793   -14.161 10.509  1.00 20.98 ? 2   LEU A N   1 
ATOM   9    C  CA  . LEU A 1 3   ? 3.571   -15.038 9.367   1.00 20.01 ? 2   LEU A CA  1 
ATOM   10   C  C   . LEU A 1 3   ? 4.568   -16.194 9.428   1.00 19.42 ? 2   LEU A C   1 
ATOM   11   O  O   . LEU A 1 3   ? 5.723   -16.017 9.854   1.00 19.66 ? 2   LEU A O   1 
ATOM   12   C  CB  . LEU A 1 3   ? 3.773   -14.293 8.035   1.00 19.02 ? 2   LEU A CB  1 
ATOM   13   C  CG  . LEU A 1 3   ? 2.647   -13.350 7.598   1.00 17.68 ? 2   LEU A CG  1 
ATOM   14   C  CD1 . LEU A 1 3   ? 2.597   -12.107 8.485   1.00 18.07 ? 2   LEU A CD1 1 
ATOM   15   C  CD2 . LEU A 1 3   ? 2.830   -12.957 6.127   1.00 18.95 ? 2   LEU A CD2 1 
ATOM   16   N  N   . SER A 1 4   ? 4.141   -17.339 8.901   1.00 20.07 ? 3   SER A N   1 
ATOM   17   C  CA  . SER A 1 4   ? 5.029   -18.451 8.669   1.00 19.78 ? 3   SER A CA  1 
ATOM   18   C  C   . SER A 1 4   ? 5.990   -18.089 7.538   1.00 20.62 ? 3   SER A C   1 
ATOM   19   O  O   . SER A 1 4   ? 5.692   -17.262 6.680   1.00 17.97 ? 3   SER A O   1 
ATOM   20   C  CB  . SER A 1 4   ? 4.286   -19.677 8.308   1.00 19.92 ? 3   SER A CB  1 
ATOM   21   O  OG  . SER A 1 4   ? 3.654   -19.543 7.052   1.00 19.53 ? 3   SER A OG  1 
ATOM   22   N  N   . GLU A 1 5   ? 7.104   -18.811 7.489   1.00 20.89 ? 4   GLU A N   1 
ATOM   23   C  CA  . GLU A 1 5   ? 7.994   -18.730 6.365   1.00 20.56 ? 4   GLU A CA  1 
ATOM   24   C  C   . GLU A 1 5   ? 7.246   -19.022 5.046   1.00 19.01 ? 4   GLU A C   1 
ATOM   25   O  O   . GLU A 1 5   ? 7.522   -18.363 4.023   1.00 18.48 ? 4   GLU A O   1 
ATOM   26   C  CB  . GLU A 1 5   ? 9.171   -19.685 6.571   1.00 21.70 ? 4   GLU A CB  1 
ATOM   27   C  CG  . GLU A 1 5   ? 10.004  -19.838 5.324   1.00 25.51 ? 4   GLU A CG  1 
ATOM   28   C  CD  . GLU A 1 5   ? 10.563  -18.501 4.852   1.00 24.68 ? 4   GLU A CD  1 
ATOM   29   O  OE1 . GLU A 1 5   ? 11.034  -17.720 5.738   1.00 23.93 ? 4   GLU A OE1 1 
ATOM   30   O  OE2 . GLU A 1 5   ? 10.506  -18.230 3.621   1.00 29.86 ? 4   GLU A OE2 1 
ATOM   31   N  N   . GLY A 1 6   ? 6.354   -20.036 5.019   1.00 16.36 ? 5   GLY A N   1 
ATOM   32   C  CA  . GLY A 1 6   ? 5.577   -20.328 3.844   1.00 16.48 ? 5   GLY A CA  1 
ATOM   33   C  C   . GLY A 1 6   ? 4.695   -19.164 3.390   1.00 15.62 ? 5   GLY A C   1 
ATOM   34   O  O   . GLY A 1 6   ? 4.612   -18.891 2.184   1.00 16.75 ? 5   GLY A O   1 
ATOM   35   N  N   . GLU A 1 7   ? 4.069   -18.480 4.354   1.00 16.18 ? 6   GLU A N   1 
ATOM   36   C  CA  . GLU A 1 7   ? 3.230   -17.274 4.114   1.00 16.52 ? 6   GLU A CA  1 
ATOM   37   C  C   . GLU A 1 7   ? 4.084   -16.141 3.513   1.00 14.09 ? 6   GLU A C   1 
ATOM   38   O  O   . GLU A 1 7   ? 3.685   -15.521 2.528   1.00 12.73 ? 6   GLU A O   1 
ATOM   39   C  CB  . GLU A 1 7   ? 2.544   -16.829 5.408   1.00 17.55 ? 6   GLU A CB  1 
ATOM   40   C  CG  . GLU A 1 7   ? 1.393   -17.762 5.765   1.00 19.51 ? 6   GLU A CG  1 
ATOM   41   C  CD  . GLU A 1 7   ? 0.768   -17.572 7.130   1.00 19.18 ? 6   GLU A CD  1 
ATOM   42   O  OE1 . GLU A 1 7   ? 1.447   -17.074 8.052   1.00 18.61 ? 6   GLU A OE1 1 
ATOM   43   O  OE2 . GLU A 1 7   ? -0.410  -17.935 7.262   1.00 23.55 ? 6   GLU A OE2 1 
ATOM   44   N  N   . TRP A 1 8   ? 5.256   -15.903 4.097   1.00 14.13 ? 7   TRP A N   1 
ATOM   45   C  CA  . TRP A 1 8   ? 6.214   -14.921 3.531   1.00 13.54 ? 7   TRP A CA  1 
ATOM   46   C  C   . TRP A 1 8   ? 6.569   -15.255 2.077   1.00 14.97 ? 7   TRP A C   1 
ATOM   47   O  O   . TRP A 1 8   ? 6.611   -14.326 1.211   1.00 12.67 ? 7   TRP A O   1 
ATOM   48   C  CB  . TRP A 1 8   ? 7.458   -14.753 4.413   1.00 14.79 ? 7   TRP A CB  1 
ATOM   49   C  CG  . TRP A 1 8   ? 7.222   -13.913 5.625   1.00 14.51 ? 7   TRP A CG  1 
ATOM   50   C  CD1 . TRP A 1 8   ? 7.398   -14.277 6.935   1.00 14.69 ? 7   TRP A CD1 1 
ATOM   51   C  CD2 . TRP A 1 8   ? 6.734   -12.562 5.655   1.00 15.30 ? 7   TRP A CD2 1 
ATOM   52   N  NE1 . TRP A 1 8   ? 7.071   -13.254 7.773   1.00 15.18 ? 7   TRP A NE1 1 
ATOM   53   C  CE2 . TRP A 1 8   ? 6.625   -12.199 7.011   1.00 14.46 ? 7   TRP A CE2 1 
ATOM   54   C  CE3 . TRP A 1 8   ? 6.335   -11.645 4.675   1.00 14.31 ? 7   TRP A CE3 1 
ATOM   55   C  CZ2 . TRP A 1 8   ? 6.169   -10.948 7.409   1.00 15.13 ? 7   TRP A CZ2 1 
ATOM   56   C  CZ3 . TRP A 1 8   ? 5.897   -10.411 5.080   1.00 14.36 ? 7   TRP A CZ3 1 
ATOM   57   C  CH2 . TRP A 1 8   ? 5.788   -10.077 6.429   1.00 14.11 ? 7   TRP A CH2 1 
ATOM   58   N  N   . GLN A 1 9   ? 6.828   -16.539 1.776   1.00 15.56 ? 8   GLN A N   1 
ATOM   59   C  CA  . GLN A 1 9   ? 7.231   -16.905 0.443   1.00 17.63 ? 8   GLN A CA  1 
ATOM   60   C  C   . GLN A 1 9   ? 6.106   -16.549 -0.535  1.00 17.97 ? 8   GLN A C   1 
ATOM   61   O  O   . GLN A 1 9   ? 6.386   -16.045 -1.616  1.00 14.67 ? 8   GLN A O   1 
ATOM   62   C  CB  . GLN A 1 9   ? 7.605   -18.392 0.348   1.00 20.68 ? 8   GLN A CB  1 
ATOM   63   C  CG  . GLN A 1 9   ? 8.141   -18.772 -1.027  1.00 23.34 ? 8   GLN A CG  1 
ATOM   64   C  CD  . GLN A 1 9   ? 8.933   -20.057 -0.980  1.00 27.42 ? 8   GLN A CD  1 
ATOM   65   O  OE1 . GLN A 1 9   ? 8.666   -20.929 -0.145  1.00 30.28 ? 8   GLN A OE1 1 
ATOM   66   N  NE2 . GLN A 1 9   ? 9.923   -20.183 -1.858  1.00 25.25 ? 8   GLN A NE2 1 
ATOM   67   N  N   . LEU A 1 10  ? 4.839   -16.840 -0.165  1.00 15.46 ? 9   LEU A N   1 
ATOM   68   C  CA  . LEU A 1 10  ? 3.708   -16.505 -1.042  1.00 14.52 ? 9   LEU A CA  1 
ATOM   69   C  C   . LEU A 1 10  ? 3.628   -14.993 -1.293  1.00 12.57 ? 9   LEU A C   1 
ATOM   70   O  O   . LEU A 1 10  ? 3.373   -14.548 -2.413  1.00 12.10 ? 9   LEU A O   1 
ATOM   71   C  CB  . LEU A 1 10  ? 2.381   -16.957 -0.436  1.00 15.10 ? 9   LEU A CB  1 
ATOM   72   C  CG  . LEU A 1 10  ? 2.183   -18.466 -0.369  1.00 15.30 ? 9   LEU A CG  1 
ATOM   73   C  CD1 . LEU A 1 10  ? 1.006   -18.816 0.525   1.00 15.89 ? 9   LEU A CD1 1 
ATOM   74   C  CD2 . LEU A 1 10  ? 2.009   -19.046 -1.757  1.00 16.28 ? 9   LEU A CD2 1 
ATOM   75   N  N   . VAL A 1 11  ? 3.778   -14.233 -0.216  1.00 11.80 ? 10  VAL A N   1 
ATOM   76   C  CA  . VAL A 1 11  ? 3.760   -12.758 -0.282  1.00 12.06 ? 10  VAL A CA  1 
ATOM   77   C  C   . VAL A 1 11  ? 4.822   -12.270 -1.272  1.00 13.24 ? 10  VAL A C   1 
ATOM   78   O  O   . VAL A 1 11  ? 4.534   -11.479 -2.175  1.00 12.95 ? 10  VAL A O   1 
ATOM   79   C  CB  . VAL A 1 11  ? 3.975   -12.162 1.122   1.00 12.52 ? 10  VAL A CB  1 
ATOM   80   C  CG1 . VAL A 1 11  ? 4.361   -10.683 1.074   1.00 12.90 ? 10  VAL A CG1 1 
ATOM   81   C  CG2 . VAL A 1 11  ? 2.722   -12.376 1.970   1.00 12.65 ? 10  VAL A CG2 1 
ATOM   82   N  N   . LEU A 1 12  ? 6.065   -12.733 -1.080  1.00 12.71 ? 11  LEU A N   1 
ATOM   83   C  CA  . LEU A 1 12  ? 7.201   -12.148 -1.785  1.00 14.24 ? 11  LEU A CA  1 
ATOM   84   C  C   . LEU A 1 12  ? 7.227   -12.695 -3.208  1.00 14.29 ? 11  LEU A C   1 
ATOM   85   O  O   . LEU A 1 12  ? 7.757   -12.077 -4.088  1.00 15.76 ? 11  LEU A O   1 
ATOM   86   C  CB  . LEU A 1 12  ? 8.497   -12.446 -1.026  1.00 14.31 ? 11  LEU A CB  1 
ATOM   87   C  CG  . LEU A 1 12  ? 8.611   -11.731 0.322   1.00 14.60 ? 11  LEU A CG  1 
ATOM   88   C  CD1 . LEU A 1 12  ? 9.921   -12.055 1.002   1.00 16.65 ? 11  LEU A CD1 1 
ATOM   89   C  CD2 . LEU A 1 12  ? 8.469   -10.218 0.160   1.00 15.78 ? 11  LEU A CD2 1 
ATOM   90   N  N   . HIS A 1 13  ? 6.638   -13.869 -3.418  1.00 16.71 ? 12  HIS A N   1 
ATOM   91   C  CA  . HIS A 1 13  ? 6.476   -14.394 -4.757  1.00 18.16 ? 12  HIS A CA  1 
ATOM   92   C  C   . HIS A 1 13  ? 5.611   -13.445 -5.590  1.00 18.29 ? 12  HIS A C   1 
ATOM   93   O  O   . HIS A 1 13  ? 6.054   -12.972 -6.627  1.00 18.10 ? 12  HIS A O   1 
ATOM   94   C  CB  . HIS A 1 13  ? 5.878   -15.789 -4.754  1.00 19.32 ? 12  HIS A CB  1 
ATOM   95   C  CG  . HIS A 1 13  ? 5.983   -16.436 -6.092  1.00 22.91 ? 12  HIS A CG  1 
ATOM   96   N  ND1 . HIS A 1 13  ? 7.203   -16.781 -6.656  1.00 23.32 ? 12  HIS A ND1 1 
ATOM   97   C  CD2 . HIS A 1 13  ? 5.038   -16.776 -7.001  1.00 24.92 ? 12  HIS A CD2 1 
ATOM   98   C  CE1 . HIS A 1 13  ? 6.996   -17.328 -7.846  1.00 23.28 ? 12  HIS A CE1 1 
ATOM   99   N  NE2 . HIS A 1 13  ? 5.687   -17.326 -8.082  1.00 22.58 ? 12  HIS A NE2 1 
ATOM   100  N  N   . VAL A 1 14  ? 4.414   -13.118 -5.075  1.00 16.15 ? 13  VAL A N   1 
ATOM   101  C  CA  . VAL A 1 14  ? 3.538   -12.187 -5.788  1.00 16.90 ? 13  VAL A CA  1 
ATOM   102  C  C   . VAL A 1 14  ? 4.190   -10.797 -5.907  1.00 16.34 ? 13  VAL A C   1 
ATOM   103  O  O   . VAL A 1 14  ? 4.024   -10.145 -6.934  1.00 18.42 ? 13  VAL A O   1 
ATOM   104  C  CB  . VAL A 1 14  ? 2.131   -12.079 -5.195  1.00 21.12 ? 13  VAL A CB  1 
ATOM   105  C  CG1 . VAL A 1 14  ? 2.102   -11.366 -3.854  1.00 21.78 ? 13  VAL A CG1 1 
ATOM   106  C  CG2 . VAL A 1 14  ? 1.201   -11.411 -6.186  1.00 21.66 ? 13  VAL A CG2 1 
ATOM   107  N  N   . TRP A 1 15  ? 4.912   -10.334 -4.882  1.00 15.95 ? 14  TRP A N   1 
ATOM   108  C  CA  . TRP A 1 15  ? 5.529   -9.034  -4.950  1.00 16.02 ? 14  TRP A CA  1 
ATOM   109  C  C   . TRP A 1 15  ? 6.640   -8.997  -6.005  1.00 17.43 ? 14  TRP A C   1 
ATOM   110  O  O   . TRP A 1 15  ? 6.771   -7.992  -6.678  1.00 16.69 ? 14  TRP A O   1 
ATOM   111  C  CB  . TRP A 1 15  ? 6.094   -8.539  -3.621  1.00 16.78 ? 14  TRP A CB  1 
ATOM   112  C  CG  . TRP A 1 15  ? 6.129   -7.046  -3.627  1.00 16.96 ? 14  TRP A CG  1 
ATOM   113  C  CD1 . TRP A 1 15  ? 7.167   -6.197  -3.895  1.00 17.05 ? 14  TRP A CD1 1 
ATOM   114  C  CD2 . TRP A 1 15  ? 4.966   -6.228  -3.483  1.00 16.96 ? 14  TRP A CD2 1 
ATOM   115  N  NE1 . TRP A 1 15  ? 6.729   -4.899  -3.844  1.00 17.86 ? 14  TRP A NE1 1 
ATOM   116  C  CE2 . TRP A 1 15  ? 5.383   -4.888  -3.599  1.00 19.68 ? 14  TRP A CE2 1 
ATOM   117  C  CE3 . TRP A 1 15  ? 3.631   -6.510  -3.234  1.00 17.32 ? 14  TRP A CE3 1 
ATOM   118  C  CZ2 . TRP A 1 15  ? 4.488   -3.828  -3.480  1.00 17.70 ? 14  TRP A CZ2 1 
ATOM   119  C  CZ3 . TRP A 1 15  ? 2.746   -5.461  -3.108  1.00 19.54 ? 14  TRP A CZ3 1 
ATOM   120  C  CH2 . TRP A 1 15  ? 3.177   -4.142  -3.223  1.00 18.68 ? 14  TRP A CH2 1 
ATOM   121  N  N   . ALA A 1 16  ? 7.431   -10.077 -6.159  1.00 15.92 ? 15  ALA A N   1 
ATOM   122  C  CA  . ALA A 1 16  ? 8.460   -10.112 -7.212  1.00 17.61 ? 15  ALA A CA  1 
ATOM   123  C  C   . ALA A 1 16  ? 7.827   -9.775  -8.561  1.00 19.08 ? 15  ALA A C   1 
ATOM   124  O  O   . ALA A 1 16  ? 8.484   -9.134  -9.405  1.00 20.37 ? 15  ALA A O   1 
ATOM   125  C  CB  . ALA A 1 16  ? 9.133   -11.462 -7.284  1.00 16.05 ? 15  ALA A CB  1 
ATOM   126  N  N   . LYS A 1 17  ? 6.572   -10.196 -8.735  1.00 17.63 ? 16  LYS A N   1 
ATOM   127  C  CA  . LYS A 1 17  ? 5.797   -10.002 -9.943  1.00 20.98 ? 16  LYS A CA  1 
ATOM   128  C  C   . LYS A 1 17  ? 5.305   -8.559  -10.062 1.00 24.39 ? 16  LYS A C   1 
ATOM   129  O  O   . LYS A 1 17  ? 5.175   -8.028  -11.155 1.00 24.09 ? 16  LYS A O   1 
ATOM   130  C  CB  . LYS A 1 17  ? 4.526   -10.845 -9.960  1.00 19.77 ? 16  LYS A CB  1 
ATOM   131  C  CG  . LYS A 1 17  ? 4.670   -12.357 -9.796  1.00 20.57 ? 16  LYS A CG  1 
ATOM   132  C  CD  . LYS A 1 17  ? 5.359   -13.021 -10.934 1.00 21.07 ? 16  LYS A CD  1 
ATOM   133  C  CE  . LYS A 1 17  ? 5.736   -14.464 -10.682 1.00 22.28 ? 16  LYS A CE  1 
ATOM   134  N  NZ  . LYS A 1 17  ? 6.211   -15.089 -11.934 1.00 23.61 ? 16  LYS A NZ  1 
ATOM   135  N  N   . VAL A 1 18  ? 4.865   -7.977  -8.947  1.00 27.26 ? 17  VAL A N   1 
ATOM   136  C  CA  . VAL A 1 18  ? 4.390   -6.590  -8.991  1.00 27.00 ? 17  VAL A CA  1 
ATOM   137  C  C   . VAL A 1 18  ? 5.513   -5.751  -9.581  1.00 28.40 ? 17  VAL A C   1 
ATOM   138  O  O   . VAL A 1 18  ? 5.281   -4.794  -10.331 1.00 31.43 ? 17  VAL A O   1 
ATOM   139  C  CB  . VAL A 1 18  ? 3.999   -6.088  -7.587  1.00 24.73 ? 17  VAL A CB  1 
ATOM   140  C  CG1 . VAL A 1 18  ? 4.026   -4.570  -7.482  1.00 25.16 ? 17  VAL A CG1 1 
ATOM   141  C  CG2 . VAL A 1 18  ? 2.645   -6.624  -7.211  1.00 25.20 ? 17  VAL A CG2 1 
ATOM   142  N  N   . GLU A 1 19  ? 6.732   -6.135  -9.215  1.00 27.54 ? 18  GLU A N   1 
ATOM   143  C  CA  . GLU A 1 19  ? 7.902   -5.416  -9.529  1.00 29.85 ? 18  GLU A CA  1 
ATOM   144  C  C   . GLU A 1 19  ? 8.289   -5.552  -10.998 1.00 31.22 ? 18  GLU A C   1 
ATOM   145  O  O   . GLU A 1 19  ? 9.193   -4.871  -11.401 1.00 31.61 ? 18  GLU A O   1 
ATOM   146  C  CB  . GLU A 1 19  ? 9.028   -5.860  -8.607  1.00 31.22 ? 18  GLU A CB  1 
ATOM   147  C  CG  . GLU A 1 19  ? 8.881   -5.243  -7.239  1.00 34.13 ? 18  GLU A CG  1 
ATOM   148  C  CD  . GLU A 1 19  ? 9.997   -5.583  -6.288  1.00 32.98 ? 18  GLU A CD  1 
ATOM   149  O  OE1 . GLU A 1 19  ? 10.753  -6.493  -6.615  1.00 35.29 ? 18  GLU A OE1 1 
ATOM   150  O  OE2 . GLU A 1 19  ? 10.105  -4.918  -5.241  1.00 41.82 ? 18  GLU A OE2 1 
ATOM   151  N  N   . ALA A 1 20  ? 7.586   -6.377  -11.787 1.00 33.56 ? 19  ALA A N   1 
ATOM   152  C  CA  . ALA A 1 20  ? 7.763   -6.336  -13.245 1.00 34.41 ? 19  ALA A CA  1 
ATOM   153  C  C   . ALA A 1 20  ? 7.311   -4.970  -13.786 1.00 35.56 ? 19  ALA A C   1 
ATOM   154  O  O   . ALA A 1 20  ? 7.866   -4.444  -14.786 1.00 32.47 ? 19  ALA A O   1 
ATOM   155  C  CB  . ALA A 1 20  ? 7.009   -7.462  -13.895 1.00 35.70 ? 19  ALA A CB  1 
ATOM   156  N  N   . ASP A 1 21  ? 6.308   -4.387  -13.116 1.00 30.38 ? 20  ASP A N   1 
ATOM   157  C  CA  . ASP A 1 21  ? 5.804   -3.080  -13.475 1.00 26.10 ? 20  ASP A CA  1 
ATOM   158  C  C   . ASP A 1 21  ? 5.431   -2.268  -12.215 1.00 22.24 ? 20  ASP A C   1 
ATOM   159  O  O   . ASP A 1 21  ? 4.251   -2.063  -11.956 1.00 25.18 ? 20  ASP A O   1 
ATOM   160  C  CB  . ASP A 1 21  ? 4.618   -3.260  -14.426 1.00 26.21 ? 20  ASP A CB  1 
ATOM   161  C  CG  . ASP A 1 21  ? 4.032   -1.950  -14.933 1.00 23.19 ? 20  ASP A CG  1 
ATOM   162  O  OD1 . ASP A 1 21  ? 4.721   -0.915  -14.857 1.00 24.23 ? 20  ASP A OD1 1 
ATOM   163  O  OD2 . ASP A 1 21  ? 2.908   -1.984  -15.384 1.00 25.10 ? 20  ASP A OD2 1 
ATOM   164  N  N   . VAL A 1 22  ? 6.417   -1.718  -11.503 1.00 25.95 ? 21  VAL A N   1 
ATOM   165  C  CA  . VAL A 1 22  ? 6.122   -0.971  -10.261 1.00 24.41 ? 21  VAL A CA  1 
ATOM   166  C  C   . VAL A 1 22  ? 5.161   0.188   -10.595 1.00 25.43 ? 21  VAL A C   1 
ATOM   167  O  O   . VAL A 1 22  ? 4.186   0.434   -9.904  1.00 23.45 ? 21  VAL A O   1 
ATOM   168  C  CB  . VAL A 1 22  ? 7.380   -0.439  -9.554  1.00 27.08 ? 21  VAL A CB  1 
ATOM   169  C  CG1 . VAL A 1 22  ? 6.998   0.294   -8.266  1.00 28.13 ? 21  VAL A CG1 1 
ATOM   170  C  CG2 . VAL A 1 22  ? 8.401   -1.531  -9.262  1.00 29.49 ? 21  VAL A CG2 1 
ATOM   171  N  N   . ALA A 1 23  ? 5.431   0.879   -11.700 1.00 24.94 ? 22  ALA A N   1 
ATOM   172  C  CA  . ALA A 1 23  ? 4.684   2.091   -12.076 1.00 23.85 ? 22  ALA A CA  1 
ATOM   173  C  C   . ALA A 1 23  ? 3.219   1.771   -12.401 1.00 22.48 ? 22  ALA A C   1 
ATOM   174  O  O   . ALA A 1 23  ? 2.310   2.487   -11.969 1.00 24.10 ? 22  ALA A O   1 
ATOM   175  C  CB  . ALA A 1 23  ? 5.378   2.746   -13.246 1.00 26.07 ? 22  ALA A CB  1 
ATOM   176  N  N   . GLY A 1 24  ? 2.974   0.713   -13.175 1.00 21.12 ? 23  GLY A N   1 
ATOM   177  C  CA  . GLY A 1 24  ? 1.635   0.340   -13.590 1.00 18.67 ? 23  GLY A CA  1 
ATOM   178  C  C   . GLY A 1 24  ? 0.781   -0.135  -12.416 1.00 21.15 ? 23  GLY A C   1 
ATOM   179  O  O   . GLY A 1 24  ? -0.439  0.189   -12.329 1.00 18.72 ? 23  GLY A O   1 
ATOM   180  N  N   . HIS A 1 25  ? 1.396   -0.952  -11.536 1.00 18.95 ? 24  HIS A N   1 
ATOM   181  C  CA  . HIS A 1 25  ? 0.764   -1.356  -10.284 1.00 20.14 ? 24  HIS A CA  1 
ATOM   182  C  C   . HIS A 1 25  ? 0.371   -0.144  -9.439  1.00 16.84 ? 24  HIS A C   1 
ATOM   183  O  O   . HIS A 1 25  ? -0.756  -0.128  -8.899  1.00 17.62 ? 24  HIS A O   1 
ATOM   184  C  CB  . HIS A 1 25  ? 1.676   -2.307  -9.498  1.00 19.90 ? 24  HIS A CB  1 
ATOM   185  C  CG  . HIS A 1 25  ? 1.655   -3.657  -10.121 1.00 24.65 ? 24  HIS A CG  1 
ATOM   186  N  ND1 . HIS A 1 25  ? 2.526   -3.990  -11.145 1.00 26.34 ? 24  HIS A ND1 1 
ATOM   187  C  CD2 . HIS A 1 25  ? 0.840   -4.720  -9.949  1.00 26.06 ? 24  HIS A CD2 1 
ATOM   188  C  CE1 . HIS A 1 25  ? 2.276   -5.226  -11.538 1.00 23.84 ? 24  HIS A CE1 1 
ATOM   189  N  NE2 . HIS A 1 25  ? 1.244   -5.685  -10.835 1.00 26.79 ? 24  HIS A NE2 1 
ATOM   190  N  N   . GLY A 1 26  ? 1.304   0.805   -9.305  1.00 16.36 ? 25  GLY A N   1 
ATOM   191  C  CA  . GLY A 1 26  ? 1.140   2.010   -8.490  1.00 17.40 ? 25  GLY A CA  1 
ATOM   192  C  C   . GLY A 1 26  ? -0.074  2.797   -8.929  1.00 16.22 ? 25  GLY A C   1 
ATOM   193  O  O   . GLY A 1 26  ? -0.884  3.226   -8.096  1.00 15.06 ? 25  GLY A O   1 
ATOM   194  N  N   . GLN A 1 27  ? -0.213  2.959   -10.250 1.00 17.79 ? 26  GLN A N   1 
ATOM   195  C  CA  . GLN A 1 27  ? -1.324  3.689   -10.828 1.00 18.12 ? 26  GLN A CA  1 
ATOM   196  C  C   . GLN A 1 27  ? -2.644  3.019   -10.460 1.00 17.56 ? 26  GLN A C   1 
ATOM   197  O  O   . GLN A 1 27  ? -3.563  3.661   -9.984  1.00 17.13 ? 26  GLN A O   1 
ATOM   198  C  CB  . GLN A 1 27  ? -1.239  3.729   -12.358 1.00 19.77 ? 26  GLN A CB  1 
ATOM   199  C  CG  . GLN A 1 27  ? -0.193  4.696   -12.880 1.00 21.39 ? 26  GLN A CG  1 
ATOM   200  C  CD  . GLN A 1 27  ? -0.118  4.629   -14.382 1.00 23.60 ? 26  GLN A CD  1 
ATOM   201  O  OE1 . GLN A 1 27  ? -0.029  3.538   -14.944 1.00 24.67 ? 26  GLN A OE1 1 
ATOM   202  N  NE2 . GLN A 1 27  ? -0.163  5.782   -15.034 1.00 24.62 ? 26  GLN A NE2 1 
ATOM   203  N  N   . ASP A 1 28  ? -2.713  1.708   -10.702 1.00 16.82 ? 27  ASP A N   1 
ATOM   204  C  CA  . ASP A 1 28  ? -3.922  0.986   -10.506 1.00 17.53 ? 27  ASP A CA  1 
ATOM   205  C  C   . ASP A 1 28  ? -4.329  1.077   -9.033  1.00 13.59 ? 27  ASP A C   1 
ATOM   206  O  O   . ASP A 1 28  ? -5.514  1.187   -8.742  1.00 13.39 ? 27  ASP A O   1 
ATOM   207  C  CB  . ASP A 1 28  ? -3.788  -0.468  -10.967 1.00 17.72 ? 27  ASP A CB  1 
ATOM   208  C  CG  . ASP A 1 28  ? -3.647  -0.638  -12.469 1.00 23.14 ? 27  ASP A CG  1 
ATOM   209  O  OD1 . ASP A 1 28  ? -3.926  0.341   -13.190 1.00 21.41 ? 27  ASP A OD1 1 
ATOM   210  O  OD2 . ASP A 1 28  ? -3.302  -1.772  -12.903 1.00 25.38 ? 27  ASP A OD2 1 
ATOM   211  N  N   . ILE A 1 29  ? -3.340  0.951   -8.139  1.00 12.60 ? 28  ILE A N   1 
ATOM   212  C  CA  . ILE A 1 29  ? -3.589  0.924   -6.711  1.00 13.18 ? 28  ILE A CA  1 
ATOM   213  C  C   . ILE A 1 29  ? -4.069  2.314   -6.255  1.00 12.10 ? 28  ILE A C   1 
ATOM   214  O  O   . ILE A 1 29  ? -5.110  2.408   -5.606  1.00 11.37 ? 28  ILE A O   1 
ATOM   215  C  CB  . ILE A 1 29  ? -2.364  0.402   -5.939  1.00 13.34 ? 28  ILE A CB  1 
ATOM   216  C  CG1 . ILE A 1 29  ? -2.160  -1.103  -6.177  1.00 14.43 ? 28  ILE A CG1 1 
ATOM   217  C  CG2 . ILE A 1 29  ? -2.458  0.742   -4.445  1.00 12.89 ? 28  ILE A CG2 1 
ATOM   218  C  CD1 . ILE A 1 29  ? -0.788  -1.675  -5.809  1.00 14.11 ? 28  ILE A CD1 1 
ATOM   219  N  N   . LEU A 1 30  ? -3.310  3.380   -6.555  1.00 11.98 ? 29  LEU A N   1 
ATOM   220  C  CA  . LEU A 1 30  ? -3.761  4.735   -6.137  1.00 12.01 ? 29  LEU A CA  1 
ATOM   221  C  C   . LEU A 1 30  ? -5.143  5.064   -6.703  1.00 10.92 ? 29  LEU A C   1 
ATOM   222  O  O   . LEU A 1 30  ? -5.960  5.619   -6.010  1.00 11.12 ? 29  LEU A O   1 
ATOM   223  C  CB  . LEU A 1 30  ? -2.740  5.797   -6.579  1.00 12.81 ? 29  LEU A CB  1 
ATOM   224  C  CG  . LEU A 1 30  ? -1.403  5.813   -5.840  1.00 15.05 ? 29  LEU A CG  1 
ATOM   225  C  CD1 . LEU A 1 30  ? -0.574  7.034   -6.189  1.00 14.66 ? 29  LEU A CD1 1 
ATOM   226  C  CD2 . LEU A 1 30  ? -1.569  5.747   -4.366  1.00 17.72 ? 29  LEU A CD2 1 
ATOM   227  N  N   . ILE A 1 31  ? -5.401  4.767   -7.971  1.00 12.71 ? 30  ILE A N   1 
ATOM   228  C  CA  . ILE A 1 31  ? -6.650  5.146   -8.609  1.00 14.41 ? 30  ILE A CA  1 
ATOM   229  C  C   . ILE A 1 31  ? -7.831  4.401   -7.954  1.00 13.60 ? 30  ILE A C   1 
ATOM   230  O  O   . ILE A 1 31  ? -8.882  4.971   -7.736  1.00 13.78 ? 30  ILE A O   1 
ATOM   231  C  CB  . ILE A 1 31  ? -6.547  4.940   -10.132 1.00 13.95 ? 30  ILE A CB  1 
ATOM   232  C  CG1 . ILE A 1 31  ? -5.593  5.975   -10.754 1.00 14.94 ? 30  ILE A CG1 1 
ATOM   233  C  CG2 . ILE A 1 31  ? -7.925  4.979   -10.778 1.00 15.46 ? 30  ILE A CG2 1 
ATOM   234  C  CD1 . ILE A 1 31  ? -5.212  5.699   -12.189 1.00 14.48 ? 30  ILE A CD1 1 
ATOM   235  N  N   . ARG A 1 32  ? -7.637  3.108   -7.654  1.00 14.23 ? 31  ARG A N   1 
ATOM   236  C  CA  . ARG A 1 32  ? -8.648  2.298   -6.958  1.00 14.98 ? 31  ARG A CA  1 
ATOM   237  C  C   . ARG A 1 32  ? -8.945  2.922   -5.598  1.00 13.75 ? 31  ARG A C   1 
ATOM   238  O  O   . ARG A 1 32  ? -10.104 3.015   -5.204  1.00 13.14 ? 31  ARG A O   1 
ATOM   239  C  CB  . ARG A 1 32  ? -8.165  0.836   -6.861  1.00 19.02 ? 31  ARG A CB  1 
ATOM   240  C  CG  . ARG A 1 32  ? -9.086  -0.100  -6.084  1.00 22.21 ? 31  ARG A CG  1 
ATOM   241  C  CD  . ARG A 1 32  ? -10.467 -0.190  -6.698  1.00 27.34 ? 31  ARG A CD  1 
ATOM   242  N  NE  . ARG A 1 32  ? -11.185 -1.392  -6.266  1.00 33.51 ? 31  ARG A NE  1 
ATOM   243  C  CZ  . ARG A 1 32  ? -12.514 -1.483  -6.169  1.00 38.33 ? 31  ARG A CZ  1 
ATOM   244  N  NH1 . ARG A 1 32  ? -13.285 -0.458  -6.496  1.00 43.03 ? 31  ARG A NH1 1 
ATOM   245  N  NH2 . ARG A 1 32  ? -13.076 -2.593  -5.725  1.00 43.90 ? 31  ARG A NH2 1 
ATOM   246  N  N   . LEU A 1 33  ? -7.893  3.340   -4.873  1.00 11.76 ? 32  LEU A N   1 
ATOM   247  C  CA  . LEU A 1 33  ? -8.058  3.976   -3.596  1.00 12.16 ? 32  LEU A CA  1 
ATOM   248  C  C   . LEU A 1 33  ? -8.869  5.266   -3.737  1.00 11.40 ? 32  LEU A C   1 
ATOM   249  O  O   . LEU A 1 33  ? -9.770  5.509   -2.950  1.00 11.10 ? 32  LEU A O   1 
ATOM   250  C  CB  . LEU A 1 33  ? -6.690  4.322   -2.995  1.00 13.20 ? 32  LEU A CB  1 
ATOM   251  C  CG  . LEU A 1 33  ? -6.733  4.968   -1.616  1.00 14.14 ? 32  LEU A CG  1 
ATOM   252  C  CD1 . LEU A 1 33  ? -7.316  4.016   -0.575  1.00 14.80 ? 32  LEU A CD1 1 
ATOM   253  C  CD2 . LEU A 1 33  ? -5.358  5.437   -1.213  1.00 14.21 ? 32  LEU A CD2 1 
ATOM   254  N  N   . PHE A 1 34  ? -8.467  6.102   -4.708  1.00 10.61 ? 33  PHE A N   1 
ATOM   255  C  CA  . PHE A 1 34  ? -9.031  7.429   -4.809  1.00 11.38 ? 33  PHE A CA  1 
ATOM   256  C  C   . PHE A 1 34  ? -10.495 7.327   -5.235  1.00 12.61 ? 33  PHE A C   1 
ATOM   257  O  O   . PHE A 1 34  ? -11.302 8.195   -4.849  1.00 12.22 ? 33  PHE A O   1 
ATOM   258  C  CB  . PHE A 1 34  ? -8.251  8.293   -5.799  1.00 11.59 ? 33  PHE A CB  1 
ATOM   259  C  CG  . PHE A 1 34  ? -6.875  8.707   -5.349  1.00 10.88 ? 33  PHE A CG  1 
ATOM   260  C  CD1 . PHE A 1 34  ? -6.555  8.819   -4.008  1.00 10.96 ? 33  PHE A CD1 1 
ATOM   261  C  CD2 . PHE A 1 34  ? -5.895  8.991   -6.284  1.00 12.19 ? 33  PHE A CD2 1 
ATOM   262  C  CE1 . PHE A 1 34  ? -5.284  9.168   -3.604  1.00 10.17 ? 33  PHE A CE1 1 
ATOM   263  C  CE2 . PHE A 1 34  ? -4.636  9.390   -5.880  1.00 10.31 ? 33  PHE A CE2 1 
ATOM   264  C  CZ  . PHE A 1 34  ? -4.328  9.467   -4.540  1.00 10.71 ? 33  PHE A CZ  1 
ATOM   265  N  N   . LYS A 1 35  ? -10.832 6.312   -6.038  1.00 12.89 ? 34  LYS A N   1 
ATOM   266  C  CA  . LYS A 1 35  ? -12.214 6.197   -6.498  1.00 16.25 ? 34  LYS A CA  1 
ATOM   267  C  C   . LYS A 1 35  ? -13.115 5.550   -5.446  1.00 15.23 ? 34  LYS A C   1 
ATOM   268  O  O   . LYS A 1 35  ? -14.257 6.025   -5.235  1.00 14.91 ? 34  LYS A O   1 
ATOM   269  C  CB  . LYS A 1 35  ? -12.311 5.442   -7.813  1.00 19.28 ? 34  LYS A CB  1 
ATOM   270  C  CG  . LYS A 1 35  ? -11.798 6.231   -9.000  1.00 22.71 ? 34  LYS A CG  1 
ATOM   271  C  CD  . LYS A 1 35  ? -12.595 5.934   -10.237 1.00 28.82 ? 34  LYS A CD  1 
ATOM   272  C  CE  . LYS A 1 35  ? -12.852 4.451   -10.423 1.00 31.04 ? 34  LYS A CE  1 
ATOM   273  N  NZ  . LYS A 1 35  ? -13.468 4.190   -11.739 1.00 33.01 ? 34  LYS A NZ  1 
ATOM   274  N  N   . SER A 1 36  ? -12.595 4.547   -4.732  1.00 15.78 ? 35  SER A N   1 
ATOM   275  C  CA  . SER A 1 36  ? -13.364 3.826   -3.714  1.00 15.98 ? 35  SER A CA  1 
ATOM   276  C  C   . SER A 1 36  ? -13.560 4.680   -2.466  1.00 15.95 ? 35  SER A C   1 
ATOM   277  O  O   . SER A 1 36  ? -14.549 4.507   -1.745  1.00 17.27 ? 35  SER A O   1 
ATOM   278  C  CB  . SER A 1 36  ? -12.715 2.516   -3.343  1.00 15.42 ? 35  SER A CB  1 
ATOM   279  O  OG  . SER A 1 36  ? -12.479 1.718   -4.488  1.00 17.96 ? 35  SER A OG  1 
ATOM   280  N  N   . HIS A 1 37  ? -12.604 5.562   -2.193  1.00 15.08 ? 36  HIS A N   1 
ATOM   281  C  CA  . HIS A 1 37  ? -12.519 6.316   -0.976  1.00 13.57 ? 36  HIS A CA  1 
ATOM   282  C  C   . HIS A 1 37  ? -12.124 7.753   -1.305  1.00 14.46 ? 36  HIS A C   1 
ATOM   283  O  O   . HIS A 1 37  ? -11.002 8.184   -1.027  1.00 12.68 ? 36  HIS A O   1 
ATOM   284  C  CB  . HIS A 1 37  ? -11.589 5.578   0.000   1.00 12.76 ? 36  HIS A CB  1 
ATOM   285  C  CG  . HIS A 1 37  ? -12.021 4.178   0.314   1.00 13.03 ? 36  HIS A CG  1 
ATOM   286  N  ND1 . HIS A 1 37  ? -12.982 3.894   1.245   1.00 14.46 ? 36  HIS A ND1 1 
ATOM   287  C  CD2 . HIS A 1 37  ? -11.606 2.992   -0.161  1.00 14.20 ? 36  HIS A CD2 1 
ATOM   288  C  CE1 . HIS A 1 37  ? -13.147 2.597   1.332   1.00 14.72 ? 36  HIS A CE1 1 
ATOM   289  N  NE2 . HIS A 1 37  ? -12.330 2.025   0.461   1.00 15.19 ? 36  HIS A NE2 1 
ATOM   290  N  N   . PRO A 1 38  ? -13.045 8.574   -1.876  1.00 16.67 ? 37  PRO A N   1 
ATOM   291  C  CA  . PRO A 1 38  ? -12.693 9.927   -2.316  1.00 15.71 ? 37  PRO A CA  1 
ATOM   292  C  C   . PRO A 1 38  ? -12.106 10.855  -1.245  1.00 16.69 ? 37  PRO A C   1 
ATOM   293  O  O   . PRO A 1 38  ? -11.348 11.769  -1.602  1.00 19.23 ? 37  PRO A O   1 
ATOM   294  C  CB  . PRO A 1 38  ? -14.002 10.525  -2.844  1.00 16.66 ? 37  PRO A CB  1 
ATOM   295  C  CG  . PRO A 1 38  ? -14.850 9.316   -3.184  1.00 17.19 ? 37  PRO A CG  1 
ATOM   296  C  CD  . PRO A 1 38  ? -14.415 8.198   -2.265  1.00 16.86 ? 37  PRO A CD  1 
ATOM   297  N  N   . GLU A 1 39  ? -12.435 10.625  0.029   1.00 16.24 ? 38  GLU A N   1 
ATOM   298  C  CA  . GLU A 1 39  ? -11.837 11.345  1.157   1.00 16.74 ? 38  GLU A CA  1 
ATOM   299  C  C   . GLU A 1 39  ? -10.312 11.235  1.095   1.00 17.28 ? 38  GLU A C   1 
ATOM   300  O  O   . GLU A 1 39  ? -9.629  12.144  1.553   1.00 16.84 ? 38  GLU A O   1 
ATOM   301  C  CB  . GLU A 1 39  ? -12.366 10.873  2.521   1.00 15.71 ? 38  GLU A CB  1 
ATOM   302  C  CG  . GLU A 1 39  ? -11.990 9.463   2.918   1.00 16.59 ? 38  GLU A CG  1 
ATOM   303  C  CD  . GLU A 1 39  ? -12.980 8.410   2.483   1.00 15.52 ? 38  GLU A CD  1 
ATOM   304  O  OE1 . GLU A 1 39  ? -13.439 8.442   1.322   1.00 16.60 ? 38  GLU A OE1 1 
ATOM   305  O  OE2 . GLU A 1 39  ? -13.238 7.539   3.276   1.00 18.95 ? 38  GLU A OE2 1 
ATOM   306  N  N   . THR A 1 40  ? -9.792  10.133  0.533   1.00 15.35 ? 39  THR A N   1 
ATOM   307  C  CA  . THR A 1 40  ? -8.356  9.909   0.543   1.00 15.45 ? 39  THR A CA  1 
ATOM   308  C  C   . THR A 1 40  ? -7.674  10.932  -0.378  1.00 16.10 ? 39  THR A C   1 
ATOM   309  O  O   . THR A 1 40  ? -6.647  11.503  -0.027  1.00 15.44 ? 39  THR A O   1 
ATOM   310  C  CB  . THR A 1 40  ? -7.966  8.466   0.189   1.00 13.69 ? 39  THR A CB  1 
ATOM   311  O  OG1 . THR A 1 40  ? -8.367  8.123   -1.142  1.00 12.48 ? 39  THR A OG1 1 
ATOM   312  C  CG2 . THR A 1 40  ? -8.494  7.471   1.189   1.00 13.23 ? 39  THR A CG2 1 
ATOM   313  N  N   . LEU A 1 41  ? -8.279  11.170  -1.534  1.00 16.46 ? 40  LEU A N   1 
ATOM   314  C  CA  . LEU A 1 41  ? -7.741  12.061  -2.522  1.00 16.59 ? 40  LEU A CA  1 
ATOM   315  C  C   . LEU A 1 41  ? -7.570  13.473  -1.942  1.00 16.00 ? 40  LEU A C   1 
ATOM   316  O  O   . LEU A 1 41  ? -6.654  14.172  -2.319  1.00 15.96 ? 40  LEU A O   1 
ATOM   317  C  CB  . LEU A 1 41  ? -8.682  12.056  -3.730  1.00 15.89 ? 40  LEU A CB  1 
ATOM   318  C  CG  . LEU A 1 41  ? -8.259  12.943  -4.880  1.00 15.86 ? 40  LEU A CG  1 
ATOM   319  C  CD1 . LEU A 1 41  ? -6.850  12.574  -5.325  1.00 14.55 ? 40  LEU A CD1 1 
ATOM   320  C  CD2 . LEU A 1 41  ? -9.258  12.888  -6.038  1.00 16.03 ? 40  LEU A CD2 1 
ATOM   321  N  N   . GLU A 1 42  ? -8.416  13.868  -0.971  1.00 18.84 ? 41  GLU A N   1 
ATOM   322  C  CA  . GLU A 1 42  ? -8.418  15.216  -0.399  1.00 21.72 ? 41  GLU A CA  1 
ATOM   323  C  C   . GLU A 1 42  ? -7.182  15.500  0.468   1.00 21.28 ? 41  GLU A C   1 
ATOM   324  O  O   . GLU A 1 42  ? -6.819  16.670  0.706   1.00 21.78 ? 41  GLU A O   1 
ATOM   325  C  CB  . GLU A 1 42  ? -9.708  15.413  0.403   1.00 25.39 ? 41  GLU A CB  1 
ATOM   326  C  CG  . GLU A 1 42  ? -9.940  16.854  0.778   1.00 29.14 ? 41  GLU A CG  1 
ATOM   327  C  CD  . GLU A 1 42  ? -10.572 17.705  -0.313  1.00 30.81 ? 41  GLU A CD  1 
ATOM   328  O  OE1 . GLU A 1 42  ? -11.082 18.770  0.040   1.00 36.89 ? 41  GLU A OE1 1 
ATOM   329  O  OE2 . GLU A 1 42  ? -10.583 17.294  -1.500  1.00 33.54 ? 41  GLU A OE2 1 
ATOM   330  N  N   . LYS A 1 43  ? -6.490  14.447  0.921   1.00 18.17 ? 42  LYS A N   1 
ATOM   331  C  CA  . LYS A 1 43  ? -5.280  14.596  1.697   1.00 18.13 ? 42  LYS A CA  1 
ATOM   332  C  C   . LYS A 1 43  ? -4.082  15.052  0.853   1.00 17.17 ? 42  LYS A C   1 
ATOM   333  O  O   . LYS A 1 43  ? -3.005  15.244  1.375   1.00 18.20 ? 42  LYS A O   1 
ATOM   334  C  CB  . LYS A 1 43  ? -4.918  13.272  2.363   1.00 19.51 ? 42  LYS A CB  1 
ATOM   335  C  CG  . LYS A 1 43  ? -5.810  12.909  3.535   1.00 20.35 ? 42  LYS A CG  1 
ATOM   336  C  CD  . LYS A 1 43  ? -5.666  13.858  4.695   1.00 21.09 ? 42  LYS A CD  1 
ATOM   337  C  CE  . LYS A 1 43  ? -6.754  13.680  5.725   1.00 23.37 ? 42  LYS A CE  1 
ATOM   338  N  NZ  . LYS A 1 43  ? -6.341  14.342  6.982   1.00 24.98 ? 42  LYS A NZ  1 
ATOM   339  N  N   . PHE A 1 44  ? -4.249  15.109  -0.463  1.00 18.63 ? 43  PHE A N   1 
ATOM   340  C  CA  . PHE A 1 44  ? -3.166  15.360  -1.401  1.00 19.68 ? 43  PHE A CA  1 
ATOM   341  C  C   . PHE A 1 44  ? -3.456  16.644  -2.167  1.00 18.71 ? 43  PHE A C   1 
ATOM   342  O  O   . PHE A 1 44  ? -4.187  16.615  -3.132  1.00 15.58 ? 43  PHE A O   1 
ATOM   343  C  CB  . PHE A 1 44  ? -3.074  14.258  -2.460  1.00 20.70 ? 43  PHE A CB  1 
ATOM   344  C  CG  . PHE A 1 44  ? -2.722  12.891  -1.953  1.00 21.33 ? 43  PHE A CG  1 
ATOM   345  C  CD1 . PHE A 1 44  ? -3.720  12.046  -1.500  1.00 21.91 ? 43  PHE A CD1 1 
ATOM   346  C  CD2 . PHE A 1 44  ? -1.404  12.458  -1.933  1.00 22.80 ? 43  PHE A CD2 1 
ATOM   347  C  CE1 . PHE A 1 44  ? -3.411  10.781  -1.029  1.00 22.92 ? 43  PHE A CE1 1 
ATOM   348  C  CE2 . PHE A 1 44  ? -1.102  11.181  -1.481  1.00 24.36 ? 43  PHE A CE2 1 
ATOM   349  C  CZ  . PHE A 1 44  ? -2.111  10.354  -1.034  1.00 23.12 ? 43  PHE A CZ  1 
ATOM   350  N  N   . ASP A 1 45  ? -2.845  17.752  -1.745  1.00 19.36 ? 44  ASP A N   1 
ATOM   351  C  CA  . ASP A 1 45  ? -2.909  18.977  -2.503  1.00 23.14 ? 44  ASP A CA  1 
ATOM   352  C  C   . ASP A 1 45  ? -2.336  18.690  -3.905  1.00 19.23 ? 44  ASP A C   1 
ATOM   353  O  O   . ASP A 1 45  ? -2.787  19.261  -4.875  1.00 24.34 ? 44  ASP A O   1 
ATOM   354  C  CB  . ASP A 1 45  ? -2.142  20.107  -1.793  1.00 27.68 ? 44  ASP A CB  1 
ATOM   355  C  CG  . ASP A 1 45  ? -2.903  20.889  -0.723  1.00 32.16 ? 44  ASP A CG  1 
ATOM   356  O  OD1 . ASP A 1 45  ? -3.940  20.403  -0.230  1.00 33.96 ? 44  ASP A OD1 1 
ATOM   357  O  OD2 . ASP A 1 45  ? -2.448  22.007  -0.388  1.00 37.23 ? 44  ASP A OD2 1 
ATOM   358  N  N   . ARG A 1 46  ? -1.345  17.794  -3.971  1.00 20.02 ? 45  ARG A N   1 
ATOM   359  C  CA  . ARG A 1 46  ? -0.618  17.379  -5.214  1.00 20.14 ? 45  ARG A CA  1 
ATOM   360  C  C   . ARG A 1 46  ? -1.599  16.853  -6.275  1.00 20.51 ? 45  ARG A C   1 
ATOM   361  O  O   . ARG A 1 46  ? -1.343  16.982  -7.488  1.00 19.44 ? 45  ARG A O   1 
ATOM   362  C  CB  . ARG A 1 46  ? 0.374   16.276  -4.830  1.00 22.61 ? 45  ARG A CB  1 
ATOM   363  C  CG  . ARG A 1 46  ? 1.583   16.095  -5.722  1.00 25.07 ? 45  ARG A CG  1 
ATOM   364  C  CD  . ARG A 1 46  ? 2.506   15.090  -5.077  1.00 26.57 ? 45  ARG A CD  1 
ATOM   365  N  NE  . ARG A 1 46  ? 3.362   14.422  -6.047  1.00 29.71 ? 45  ARG A NE  1 
ATOM   366  C  CZ  . ARG A 1 46  ? 4.274   13.517  -5.730  1.00 30.76 ? 45  ARG A CZ  1 
ATOM   367  N  NH1 . ARG A 1 46  ? 4.441   13.186  -4.460  1.00 28.42 ? 45  ARG A NH1 1 
ATOM   368  N  NH2 . ARG A 1 46  ? 5.002   12.949  -6.677  1.00 31.11 ? 45  ARG A NH2 1 
ATOM   369  N  N   . PHE A 1 47  ? -2.685  16.202  -5.832  1.00 18.05 ? 46  PHE A N   1 
ATOM   370  C  CA  . PHE A 1 47  ? -3.498  15.354  -6.734  1.00 17.12 ? 46  PHE A CA  1 
ATOM   371  C  C   . PHE A 1 47  ? -4.975  15.745  -6.773  1.00 19.15 ? 46  PHE A C   1 
ATOM   372  O  O   . PHE A 1 47  ? -5.747  15.235  -7.616  1.00 16.75 ? 46  PHE A O   1 
ATOM   373  C  CB  . PHE A 1 47  ? -3.427  13.875  -6.325  1.00 16.27 ? 46  PHE A CB  1 
ATOM   374  C  CG  . PHE A 1 47  ? -2.067  13.247  -6.453  1.00 17.58 ? 46  PHE A CG  1 
ATOM   375  C  CD1 . PHE A 1 47  ? -1.302  13.418  -7.585  1.00 17.82 ? 46  PHE A CD1 1 
ATOM   376  C  CD2 . PHE A 1 47  ? -1.548  12.462  -5.429  1.00 18.10 ? 46  PHE A CD2 1 
ATOM   377  C  CE1 . PHE A 1 47  ? -0.051  12.825  -7.686  1.00 19.27 ? 46  PHE A CE1 1 
ATOM   378  C  CE2 . PHE A 1 47  ? -0.298  11.884  -5.527  1.00 18.12 ? 46  PHE A CE2 1 
ATOM   379  C  CZ  . PHE A 1 47  ? 0.473   12.094  -6.643  1.00 18.52 ? 46  PHE A CZ  1 
ATOM   380  N  N   . LYS A 1 48  ? -5.406  16.674  -5.923  1.00 20.15 ? 47  LYS A N   1 
ATOM   381  C  CA  . LYS A 1 48  ? -6.844  16.862  -5.779  1.00 22.72 ? 47  LYS A CA  1 
ATOM   382  C  C   . LYS A 1 48  ? -7.438  17.707  -6.915  1.00 21.70 ? 47  LYS A C   1 
ATOM   383  O  O   . LYS A 1 48  ? -8.679  17.843  -6.955  1.00 22.43 ? 47  LYS A O   1 
ATOM   384  C  CB  . LYS A 1 48  ? -7.179  17.347  -4.366  1.00 26.05 ? 47  LYS A CB  1 
ATOM   385  C  CG  . LYS A 1 48  ? -6.878  18.806  -4.089  1.00 28.00 ? 47  LYS A CG  1 
ATOM   386  C  CD  . LYS A 1 48  ? -6.663  19.069  -2.623  1.00 31.04 ? 47  LYS A CD  1 
ATOM   387  C  CE  . LYS A 1 48  ? -7.946  19.056  -1.827  1.00 33.22 ? 47  LYS A CE  1 
ATOM   388  N  NZ  . LYS A 1 48  ? -7.783  19.810  -0.558  1.00 37.92 ? 47  LYS A NZ  1 
ATOM   389  N  N   . HIS A 1 49  ? -6.617  18.195  -7.873  1.00 17.71 ? 48  HIS A N   1 
ATOM   390  C  CA  . HIS A 1 49  ? -7.107  18.716  -9.139  1.00 17.67 ? 48  HIS A CA  1 
ATOM   391  C  C   . HIS A 1 49  ? -7.600  17.611  -10.103 1.00 16.25 ? 48  HIS A C   1 
ATOM   392  O  O   . HIS A 1 49  ? -8.154  17.908  -11.164 1.00 15.79 ? 48  HIS A O   1 
ATOM   393  C  CB  . HIS A 1 49  ? -6.028  19.541  -9.876  1.00 17.63 ? 48  HIS A CB  1 
ATOM   394  C  CG  . HIS A 1 49  ? -4.908  18.725  -10.424 1.00 17.60 ? 48  HIS A CG  1 
ATOM   395  N  ND1 . HIS A 1 49  ? -3.956  18.160  -9.599  1.00 17.70 ? 48  HIS A ND1 1 
ATOM   396  C  CD2 . HIS A 1 49  ? -4.555  18.393  -11.696 1.00 18.24 ? 48  HIS A CD2 1 
ATOM   397  C  CE1 . HIS A 1 49  ? -3.093  17.478  -10.342 1.00 17.52 ? 48  HIS A CE1 1 
ATOM   398  N  NE2 . HIS A 1 49  ? -3.406  17.630  -11.617 1.00 16.27 ? 48  HIS A NE2 1 
ATOM   399  N  N   . LEU A 1 50  ? -7.315  16.344  -9.819  1.00 14.73 ? 49  LEU A N   1 
ATOM   400  C  CA  . LEU A 1 50  ? -7.687  15.251  -10.758 1.00 15.65 ? 49  LEU A CA  1 
ATOM   401  C  C   . LEU A 1 50  ? -9.156  14.876  -10.470 1.00 16.85 ? 49  LEU A C   1 
ATOM   402  O  O   . LEU A 1 50  ? -9.527  14.602  -9.340  1.00 16.77 ? 49  LEU A O   1 
ATOM   403  C  CB  . LEU A 1 50  ? -6.716  14.085  -10.542 1.00 15.46 ? 49  LEU A CB  1 
ATOM   404  C  CG  . LEU A 1 50  ? -5.249  14.398  -10.831 1.00 15.47 ? 49  LEU A CG  1 
ATOM   405  C  CD1 . LEU A 1 50  ? -4.314  13.335  -10.269 1.00 15.29 ? 49  LEU A CD1 1 
ATOM   406  C  CD2 . LEU A 1 50  ? -5.048  14.567  -12.335 1.00 15.77 ? 49  LEU A CD2 1 
ATOM   407  N  N   . LYS A 1 51  ? -10.017 15.055  -11.463 1.00 17.31 ? 50  LYS A N   1 
ATOM   408  C  CA  . LYS A 1 51  ? -11.445 15.002  -11.244 1.00 18.65 ? 50  LYS A CA  1 
ATOM   409  C  C   . LYS A 1 51  ? -12.064 13.807  -11.986 1.00 16.90 ? 50  LYS A C   1 
ATOM   410  O  O   . LYS A 1 51  ? -13.248 13.620  -11.844 1.00 19.75 ? 50  LYS A O   1 
ATOM   411  C  CB  . LYS A 1 51  ? -12.114 16.292  -11.729 1.00 21.39 ? 50  LYS A CB  1 
ATOM   412  C  CG  . LYS A 1 51  ? -11.622 17.574  -11.062 1.00 25.54 ? 50  LYS A CG  1 
ATOM   413  C  CD  . LYS A 1 51  ? -11.571 17.503  -9.545  1.00 26.19 ? 50  LYS A CD  1 
ATOM   414  C  CE  . LYS A 1 51  ? -11.230 18.812  -8.853  1.00 28.25 ? 50  LYS A CE  1 
ATOM   415  N  NZ  . LYS A 1 51  ? -11.965 19.951  -9.438  1.00 32.27 ? 50  LYS A NZ  1 
ATOM   416  N  N   . THR A 1 52  ? -11.277 13.108  -12.805 1.00 12.34 ? 51  THR A N   1 
ATOM   417  C  CA  . THR A 1 52  ? -11.727 11.918  -13.553 1.00 12.17 ? 51  THR A CA  1 
ATOM   418  C  C   . THR A 1 52  ? -10.673 10.821  -13.487 1.00 11.98 ? 51  THR A C   1 
ATOM   419  O  O   . THR A 1 52  ? -9.473  11.100  -13.255 1.00 10.90 ? 51  THR A O   1 
ATOM   420  C  CB  . THR A 1 52  ? -11.996 12.225  -15.034 1.00 11.92 ? 51  THR A CB  1 
ATOM   421  O  OG1 . THR A 1 52  ? -10.775 12.391  -15.764 1.00 11.88 ? 51  THR A OG1 1 
ATOM   422  C  CG2 . THR A 1 52  ? -12.885 13.434  -15.210 1.00 12.27 ? 51  THR A CG2 1 
ATOM   423  N  N   . GLU A 1 53  ? -11.094 9.566   -13.761 1.00 10.95 ? 52  GLU A N   1 
ATOM   424  C  CA  . GLU A 1 53  ? -10.166 8.499   -13.797 1.00 10.59 ? 52  GLU A CA  1 
ATOM   425  C  C   . GLU A 1 53  ? -9.183  8.706   -14.957 1.00 10.72 ? 52  GLU A C   1 
ATOM   426  O  O   . GLU A 1 53  ? -7.999  8.448   -14.797 1.00 9.43  ? 52  GLU A O   1 
ATOM   427  C  CB  . GLU A 1 53  ? -10.877 7.149   -13.947 1.00 12.07 ? 52  GLU A CB  1 
ATOM   428  C  CG  . GLU A 1 53  ? -9.943  5.982   -13.976 1.00 11.35 ? 52  GLU A CG  1 
ATOM   429  C  CD  . GLU A 1 53  ? -10.645 4.638   -13.832 1.00 14.31 ? 52  GLU A CD  1 
ATOM   430  O  OE1 . GLU A 1 53  ? -11.873 4.632   -13.741 1.00 13.40 ? 52  GLU A OE1 1 
ATOM   431  O  OE2 . GLU A 1 53  ? -9.949  3.624   -13.781 1.00 18.06 ? 52  GLU A OE2 1 
ATOM   432  N  N   . ALA A 1 54  ? -9.687  9.176   -16.109 1.00 10.85 ? 53  ALA A N   1 
ATOM   433  C  CA  . ALA A 1 54  ? -8.819  9.452   -17.263 1.00 11.77 ? 53  ALA A CA  1 
ATOM   434  C  C   . ALA A 1 54  ? -7.703  10.424  -16.869 1.00 11.51 ? 53  ALA A C   1 
ATOM   435  O  O   . ALA A 1 54  ? -6.532  10.270  -17.251 1.00 13.02 ? 53  ALA A O   1 
ATOM   436  C  CB  . ALA A 1 54  ? -9.635  10.053  -18.355 1.00 12.76 ? 53  ALA A CB  1 
ATOM   437  N  N   . GLU A 1 55  ? -8.105  11.496  -16.185 1.00 11.71 ? 54  GLU A N   1 
ATOM   438  C  CA  . GLU A 1 55  ? -7.092  12.457  -15.721 1.00 11.76 ? 54  GLU A CA  1 
ATOM   439  C  C   . GLU A 1 55  ? -6.084  11.799  -14.767 1.00 11.28 ? 54  GLU A C   1 
ATOM   440  O  O   . GLU A 1 55  ? -4.894  12.041  -14.873 1.00 10.52 ? 54  GLU A O   1 
ATOM   441  C  CB  . GLU A 1 55  ? -7.762  13.661  -15.064 1.00 13.18 ? 54  GLU A CB  1 
ATOM   442  C  CG  . GLU A 1 55  ? -8.596  14.510  -15.991 1.00 15.36 ? 54  GLU A CG  1 
ATOM   443  C  CD  . GLU A 1 55  ? -9.410  15.594  -15.293 1.00 16.38 ? 54  GLU A CD  1 
ATOM   444  O  OE1 . GLU A 1 55  ? -9.426  15.667  -14.023 1.00 19.03 ? 54  GLU A OE1 1 
ATOM   445  O  OE2 . GLU A 1 55  ? -10.056 16.360  -16.022 1.00 18.91 ? 54  GLU A OE2 1 
ATOM   446  N  N   . MET A 1 56  ? -6.537  10.942  -13.834 1.00 10.76 ? 55  MET A N   1 
ATOM   447  C  CA  . MET A 1 56  ? -5.615  10.279  -12.933 1.00 10.27 ? 55  MET A CA  1 
ATOM   448  C  C   . MET A 1 56  ? -4.650  9.390   -13.716 1.00 10.38 ? 55  MET A C   1 
ATOM   449  O  O   . MET A 1 56  ? -3.487  9.316   -13.423 1.00 9.50  ? 55  MET A O   1 
ATOM   450  C  CB  . MET A 1 56  ? -6.380  9.429   -11.904 1.00 10.54 ? 55  MET A CB  1 
ATOM   451  C  CG  . MET A 1 56  ? -7.231  10.235  -10.979 1.00 10.89 ? 55  MET A CG  1 
ATOM   452  S  SD  . MET A 1 56  ? -8.184  9.161   -9.831  1.00 13.33 ? 55  MET A SD  1 
ATOM   453  C  CE  . MET A 1 56  ? -9.114  10.423  -8.952  1.00 15.52 ? 55  MET A CE  1 
ATOM   454  N  N   . LYS A 1 57  ? -5.182  8.664   -14.708 1.00 11.15 ? 56  LYS A N   1 
ATOM   455  C  CA  . LYS A 1 57  ? -4.395  7.753   -15.460 1.00 12.43 ? 56  LYS A CA  1 
ATOM   456  C  C   . LYS A 1 57  ? -3.320  8.453   -16.306 1.00 12.41 ? 56  LYS A C   1 
ATOM   457  O  O   . LYS A 1 57  ? -2.292  7.850   -16.664 1.00 12.44 ? 56  LYS A O   1 
ATOM   458  C  CB  . LYS A 1 57  ? -5.253  7.006   -16.464 1.00 14.35 ? 56  LYS A CB  1 
ATOM   459  C  CG  . LYS A 1 57  ? -4.682  5.635   -16.756 1.00 20.10 ? 56  LYS A CG  1 
ATOM   460  C  CD  . LYS A 1 57  ? -5.211  4.710   -15.726 1.00 24.04 ? 56  LYS A CD  1 
ATOM   461  C  CE  . LYS A 1 57  ? -6.711  4.539   -15.882 1.00 27.34 ? 56  LYS A CE  1 
ATOM   462  N  NZ  . LYS A 1 57  ? -7.169  3.366   -15.106 1.00 29.00 ? 56  LYS A NZ  1 
ATOM   463  N  N   . ALA A 1 58  ? -3.606  9.689   -16.683 1.00 12.56 ? 57  ALA A N   1 
ATOM   464  C  CA  . ALA A 1 58  ? -2.768  10.489  -17.584 1.00 12.82 ? 57  ALA A CA  1 
ATOM   465  C  C   . ALA A 1 58  ? -1.730  11.296  -16.788 1.00 13.34 ? 57  ALA A C   1 
ATOM   466  O  O   . ALA A 1 58  ? -0.880  11.983  -17.398 1.00 13.09 ? 57  ALA A O   1 
ATOM   467  C  CB  . ALA A 1 58  ? -3.630  11.424  -18.392 1.00 13.43 ? 57  ALA A CB  1 
ATOM   468  N  N   . SER A 1 59  ? -1.862  11.312  -15.461 1.00 11.09 ? 58  SER A N   1 
ATOM   469  C  CA  . SER A 1 59  ? -0.981  12.067  -14.569 1.00 11.72 ? 58  SER A CA  1 
ATOM   470  C  C   . SER A 1 59  ? 0.385   11.385  -14.371 1.00 12.70 ? 58  SER A C   1 
ATOM   471  O  O   . SER A 1 59  ? 0.538   10.323  -13.746 1.00 13.47 ? 58  SER A O   1 
ATOM   472  C  CB  . SER A 1 59  ? -1.602  12.331  -13.270 1.00 10.96 ? 58  SER A CB  1 
ATOM   473  O  OG  . SER A 1 59  ? -0.662  12.969  -12.421 1.00 11.20 ? 58  SER A OG  1 
ATOM   474  N  N   . GLU A 1 60  ? 1.441   12.041  -14.857 1.00 12.82 ? 59  GLU A N   1 
ATOM   475  C  CA  . GLU A 1 60  ? 2.739   11.414  -14.767 1.00 14.17 ? 59  GLU A CA  1 
ATOM   476  C  C   . GLU A 1 60  ? 3.188   11.494  -13.299 1.00 12.69 ? 59  GLU A C   1 
ATOM   477  O  O   . GLU A 1 60  ? 3.837   10.593  -12.771 1.00 13.44 ? 59  GLU A O   1 
ATOM   478  C  CB  . GLU A 1 60  ? 3.715   12.034  -15.776 1.00 15.29 ? 59  GLU A CB  1 
ATOM   479  C  CG  . GLU A 1 60  ? 4.992   11.225  -15.886 1.00 16.71 ? 59  GLU A CG  1 
ATOM   480  C  CD  . GLU A 1 60  ? 4.913   9.843   -16.521 1.00 18.85 ? 59  GLU A CD  1 
ATOM   481  O  OE1 . GLU A 1 60  ? 3.844   9.458   -17.077 1.00 20.72 ? 59  GLU A OE1 1 
ATOM   482  O  OE2 . GLU A 1 60  ? 5.992   9.197   -16.579 1.00 25.59 ? 59  GLU A OE2 1 
ATOM   483  N  N   . ASP A 1 61  ? 2.748   12.538  -12.606 1.00 13.62 ? 60  ASP A N   1 
ATOM   484  C  CA  . ASP A 1 61  ? 3.135   12.786  -11.243 1.00 14.19 ? 60  ASP A CA  1 
ATOM   485  C  C   . ASP A 1 61  ? 2.519   11.728  -10.323 1.00 14.39 ? 60  ASP A C   1 
ATOM   486  O  O   . ASP A 1 61  ? 3.137   11.307  -9.310  1.00 15.33 ? 60  ASP A O   1 
ATOM   487  C  CB  . ASP A 1 61  ? 2.698   14.162  -10.760 1.00 16.30 ? 60  ASP A CB  1 
ATOM   488  C  CG  . ASP A 1 61  ? 3.351   14.577  -9.456  1.00 19.04 ? 60  ASP A CG  1 
ATOM   489  O  OD1 . ASP A 1 61  ? 4.591   14.416  -9.340  1.00 21.23 ? 60  ASP A OD1 1 
ATOM   490  O  OD2 . ASP A 1 61  ? 2.635   15.007  -8.572  1.00 20.71 ? 60  ASP A OD2 1 
ATOM   491  N  N   . LEU A 1 62  ? 1.269   11.350  -10.620 1.00 13.07 ? 61  LEU A N   1 
ATOM   492  C  CA  . LEU A 1 62  ? 0.600   10.292  -9.886  1.00 13.78 ? 61  LEU A CA  1 
ATOM   493  C  C   . LEU A 1 62  ? 1.407   8.998   -10.030 1.00 14.20 ? 61  LEU A C   1 
ATOM   494  O  O   . LEU A 1 62  ? 1.706   8.308   -9.025  1.00 14.54 ? 61  LEU A O   1 
ATOM   495  C  CB  . LEU A 1 62  ? -0.832  10.127  -10.411 1.00 13.00 ? 61  LEU A CB  1 
ATOM   496  C  CG  . LEU A 1 62  ? -1.705  9.207   -9.551  1.00 13.90 ? 61  LEU A CG  1 
ATOM   497  C  CD1 . LEU A 1 62  ? -3.159  9.592   -9.671  1.00 13.32 ? 61  LEU A CD1 1 
ATOM   498  C  CD2 . LEU A 1 62  ? -1.511  7.759   -9.942  1.00 15.42 ? 61  LEU A CD2 1 
ATOM   499  N  N   . LYS A 1 63  ? 1.723   8.649   -11.276 1.00 14.10 ? 62  LYS A N   1 
ATOM   500  C  CA  . LYS A 1 63  ? 2.554   7.471   -11.608 1.00 16.59 ? 62  LYS A CA  1 
ATOM   501  C  C   . LYS A 1 63  ? 3.843   7.489   -10.786 1.00 17.08 ? 62  LYS A C   1 
ATOM   502  O  O   . LYS A 1 63  ? 4.218   6.486   -10.156 1.00 17.01 ? 62  LYS A O   1 
ATOM   503  C  CB  . LYS A 1 63  ? 2.802   7.425   -13.120 1.00 18.92 ? 62  LYS A CB  1 
ATOM   504  C  CG  . LYS A 1 63  ? 3.323   6.109   -13.691 1.00 21.41 ? 62  LYS A CG  1 
ATOM   505  C  CD  . LYS A 1 63  ? 3.440   6.138   -15.214 1.00 23.63 ? 62  LYS A CD  1 
ATOM   506  C  CE  . LYS A 1 63  ? 3.988   4.856   -15.821 1.00 25.84 ? 62  LYS A CE  1 
ATOM   507  N  NZ  . LYS A 1 63  ? 4.341   5.016   -17.250 1.00 26.97 ? 62  LYS A NZ  1 
ATOM   508  N  N   . LYS A 1 64  ? 4.525   8.631   -10.775 1.00 17.16 ? 63  LYS A N   1 
ATOM   509  C  CA  . LYS A 1 64  ? 5.792   8.856   -10.021 1.00 20.35 ? 63  LYS A CA  1 
ATOM   510  C  C   . LYS A 1 64  ? 5.601   8.497   -8.540  1.00 19.44 ? 63  LYS A C   1 
ATOM   511  O  O   . LYS A 1 64  ? 6.399   7.724   -7.961  1.00 19.23 ? 63  LYS A O   1 
ATOM   512  C  CB  . LYS A 1 64  ? 6.233   10.319  -10.181 1.00 23.78 ? 63  LYS A CB  1 
ATOM   513  C  CG  . LYS A 1 64  ? 7.653   10.667  -9.727  1.00 27.92 ? 63  LYS A CG  1 
ATOM   514  C  CD  . LYS A 1 64  ? 8.230   11.871  -10.495 1.00 30.95 ? 63  LYS A CD  1 
ATOM   515  C  CE  . LYS A 1 64  ? 9.555   12.390  -9.968  1.00 32.23 ? 63  LYS A CE  1 
ATOM   516  N  NZ  . LYS A 1 64  ? 9.378   13.408  -8.897  1.00 33.98 ? 63  LYS A NZ  1 
ATOM   517  N  N   . HIS A 1 65  ? 4.503   8.980   -7.952  1.00 18.77 ? 64  HIS A N   1 
ATOM   518  C  CA  . HIS A 1 65  ? 4.220   8.780   -6.575  1.00 19.11 ? 64  HIS A CA  1 
ATOM   519  C  C   . HIS A 1 65  ? 3.829   7.323   -6.250  1.00 18.69 ? 64  HIS A C   1 
ATOM   520  O  O   . HIS A 1 65  ? 4.117   6.845   -5.136  1.00 16.46 ? 64  HIS A O   1 
ATOM   521  C  CB  . HIS A 1 65  ? 3.127   9.730   -6.080  1.00 20.25 ? 64  HIS A CB  1 
ATOM   522  C  CG  . HIS A 1 65  ? 3.175   9.747   -4.607  1.00 22.44 ? 64  HIS A CG  1 
ATOM   523  N  ND1 . HIS A 1 65  ? 4.331   10.116  -3.936  1.00 22.99 ? 64  HIS A ND1 1 
ATOM   524  C  CD2 . HIS A 1 65  ? 2.325   9.269   -3.682  1.00 23.66 ? 64  HIS A CD2 1 
ATOM   525  C  CE1 . HIS A 1 65  ? 4.155   9.922   -2.645  1.00 23.78 ? 64  HIS A CE1 1 
ATOM   526  N  NE2 . HIS A 1 65  ? 2.944   9.389   -2.472  1.00 24.50 ? 64  HIS A NE2 1 
ATOM   527  N  N   . GLY A 1 66  ? 3.094   6.676   -7.154  1.00 15.23 ? 65  GLY A N   1 
ATOM   528  C  CA  . GLY A 1 66  ? 2.834   5.226   -7.092  1.00 16.34 ? 65  GLY A CA  1 
ATOM   529  C  C   . GLY A 1 66  ? 4.137   4.459   -6.884  1.00 16.66 ? 65  GLY A C   1 
ATOM   530  O  O   . GLY A 1 66  ? 4.210   3.499   -6.136  1.00 16.48 ? 65  GLY A O   1 
ATOM   531  N  N   . VAL A 1 67  ? 5.193   4.881   -7.573  1.00 16.50 ? 66  VAL A N   1 
ATOM   532  C  CA  . VAL A 1 67  ? 6.477   4.179   -7.440  1.00 17.66 ? 66  VAL A CA  1 
ATOM   533  C  C   . VAL A 1 67  ? 7.117   4.424   -6.076  1.00 18.10 ? 66  VAL A C   1 
ATOM   534  O  O   . VAL A 1 67  ? 7.701   3.489   -5.511  1.00 22.38 ? 66  VAL A O   1 
ATOM   535  C  CB  . VAL A 1 67  ? 7.404   4.555   -8.607  1.00 18.78 ? 66  VAL A CB  1 
ATOM   536  C  CG1 . VAL A 1 67  ? 8.792   3.960   -8.400  1.00 20.27 ? 66  VAL A CG1 1 
ATOM   537  C  CG2 . VAL A 1 67  ? 6.747   4.092   -9.895  1.00 19.18 ? 66  VAL A CG2 1 
ATOM   538  N  N   . THR A 1 68  ? 7.026   5.648   -5.575  1.00 16.22 ? 67  THR A N   1 
ATOM   539  C  CA  . THR A 1 68  ? 7.524   5.966   -4.277  1.00 18.46 ? 67  THR A CA  1 
ATOM   540  C  C   . THR A 1 68  ? 6.807   5.056   -3.273  1.00 17.48 ? 67  THR A C   1 
ATOM   541  O  O   . THR A 1 68  ? 7.433   4.554   -2.351  1.00 18.96 ? 67  THR A O   1 
ATOM   542  C  CB  . THR A 1 68  ? 7.377   7.453   -3.950  1.00 20.40 ? 67  THR A CB  1 
ATOM   543  O  OG1 . THR A 1 68  ? 8.228   8.228   -4.792  1.00 19.12 ? 67  THR A OG1 1 
ATOM   544  C  CG2 . THR A 1 68  ? 7.762   7.776   -2.524  1.00 20.90 ? 67  THR A CG2 1 
ATOM   545  N  N   . VAL A 1 69  ? 5.493   4.846   -3.457  1.00 16.44 ? 68  VAL A N   1 
ATOM   546  C  CA  . VAL A 1 69  ? 4.735   4.093   -2.442  1.00 15.51 ? 68  VAL A CA  1 
ATOM   547  C  C   . VAL A 1 69  ? 5.067   2.594   -2.514  1.00 14.39 ? 68  VAL A C   1 
ATOM   548  O  O   . VAL A 1 69  ? 5.319   1.976   -1.464  1.00 14.21 ? 68  VAL A O   1 
ATOM   549  C  CB  . VAL A 1 69  ? 3.218   4.323   -2.558  1.00 16.34 ? 68  VAL A CB  1 
ATOM   550  C  CG1 . VAL A 1 69  ? 2.485   3.487   -1.527  1.00 18.12 ? 68  VAL A CG1 1 
ATOM   551  C  CG2 . VAL A 1 69  ? 2.880   5.803   -2.444  1.00 17.70 ? 68  VAL A CG2 1 
ATOM   552  N  N   . LEU A 1 70  ? 5.066   2.009   -3.717  1.00 14.37 ? 69  LEU A N   1 
ATOM   553  C  CA  . LEU A 1 70  ? 5.211   0.569   -3.832  1.00 14.12 ? 69  LEU A CA  1 
ATOM   554  C  C   . LEU A 1 70  ? 6.664   0.203   -3.517  1.00 15.71 ? 69  LEU A C   1 
ATOM   555  O  O   . LEU A 1 70  ? 6.889   -0.916  -3.044  1.00 16.45 ? 69  LEU A O   1 
ATOM   556  C  CB  . LEU A 1 70  ? 4.740   0.010   -5.173  1.00 14.34 ? 69  LEU A CB  1 
ATOM   557  C  CG  . LEU A 1 70  ? 3.236   0.143   -5.479  1.00 14.62 ? 69  LEU A CG  1 
ATOM   558  C  CD1 . LEU A 1 70  ? 2.852   -0.645  -6.710  1.00 16.88 ? 69  LEU A CD1 1 
ATOM   559  C  CD2 . LEU A 1 70  ? 2.351   -0.266  -4.303  1.00 13.77 ? 69  LEU A CD2 1 
ATOM   560  N  N   . THR A 1 71  ? 7.596   1.149   -3.705  1.00 17.07 ? 70  THR A N   1 
ATOM   561  C  CA  . THR A 1 71  ? 9.023   0.953   -3.371  1.00 19.96 ? 70  THR A CA  1 
ATOM   562  C  C   . THR A 1 71  ? 9.206   0.799   -1.853  1.00 18.75 ? 70  THR A C   1 
ATOM   563  O  O   . THR A 1 71  ? 9.824   -0.167  -1.387  1.00 19.44 ? 70  THR A O   1 
ATOM   564  C  CB  . THR A 1 71  ? 9.874   2.093   -3.953  1.00 22.98 ? 70  THR A CB  1 
ATOM   565  O  OG1 . THR A 1 71  ? 9.682   2.006   -5.373  1.00 20.83 ? 70  THR A OG1 1 
ATOM   566  C  CG2 . THR A 1 71  ? 11.334  1.992   -3.565  1.00 24.24 ? 70  THR A CG2 1 
ATOM   567  N  N   . ALA A 1 72  ? 8.607   1.718   -1.097  1.00 17.41 ? 71  ALA A N   1 
ATOM   568  C  CA  . ALA A 1 72  ? 8.573   1.687   0.352   1.00 16.14 ? 71  ALA A CA  1 
ATOM   569  C  C   . ALA A 1 72  ? 7.911   0.385   0.825   1.00 15.89 ? 71  ALA A C   1 
ATOM   570  O  O   . ALA A 1 72  ? 8.449   -0.274  1.716   1.00 14.33 ? 71  ALA A O   1 
ATOM   571  C  CB  . ALA A 1 72  ? 7.852   2.911   0.863   1.00 15.99 ? 71  ALA A CB  1 
ATOM   572  N  N   . LEU A 1 73  ? 6.766   0.004   0.235   1.00 14.66 ? 72  LEU A N   1 
ATOM   573  C  CA  . LEU A 1 73  ? 6.036   -1.211  0.724   1.00 14.93 ? 72  LEU A CA  1 
ATOM   574  C  C   . LEU A 1 73  ? 6.883   -2.457  0.436   1.00 15.39 ? 72  LEU A C   1 
ATOM   575  O  O   . LEU A 1 73  ? 6.929   -3.425  1.234   1.00 14.44 ? 72  LEU A O   1 
ATOM   576  C  CB  . LEU A 1 73  ? 4.663   -1.309  0.052   1.00 15.11 ? 72  LEU A CB  1 
ATOM   577  C  CG  . LEU A 1 73  ? 3.804   -2.483  0.519   1.00 15.06 ? 72  LEU A CG  1 
ATOM   578  C  CD1 . LEU A 1 73  ? 3.628   -2.478  2.033   1.00 14.87 ? 72  LEU A CD1 1 
ATOM   579  C  CD2 . LEU A 1 73  ? 2.459   -2.438  -0.164  1.00 15.99 ? 72  LEU A CD2 1 
ATOM   580  N  N   . GLY A 1 74  ? 7.483   -2.514  -0.765  1.00 14.81 ? 73  GLY A N   1 
ATOM   581  C  CA  . GLY A 1 74  ? 8.338   -3.668  -1.099  1.00 15.71 ? 73  GLY A CA  1 
ATOM   582  C  C   . GLY A 1 74  ? 9.488   -3.851  -0.135  1.00 15.64 ? 73  GLY A C   1 
ATOM   583  O  O   . GLY A 1 74  ? 9.799   -5.009  0.288   1.00 15.81 ? 73  GLY A O   1 
ATOM   584  N  N   . ALA A 1 75  ? 10.147  -2.739  0.193   1.00 15.57 ? 74  ALA A N   1 
ATOM   585  C  CA  . ALA A 1 75  ? 11.240  -2.743  1.167   1.00 16.70 ? 74  ALA A CA  1 
ATOM   586  C  C   . ALA A 1 75  ? 10.757  -3.323  2.499   1.00 16.97 ? 74  ALA A C   1 
ATOM   587  O  O   . ALA A 1 75  ? 11.447  -4.115  3.104   1.00 15.68 ? 74  ALA A O   1 
ATOM   588  C  CB  . ALA A 1 75  ? 11.812  -1.366  1.342   1.00 17.24 ? 74  ALA A CB  1 
ATOM   589  N  N   . ILE A 1 76  ? 9.548   -2.916  2.912   1.00 15.58 ? 75  ILE A N   1 
ATOM   590  C  CA  . ILE A 1 76  ? 8.991   -3.317  4.182   1.00 15.92 ? 75  ILE A CA  1 
ATOM   591  C  C   . ILE A 1 76  ? 8.697   -4.828  4.127   1.00 13.91 ? 75  ILE A C   1 
ATOM   592  O  O   . ILE A 1 76  ? 9.106   -5.575  5.012   1.00 13.90 ? 75  ILE A O   1 
ATOM   593  C  CB  . ILE A 1 76  ? 7.758   -2.440  4.527   1.00 16.89 ? 75  ILE A CB  1 
ATOM   594  C  CG1 . ILE A 1 76  ? 8.149   -1.018  4.951   1.00 19.24 ? 75  ILE A CG1 1 
ATOM   595  C  CG2 . ILE A 1 76  ? 6.904   -3.118  5.581   1.00 18.00 ? 75  ILE A CG2 1 
ATOM   596  C  CD1 . ILE A 1 76  ? 7.010   -0.019  4.860   1.00 21.78 ? 75  ILE A CD1 1 
ATOM   597  N  N   . LEU A 1 77  ? 8.020   -5.289  3.070   1.00 13.55 ? 76  LEU A N   1 
ATOM   598  C  CA  . LEU A 1 77  ? 7.614   -6.680  2.936   1.00 12.22 ? 76  LEU A CA  1 
ATOM   599  C  C   . LEU A 1 77  ? 8.849   -7.592  2.938   1.00 14.04 ? 76  LEU A C   1 
ATOM   600  O  O   . LEU A 1 77  ? 8.839   -8.617  3.571   1.00 12.43 ? 76  LEU A O   1 
ATOM   601  C  CB  . LEU A 1 77  ? 6.782   -6.860  1.659   1.00 12.31 ? 76  LEU A CB  1 
ATOM   602  C  CG  . LEU A 1 77  ? 5.416   -6.183  1.638   1.00 11.31 ? 76  LEU A CG  1 
ATOM   603  C  CD1 . LEU A 1 77  ? 4.777   -6.353  0.270   1.00 12.08 ? 76  LEU A CD1 1 
ATOM   604  C  CD2 . LEU A 1 77  ? 4.511   -6.722  2.729   1.00 10.75 ? 76  LEU A CD2 1 
ATOM   605  N  N   . LYS A 1 78  ? 9.957   -7.139  2.313   1.00 15.56 ? 77  LYS A N   1 
ATOM   606  C  CA  . LYS A 1 78  ? 11.167  -8.006  2.207   1.00 15.42 ? 77  LYS A CA  1 
ATOM   607  C  C   . LYS A 1 78  ? 11.888  -8.160  3.552   1.00 16.11 ? 77  LYS A C   1 
ATOM   608  O  O   . LYS A 1 78  ? 12.680  -9.094  3.688   1.00 15.39 ? 77  LYS A O   1 
ATOM   609  C  CB  . LYS A 1 78  ? 12.063  -7.527  1.060   1.00 16.34 ? 77  LYS A CB  1 
ATOM   610  C  CG  . LYS A 1 78  ? 11.465  -7.762  -0.316  1.00 17.93 ? 77  LYS A CG  1 
ATOM   611  C  CD  . LYS A 1 78  ? 12.160  -7.027  -1.435  1.00 19.03 ? 77  LYS A CD  1 
ATOM   612  C  CE  . LYS A 1 78  ? 11.416  -7.200  -2.742  1.00 19.65 ? 77  LYS A CE  1 
ATOM   613  N  NZ  . LYS A 1 78  ? 12.066  -6.396  -3.795  1.00 20.50 ? 77  LYS A NZ  1 
ATOM   614  N  N   . LYS A 1 79  ? 11.550  -7.354  4.563   1.00 16.91 ? 78  LYS A N   1 
ATOM   615  C  CA  . LYS A 1 79  ? 12.042  -7.513  5.958   1.00 17.99 ? 78  LYS A CA  1 
ATOM   616  C  C   . LYS A 1 79  ? 11.279  -8.610  6.727   1.00 17.68 ? 78  LYS A C   1 
ATOM   617  O  O   . LYS A 1 79  ? 11.645  -8.958  7.883   1.00 16.13 ? 78  LYS A O   1 
ATOM   618  C  CB  . LYS A 1 79  ? 11.882  -6.199  6.729   1.00 20.99 ? 78  LYS A CB  1 
ATOM   619  C  CG  . LYS A 1 79  ? 12.576  -4.999  6.121   1.00 24.02 ? 78  LYS A CG  1 
ATOM   620  C  CD  . LYS A 1 79  ? 14.008  -5.269  5.773   1.00 28.62 ? 78  LYS A CD  1 
ATOM   621  C  CE  . LYS A 1 79  ? 14.870  -5.467  6.995   1.00 31.90 ? 78  LYS A CE  1 
ATOM   622  N  NZ  . LYS A 1 79  ? 16.283  -5.178  6.655   1.00 35.01 ? 78  LYS A NZ  1 
ATOM   623  N  N   . LYS A 1 80  ? 10.191  -9.112  6.125   1.00 14.59 ? 79  LYS A N   1 
ATOM   624  C  CA  . LYS A 1 80  ? 9.433   -10.243 6.665   1.00 15.29 ? 79  LYS A CA  1 
ATOM   625  C  C   . LYS A 1 80  ? 9.118   -10.017 8.151   1.00 16.44 ? 79  LYS A C   1 
ATOM   626  O  O   . LYS A 1 80  ? 9.379   -10.893 8.996   1.00 15.02 ? 79  LYS A O   1 
ATOM   627  C  CB  . LYS A 1 80  ? 10.224  -11.531 6.426   1.00 14.77 ? 79  LYS A CB  1 
ATOM   628  C  CG  . LYS A 1 80  ? 10.315  -11.926 4.961   1.00 15.32 ? 79  LYS A CG  1 
ATOM   629  C  CD  . LYS A 1 80  ? 11.350  -12.988 4.601   1.00 15.53 ? 79  LYS A CD  1 
ATOM   630  C  CE  . LYS A 1 80  ? 11.098  -14.316 5.263   1.00 16.56 ? 79  LYS A CE  1 
ATOM   631  N  NZ  . LYS A 1 80  ? 12.220  -15.237 5.003   1.00 15.70 ? 79  LYS A NZ  1 
ATOM   632  N  N   . GLY A 1 81  ? 8.551   -8.843  8.465   1.00 17.07 ? 80  GLY A N   1 
ATOM   633  C  CA  . GLY A 1 81  ? 8.189   -8.538  9.844   1.00 20.28 ? 80  GLY A CA  1 
ATOM   634  C  C   . GLY A 1 81  ? 9.226   -7.678  10.568  1.00 20.62 ? 80  GLY A C   1 
ATOM   635  O  O   . GLY A 1 81  ? 8.873   -6.959  11.489  1.00 22.06 ? 80  GLY A O   1 
ATOM   636  N  N   . HIS A 1 82  ? 10.510  -7.754  10.183  1.00 22.16 ? 81  HIS A N   1 
ATOM   637  C  CA  . HIS A 1 82  ? 11.575  -7.020  10.871  1.00 23.37 ? 81  HIS A CA  1 
ATOM   638  C  C   . HIS A 1 82  ? 11.747  -5.615  10.278  1.00 22.55 ? 81  HIS A C   1 
ATOM   639  O  O   . HIS A 1 82  ? 12.819  -5.242  9.850   1.00 21.87 ? 81  HIS A O   1 
ATOM   640  C  CB  . HIS A 1 82  ? 12.886  -7.812  10.824  1.00 25.48 ? 81  HIS A CB  1 
ATOM   641  C  CG  . HIS A 1 82  ? 12.816  -9.013  11.689  1.00 27.30 ? 81  HIS A CG  1 
ATOM   642  N  ND1 . HIS A 1 82  ? 12.926  -10.292 11.182  1.00 34.56 ? 81  HIS A ND1 1 
ATOM   643  C  CD2 . HIS A 1 82  ? 12.535  -9.133  13.002  1.00 32.57 ? 81  HIS A CD2 1 
ATOM   644  C  CE1 . HIS A 1 82  ? 12.765  -11.158 12.157  1.00 34.15 ? 81  HIS A CE1 1 
ATOM   645  N  NE2 . HIS A 1 82  ? 12.522  -10.466 13.293  1.00 35.59 ? 81  HIS A NE2 1 
ATOM   646  N  N   . HIS A 1 83  ? 10.668  -4.837  10.288  1.00 22.10 ? 82  HIS A N   1 
ATOM   647  C  CA  . HIS A 1 83  ? 10.596  -3.596  9.511   1.00 20.31 ? 82  HIS A CA  1 
ATOM   648  C  C   . HIS A 1 83  ? 10.630  -2.379  10.439  1.00 20.37 ? 82  HIS A C   1 
ATOM   649  O  O   . HIS A 1 83  ? 10.116  -1.352  10.065  1.00 18.76 ? 82  HIS A O   1 
ATOM   650  C  CB  . HIS A 1 83  ? 9.348   -3.623  8.603   1.00 22.11 ? 82  HIS A CB  1 
ATOM   651  C  CG  . HIS A 1 83  ? 8.110   -4.047  9.321   1.00 22.03 ? 82  HIS A CG  1 
ATOM   652  N  ND1 . HIS A 1 83  ? 7.814   -3.544  10.574  1.00 21.91 ? 82  HIS A ND1 1 
ATOM   653  C  CD2 . HIS A 1 83  ? 7.133   -4.937  9.016   1.00 19.83 ? 82  HIS A CD2 1 
ATOM   654  C  CE1 . HIS A 1 83  ? 6.687   -4.080  11.000  1.00 20.61 ? 82  HIS A CE1 1 
ATOM   655  N  NE2 . HIS A 1 83  ? 6.252   -4.941  10.069  1.00 21.57 ? 82  HIS A NE2 1 
ATOM   656  N  N   . GLU A 1 84  ? 11.241  -2.468  11.638  1.00 19.75 ? 83  GLU A N   1 
ATOM   657  C  CA  . GLU A 1 84  ? 11.134  -1.361  12.600  1.00 23.11 ? 83  GLU A CA  1 
ATOM   658  C  C   . GLU A 1 84  ? 11.727  -0.071  12.007  1.00 23.43 ? 83  GLU A C   1 
ATOM   659  O  O   . GLU A 1 84  ? 11.122  0.979   12.093  1.00 20.40 ? 83  GLU A O   1 
ATOM   660  C  CB  . GLU A 1 84  ? 11.865  -1.665  13.909  1.00 26.73 ? 83  GLU A CB  1 
ATOM   661  C  CG  . GLU A 1 84  ? 12.013  -0.455  14.824  1.00 32.80 ? 83  GLU A CG  1 
ATOM   662  C  CD  . GLU A 1 84  ? 10.730  0.050   15.461  1.00 40.62 ? 83  GLU A CD  1 
ATOM   663  O  OE1 . GLU A 1 84  ? 9.815   -0.786  15.688  1.00 49.53 ? 83  GLU A OE1 1 
ATOM   664  O  OE2 . GLU A 1 84  ? 10.641  1.272   15.742  1.00 43.36 ? 83  GLU A OE2 1 
ATOM   665  N  N   . ALA A 1 85  ? 12.935  -0.169  11.446  1.00 24.87 ? 84  ALA A N   1 
ATOM   666  C  CA  . ALA A 1 85  ? 13.635  1.007   10.923  1.00 27.39 ? 84  ALA A CA  1 
ATOM   667  C  C   . ALA A 1 85  ? 12.819  1.650   9.794   1.00 28.95 ? 84  ALA A C   1 
ATOM   668  O  O   . ALA A 1 85  ? 12.742  2.866   9.715   1.00 27.56 ? 84  ALA A O   1 
ATOM   669  C  CB  . ALA A 1 85  ? 15.015  0.627   10.447  1.00 28.88 ? 84  ALA A CB  1 
ATOM   670  N  N   . GLU A 1 86  ? 12.215  0.815   8.936   1.00 28.61 ? 85  GLU A N   1 
ATOM   671  C  CA  . GLU A 1 86  ? 11.545  1.288   7.714   1.00 28.95 ? 85  GLU A CA  1 
ATOM   672  C  C   . GLU A 1 86  ? 10.203  1.927   8.080   1.00 28.84 ? 85  GLU A C   1 
ATOM   673  O  O   . GLU A 1 86  ? 9.692   2.823   7.382   1.00 30.57 ? 85  GLU A O   1 
ATOM   674  C  CB  . GLU A 1 86  ? 11.346  0.135   6.730   1.00 28.02 ? 85  GLU A CB  1 
ATOM   675  C  CG  . GLU A 1 86  ? 12.645  -0.385  6.146   1.00 30.35 ? 85  GLU A CG  1 
ATOM   676  C  CD  . GLU A 1 86  ? 13.447  -1.255  7.089   1.00 31.01 ? 85  GLU A CD  1 
ATOM   677  O  OE1 . GLU A 1 86  ? 12.873  -1.708  8.100   1.00 27.12 ? 85  GLU A OE1 1 
ATOM   678  O  OE2 . GLU A 1 86  ? 14.629  -1.487  6.804   1.00 31.53 ? 85  GLU A OE2 1 
ATOM   679  N  N   . LEU A 1 87  ? 9.631   1.469   9.194   1.00 30.62 ? 86  LEU A N   1 
ATOM   680  C  CA  . LEU A 1 87  ? 8.277   1.817   9.594   1.00 28.85 ? 86  LEU A CA  1 
ATOM   681  C  C   . LEU A 1 87  ? 8.250   3.110   10.427  1.00 27.21 ? 86  LEU A C   1 
ATOM   682  O  O   . LEU A 1 87  ? 7.306   3.876   10.318  1.00 22.43 ? 86  LEU A O   1 
ATOM   683  C  CB  . LEU A 1 87  ? 7.716   0.597   10.334  1.00 31.98 ? 86  LEU A CB  1 
ATOM   684  C  CG  . LEU A 1 87  ? 6.242   0.646   10.719  1.00 36.01 ? 86  LEU A CG  1 
ATOM   685  C  CD1 . LEU A 1 87  ? 5.593   -0.724  10.543  1.00 34.03 ? 86  LEU A CD1 1 
ATOM   686  C  CD2 . LEU A 1 87  ? 6.071   1.143   12.160  1.00 38.28 ? 86  LEU A CD2 1 
ATOM   687  N  N   . LYS A 1 88  ? 9.297   3.399   11.226  1.00 28.01 ? 87  LYS A N   1 
ATOM   688  C  CA  . LYS A 1 88  ? 9.257   4.578   12.125  1.00 27.43 ? 87  LYS A CA  1 
ATOM   689  C  C   . LYS A 1 88  ? 9.031   5.885   11.352  1.00 26.29 ? 87  LYS A C   1 
ATOM   690  O  O   . LYS A 1 88  ? 8.147   6.679   11.711  1.00 25.36 ? 87  LYS A O   1 
ATOM   691  C  CB  . LYS A 1 88  ? 10.517  4.699   12.993  1.00 31.56 ? 87  LYS A CB  1 
ATOM   692  C  CG  . LYS A 1 88  ? 10.283  5.432   14.315  1.00 36.63 ? 87  LYS A CG  1 
ATOM   693  C  CD  . LYS A 1 88  ? 11.405  5.369   15.355  1.00 37.33 ? 87  LYS A CD  1 
ATOM   694  C  CE  . LYS A 1 88  ? 12.772  5.753   14.829  1.00 38.92 ? 87  LYS A CE  1 
ATOM   695  N  NZ  . LYS A 1 88  ? 12.804  7.134   14.294  1.00 41.70 ? 87  LYS A NZ  1 
ATOM   696  N  N   . PRO A 1 89  ? 9.833   6.206   10.310  1.00 26.01 ? 88  PRO A N   1 
ATOM   697  C  CA  . PRO A 1 89  ? 9.639   7.444   9.557   1.00 25.76 ? 88  PRO A CA  1 
ATOM   698  C  C   . PRO A 1 89  ? 8.239   7.572   8.922   1.00 24.17 ? 88  PRO A C   1 
ATOM   699  O  O   . PRO A 1 89  ? 7.633   8.644   8.973   1.00 22.78 ? 88  PRO A O   1 
ATOM   700  C  CB  . PRO A 1 89  ? 10.763  7.407   8.495   1.00 26.73 ? 88  PRO A CB  1 
ATOM   701  C  CG  . PRO A 1 89  ? 11.191  5.975   8.438   1.00 27.86 ? 88  PRO A CG  1 
ATOM   702  C  CD  . PRO A 1 89  ? 11.001  5.446   9.840   1.00 26.10 ? 88  PRO A CD  1 
ATOM   703  N  N   . LEU A 1 90  ? 7.744   6.474   8.349   1.00 22.07 ? 89  LEU A N   1 
ATOM   704  C  CA  . LEU A 1 90  ? 6.433   6.432   7.675   1.00 21.98 ? 89  LEU A CA  1 
ATOM   705  C  C   . LEU A 1 90  ? 5.316   6.785   8.683   1.00 19.82 ? 89  LEU A C   1 
ATOM   706  O  O   . LEU A 1 90  ? 4.458   7.639   8.424   1.00 19.59 ? 89  LEU A O   1 
ATOM   707  C  CB  . LEU A 1 90  ? 6.266   5.034   7.073   1.00 24.78 ? 89  LEU A CB  1 
ATOM   708  C  CG  . LEU A 1 90  ? 5.261   4.906   5.928   1.00 26.85 ? 89  LEU A CG  1 
ATOM   709  C  CD1 . LEU A 1 90  ? 5.839   5.494   4.655   1.00 30.27 ? 89  LEU A CD1 1 
ATOM   710  C  CD2 . LEU A 1 90  ? 4.869   3.448   5.705   1.00 28.07 ? 89  LEU A CD2 1 
ATOM   711  N  N   . ALA A 1 91  ? 5.396   6.199   9.876   1.00 20.22 ? 90  ALA A N   1 
ATOM   712  C  CA  . ALA A 1 91  ? 4.368   6.361   10.920  1.00 21.28 ? 90  ALA A CA  1 
ATOM   713  C  C   . ALA A 1 91  ? 4.363   7.816   11.404  1.00 23.43 ? 90  ALA A C   1 
ATOM   714  O  O   . ALA A 1 91  ? 3.331   8.464   11.473  1.00 22.58 ? 90  ALA A O   1 
ATOM   715  C  CB  . ALA A 1 91  ? 4.616   5.361   12.026  1.00 20.51 ? 90  ALA A CB  1 
ATOM   716  N  N   . GLN A 1 92  ? 5.562   8.361   11.612  1.00 24.94 ? 91  GLN A N   1 
ATOM   717  C  CA  . GLN A 1 92  ? 5.745   9.736   12.029  1.00 28.68 ? 91  GLN A CA  1 
ATOM   718  C  C   . GLN A 1 92  ? 5.121   10.690  11.008  1.00 24.97 ? 91  GLN A C   1 
ATOM   719  O  O   . GLN A 1 92  ? 4.212   11.442  11.341  1.00 27.88 ? 91  GLN A O   1 
ATOM   720  C  CB  . GLN A 1 92  ? 7.241   9.994   12.220  1.00 32.58 ? 91  GLN A CB  1 
ATOM   721  C  CG  . GLN A 1 92  ? 7.607   11.451  12.461  1.00 37.86 ? 91  GLN A CG  1 
ATOM   722  C  CD  . GLN A 1 92  ? 8.938   11.552  13.167  1.00 42.92 ? 91  GLN A CD  1 
ATOM   723  O  OE1 . GLN A 1 92  ? 9.827   10.707  12.994  1.00 42.16 ? 91  GLN A OE1 1 
ATOM   724  N  NE2 . GLN A 1 92  ? 9.071   12.580  13.995  1.00 45.14 ? 91  GLN A NE2 1 
ATOM   725  N  N   . SER A 1 93  ? 5.601   10.637  9.760   1.00 24.03 ? 92  SER A N   1 
ATOM   726  C  CA  . SER A 1 93  ? 5.162   11.573  8.747   1.00 25.12 ? 92  SER A CA  1 
ATOM   727  C  C   . SER A 1 93  ? 3.654   11.438  8.536   1.00 23.29 ? 92  SER A C   1 
ATOM   728  O  O   . SER A 1 93  ? 2.983   12.439  8.373   1.00 24.16 ? 92  SER A O   1 
ATOM   729  C  CB  . SER A 1 93  ? 5.926   11.428  7.448   1.00 25.22 ? 92  SER A CB  1 
ATOM   730  O  OG  . SER A 1 93  ? 5.626   10.220  6.763   1.00 22.75 ? 92  SER A OG  1 
ATOM   731  N  N   . HIS A 1 94  ? 3.133   10.199  8.518   1.00 21.60 ? 93  HIS A N   1 
ATOM   732  C  CA  . HIS A 1 94  ? 1.725   9.987   8.177   1.00 20.52 ? 93  HIS A CA  1 
ATOM   733  C  C   . HIS A 1 94  ? 0.791   10.440  9.307   1.00 19.10 ? 93  HIS A C   1 
ATOM   734  O  O   . HIS A 1 94  ? -0.284  10.924  9.018   1.00 18.99 ? 93  HIS A O   1 
ATOM   735  C  CB  . HIS A 1 94  ? 1.471   8.547   7.717   1.00 19.38 ? 93  HIS A CB  1 
ATOM   736  C  CG  . HIS A 1 94  ? 1.909   8.340   6.301   1.00 18.85 ? 93  HIS A CG  1 
ATOM   737  N  ND1 . HIS A 1 94  ? 3.229   8.402   5.932   1.00 18.91 ? 93  HIS A ND1 1 
ATOM   738  C  CD2 . HIS A 1 94  ? 1.210   8.175   5.163   1.00 19.19 ? 93  HIS A CD2 1 
ATOM   739  C  CE1 . HIS A 1 94  ? 3.330   8.262   4.625   1.00 18.20 ? 93  HIS A CE1 1 
ATOM   740  N  NE2 . HIS A 1 94  ? 2.105   8.099   4.127   1.00 18.57 ? 93  HIS A NE2 1 
ATOM   741  N  N   . ALA A 1 95  ? 1.182   10.274  10.576  1.00 20.74 ? 94  ALA A N   1 
ATOM   742  C  CA  . ALA A 1 95  ? 0.343   10.739  11.712  1.00 23.66 ? 94  ALA A CA  1 
ATOM   743  C  C   . ALA A 1 95  ? 0.350   12.276  11.834  1.00 25.17 ? 94  ALA A C   1 
ATOM   744  O  O   . ALA A 1 95  ? -0.716  12.934  11.975  1.00 22.71 ? 94  ALA A O   1 
ATOM   745  C  CB  . ALA A 1 95  ? 0.819   10.109  12.991  1.00 22.45 ? 94  ALA A CB  1 
ATOM   746  N  N   . THR A 1 96  ? 1.557   12.842  11.807  1.00 27.08 ? 95  THR A N   1 
ATOM   747  C  CA  . THR A 1 96  ? 1.813   14.198  12.311  1.00 27.65 ? 95  THR A CA  1 
ATOM   748  C  C   . THR A 1 96  ? 1.891   15.222  11.179  1.00 30.04 ? 95  THR A C   1 
ATOM   749  O  O   . THR A 1 96  ? 1.595   16.390  11.416  1.00 32.71 ? 95  THR A O   1 
ATOM   750  C  CB  . THR A 1 96  ? 3.118   14.269  13.110  1.00 29.72 ? 95  THR A CB  1 
ATOM   751  O  OG1 . THR A 1 96  ? 4.199   14.315  12.176  1.00 29.77 ? 95  THR A OG1 1 
ATOM   752  C  CG2 . THR A 1 96  ? 3.295   13.119  14.076  1.00 32.07 ? 95  THR A CG2 1 
ATOM   753  N  N   . LYS A 1 97  ? 2.329   14.813  9.982   1.00 26.56 ? 96  LYS A N   1 
ATOM   754  C  CA  . LYS A 1 97  ? 2.476   15.767  8.887   1.00 29.72 ? 96  LYS A CA  1 
ATOM   755  C  C   . LYS A 1 97  ? 1.353   15.551  7.861   1.00 27.00 ? 96  LYS A C   1 
ATOM   756  O  O   . LYS A 1 97  ? 0.747   16.506  7.406   1.00 23.37 ? 96  LYS A O   1 
ATOM   757  C  CB  . LYS A 1 97  ? 3.877   15.694  8.270   1.00 32.93 ? 96  LYS A CB  1 
ATOM   758  C  CG  . LYS A 1 97  ? 4.165   16.711  7.171   1.00 38.16 ? 96  LYS A CG  1 
ATOM   759  C  CD  . LYS A 1 97  ? 5.596   16.656  6.628   1.00 42.00 ? 96  LYS A CD  1 
ATOM   760  C  CE  . LYS A 1 97  ? 5.855   17.591  5.459   1.00 44.52 ? 96  LYS A CE  1 
ATOM   761  N  NZ  . LYS A 1 97  ? 5.934   19.009  5.883   1.00 48.06 ? 96  LYS A NZ  1 
ATOM   762  N  N   . HIS A 1 98  ? 1.047   14.292  7.530   1.00 25.59 ? 97  HIS A N   1 
ATOM   763  C  CA  . HIS A 1 98  ? 0.100   14.009  6.452   1.00 23.93 ? 97  HIS A CA  1 
ATOM   764  C  C   . HIS A 1 98  ? -1.333  13.921  6.973   1.00 23.64 ? 97  HIS A C   1 
ATOM   765  O  O   . HIS A 1 98  ? -2.266  14.100  6.184   1.00 20.81 ? 97  HIS A O   1 
ATOM   766  C  CB  . HIS A 1 98  ? 0.514   12.752  5.681   1.00 24.46 ? 97  HIS A CB  1 
ATOM   767  C  CG  . HIS A 1 98  ? 1.871   12.898  5.097   1.00 24.59 ? 97  HIS A CG  1 
ATOM   768  N  ND1 . HIS A 1 98  ? 2.262   14.071  4.469   1.00 22.92 ? 97  HIS A ND1 1 
ATOM   769  C  CD2 . HIS A 1 98  ? 2.937   12.068  5.072   1.00 23.94 ? 97  HIS A CD2 1 
ATOM   770  C  CE1 . HIS A 1 98  ? 3.505   13.944  4.056   1.00 23.03 ? 97  HIS A CE1 1 
ATOM   771  N  NE2 . HIS A 1 98  ? 3.953   12.719  4.409   1.00 21.39 ? 97  HIS A NE2 1 
ATOM   772  N  N   . LYS A 1 99  ? -1.470  13.639  8.271   1.00 26.66 ? 98  LYS A N   1 
ATOM   773  C  CA  . LYS A 1 99  ? -2.743  13.498  8.953   1.00 27.65 ? 98  LYS A CA  1 
ATOM   774  C  C   . LYS A 1 99  ? -3.579  12.362  8.337   1.00 24.16 ? 98  LYS A C   1 
ATOM   775  O  O   . LYS A 1 99  ? -4.753  12.544  8.058   1.00 23.93 ? 98  LYS A O   1 
ATOM   776  C  CB  . LYS A 1 99  ? -3.517  14.821  8.881   1.00 33.16 ? 98  LYS A CB  1 
ATOM   777  C  CG  . LYS A 1 99  ? -2.757  16.035  9.390   1.00 36.12 ? 98  LYS A CG  1 
ATOM   778  C  CD  . LYS A 1 99  ? -2.321  15.862  10.822  1.00 38.89 ? 98  LYS A CD  1 
ATOM   779  C  CE  . LYS A 1 99  ? -2.129  17.172  11.548  1.00 41.11 ? 98  LYS A CE  1 
ATOM   780  N  NZ  . LYS A 1 99  ? -0.879  17.828  11.109  1.00 41.94 ? 98  LYS A NZ  1 
ATOM   781  N  N   . ILE A 1 100 ? -2.993  11.171  8.227   1.00 21.31 ? 99  ILE A N   1 
ATOM   782  C  CA  . ILE A 1 100 ? -3.667  10.025  7.633   1.00 18.72 ? 99  ILE A CA  1 
ATOM   783  C  C   . ILE A 1 100 ? -4.250  9.153   8.741   1.00 19.91 ? 99  ILE A C   1 
ATOM   784  O  O   . ILE A 1 100 ? -3.514  8.537   9.514   1.00 20.32 ? 99  ILE A O   1 
ATOM   785  C  CB  . ILE A 1 100 ? -2.692  9.231   6.736   1.00 17.75 ? 99  ILE A CB  1 
ATOM   786  C  CG1 . ILE A 1 100 ? -2.087  10.153  5.671   1.00 16.06 ? 99  ILE A CG1 1 
ATOM   787  C  CG2 . ILE A 1 100 ? -3.358  8.014   6.116   1.00 16.54 ? 99  ILE A CG2 1 
ATOM   788  C  CD1 . ILE A 1 100 ? -3.109  10.814  4.799   1.00 17.28 ? 99  ILE A CD1 1 
ATOM   789  N  N   . PRO A 1 101 ? -5.586  8.981   8.805   1.00 19.71 ? 100 PRO A N   1 
ATOM   790  C  CA  . PRO A 1 101 ? -6.173  7.975   9.699   1.00 20.54 ? 100 PRO A CA  1 
ATOM   791  C  C   . PRO A 1 101 ? -5.732  6.517   9.462   1.00 21.12 ? 100 PRO A C   1 
ATOM   792  O  O   . PRO A 1 101 ? -5.535  6.099   8.342   1.00 20.65 ? 100 PRO A O   1 
ATOM   793  C  CB  . PRO A 1 101 ? -7.673  8.121   9.434   1.00 21.10 ? 100 PRO A CB  1 
ATOM   794  C  CG  . PRO A 1 101 ? -7.825  9.544   8.994   1.00 20.36 ? 100 PRO A CG  1 
ATOM   795  C  CD  . PRO A 1 101 ? -6.604  9.776   8.115   1.00 19.78 ? 100 PRO A CD  1 
ATOM   796  N  N   . ILE A 1 102 ? -5.624  5.727   10.538  1.00 20.78 ? 101 ILE A N   1 
ATOM   797  C  CA  . ILE A 1 102 ? -5.250  4.312   10.381  1.00 22.96 ? 101 ILE A CA  1 
ATOM   798  C  C   . ILE A 1 102 ? -6.265  3.631   9.458   1.00 20.63 ? 101 ILE A C   1 
ATOM   799  O  O   . ILE A 1 102 ? -5.890  2.758   8.665   1.00 22.41 ? 101 ILE A O   1 
ATOM   800  C  CB  . ILE A 1 102 ? -5.060  3.596   11.733  1.00 25.24 ? 101 ILE A CB  1 
ATOM   801  C  CG1 . ILE A 1 102 ? -3.851  4.160   12.477  1.00 25.01 ? 101 ILE A CG1 1 
ATOM   802  C  CG2 . ILE A 1 102 ? -4.917  2.099   11.561  1.00 26.72 ? 101 ILE A CG2 1 
ATOM   803  C  CD1 . ILE A 1 102 ? -2.517  3.967   11.769  1.00 24.49 ? 101 ILE A CD1 1 
ATOM   804  N  N   . LYS A 1 103 ? -7.531  4.051   9.526   1.00 23.46 ? 102 LYS A N   1 
ATOM   805  C  CA  . LYS A 1 103 ? -8.605  3.518   8.663   1.00 21.98 ? 102 LYS A CA  1 
ATOM   806  C  C   . LYS A 1 103 ? -8.203  3.560   7.181   1.00 21.09 ? 102 LYS A C   1 
ATOM   807  O  O   . LYS A 1 103 ? -8.509  2.648   6.427   1.00 21.15 ? 102 LYS A O   1 
ATOM   808  C  CB  . LYS A 1 103 ? -9.897  4.305   8.921   1.00 25.12 ? 102 LYS A CB  1 
ATOM   809  C  CG  . LYS A 1 103 ? -11.121 3.790   8.191   1.00 27.65 ? 102 LYS A CG  1 
ATOM   810  C  CD  . LYS A 1 103 ? -11.436 2.367   8.581   1.00 29.29 ? 102 LYS A CD  1 
ATOM   811  C  CE  . LYS A 1 103 ? -12.835 1.909   8.214   1.00 29.66 ? 102 LYS A CE  1 
ATOM   812  N  NZ  . LYS A 1 103 ? -13.018 0.497   8.648   1.00 29.42 ? 102 LYS A NZ  1 
ATOM   813  N  N   . TYR A 1 104 ? -7.483  4.607   6.765   1.00 19.28 ? 103 TYR A N   1 
ATOM   814  C  CA  . TYR A 1 104 ? -7.048  4.740   5.376   1.00 19.51 ? 103 TYR A CA  1 
ATOM   815  C  C   . TYR A 1 104 ? -6.024  3.648   4.989   1.00 17.82 ? 103 TYR A C   1 
ATOM   816  O  O   . TYR A 1 104 ? -5.937  3.279   3.812   1.00 18.12 ? 103 TYR A O   1 
ATOM   817  C  CB  . TYR A 1 104 ? -6.497  6.143   5.130   1.00 19.90 ? 103 TYR A CB  1 
ATOM   818  C  CG  . TYR A 1 104 ? -7.462  7.316   5.140   1.00 19.94 ? 103 TYR A CG  1 
ATOM   819  C  CD1 . TYR A 1 104 ? -8.764  7.247   5.598   1.00 22.48 ? 103 TYR A CD1 1 
ATOM   820  C  CD2 . TYR A 1 104 ? -7.018  8.553   4.705   1.00 21.59 ? 103 TYR A CD2 1 
ATOM   821  C  CE1 . TYR A 1 104 ? -9.592  8.369   5.607   1.00 21.54 ? 103 TYR A CE1 1 
ATOM   822  C  CE2 . TYR A 1 104 ? -7.809  9.694   4.744   1.00 22.04 ? 103 TYR A CE2 1 
ATOM   823  C  CZ  . TYR A 1 104 ? -9.116  9.594   5.166   1.00 20.79 ? 103 TYR A CZ  1 
ATOM   824  O  OH  . TYR A 1 104 ? -9.897  10.710  5.144   1.00 21.45 ? 103 TYR A OH  1 
ATOM   825  N  N   . LEU A 1 105 ? -5.246  3.137   5.945   1.00 18.03 ? 104 LEU A N   1 
ATOM   826  C  CA  . LEU A 1 105 ? -4.302  2.017   5.671   1.00 20.06 ? 104 LEU A CA  1 
ATOM   827  C  C   . LEU A 1 105 ? -5.092  0.740   5.370   1.00 18.37 ? 104 LEU A C   1 
ATOM   828  O  O   . LEU A 1 105 ? -4.700  -0.098  4.547   1.00 18.13 ? 104 LEU A O   1 
ATOM   829  C  CB  . LEU A 1 105 ? -3.341  1.802   6.847   1.00 24.10 ? 104 LEU A CB  1 
ATOM   830  C  CG  . LEU A 1 105 ? -2.355  2.931   7.158   1.00 27.74 ? 104 LEU A CG  1 
ATOM   831  C  CD1 . LEU A 1 105 ? -1.217  2.417   8.046   1.00 27.52 ? 104 LEU A CD1 1 
ATOM   832  C  CD2 . LEU A 1 105 ? -1.779  3.559   5.897   1.00 30.71 ? 104 LEU A CD2 1 
ATOM   833  N  N   . GLU A 1 106 ? -6.233  0.593   6.035   1.00 17.71 ? 105 GLU A N   1 
ATOM   834  C  CA  . GLU A 1 106 ? -7.148  -0.481  5.708   1.00 18.95 ? 105 GLU A CA  1 
ATOM   835  C  C   . GLU A 1 106 ? -7.594  -0.334  4.252   1.00 17.70 ? 105 GLU A C   1 
ATOM   836  O  O   . GLU A 1 106 ? -7.612  -1.309  3.448   1.00 17.63 ? 105 GLU A O   1 
ATOM   837  C  CB  . GLU A 1 106 ? -8.327  -0.474  6.677   1.00 20.49 ? 105 GLU A CB  1 
ATOM   838  C  CG  . GLU A 1 106 ? -8.972  -1.824  6.831   1.00 23.55 ? 105 GLU A CG  1 
ATOM   839  C  CD  . GLU A 1 106 ? -10.257 -1.786  7.641   1.00 27.03 ? 105 GLU A CD  1 
ATOM   840  O  OE1 . GLU A 1 106 ? -11.108 -2.684  7.451   1.00 31.16 ? 105 GLU A OE1 1 
ATOM   841  O  OE2 . GLU A 1 106 ? -10.419 -0.835  8.428   1.00 28.54 ? 105 GLU A OE2 1 
ATOM   842  N  N   . PHE A 1 107 ? -7.909  0.901   3.847   1.00 15.80 ? 106 PHE A N   1 
ATOM   843  C  CA  . PHE A 1 107 ? -8.475  1.063   2.491   1.00 15.79 ? 106 PHE A CA  1 
ATOM   844  C  C   . PHE A 1 107 ? -7.412  0.759   1.428   1.00 14.27 ? 106 PHE A C   1 
ATOM   845  O  O   . PHE A 1 107 ? -7.705  0.160   0.413   1.00 13.80 ? 106 PHE A O   1 
ATOM   846  C  CB  . PHE A 1 107 ? -8.984  2.479   2.229   1.00 17.03 ? 106 PHE A CB  1 
ATOM   847  C  CG  . PHE A 1 107 ? -10.087 2.976   3.124   1.00 18.34 ? 106 PHE A CG  1 
ATOM   848  C  CD1 . PHE A 1 107 ? -10.994 2.099   3.726   1.00 18.47 ? 106 PHE A CD1 1 
ATOM   849  C  CD2 . PHE A 1 107 ? -10.213 4.344   3.361   1.00 19.73 ? 106 PHE A CD2 1 
ATOM   850  C  CE1 . PHE A 1 107 ? -12.002 2.593   4.547   1.00 19.42 ? 106 PHE A CE1 1 
ATOM   851  C  CE2 . PHE A 1 107 ? -11.218 4.829   4.190   1.00 18.93 ? 106 PHE A CE2 1 
ATOM   852  C  CZ  . PHE A 1 107 ? -12.094 3.950   4.794   1.00 20.27 ? 106 PHE A CZ  1 
ATOM   853  N  N   . ILE A 1 108 ? -6.171  1.148   1.668   1.00 14.27 ? 107 ILE A N   1 
ATOM   854  C  CA  . ILE A 1 108 ? -5.175  0.897   0.629   1.00 15.61 ? 107 ILE A CA  1 
ATOM   855  C  C   . ILE A 1 108 ? -4.863  -0.609  0.613   1.00 15.11 ? 107 ILE A C   1 
ATOM   856  O  O   . ILE A 1 108 ? -4.584  -1.165  -0.401  1.00 15.49 ? 107 ILE A O   1 
ATOM   857  C  CB  . ILE A 1 108 ? -3.921  1.780   0.761   1.00 16.80 ? 107 ILE A CB  1 
ATOM   858  C  CG1 . ILE A 1 108 ? -3.057  1.561   -0.479  1.00 18.89 ? 107 ILE A CG1 1 
ATOM   859  C  CG2 . ILE A 1 108 ? -3.112  1.533   2.022   1.00 16.81 ? 107 ILE A CG2 1 
ATOM   860  C  CD1 . ILE A 1 108 ? -2.277  2.726   -0.837  1.00 23.34 ? 107 ILE A CD1 1 
ATOM   861  N  N   . SER A 1 109 ? -4.919  -1.257  1.768   1.00 16.39 ? 108 SER A N   1 
ATOM   862  C  CA  . SER A 1 109 ? -4.769  -2.716  1.827   1.00 17.50 ? 108 SER A CA  1 
ATOM   863  C  C   . SER A 1 109 ? -5.774  -3.407  0.896   1.00 17.10 ? 108 SER A C   1 
ATOM   864  O  O   . SER A 1 109 ? -5.398  -4.261  0.126   1.00 17.48 ? 108 SER A O   1 
ATOM   865  C  CB  . SER A 1 109 ? -4.837  -3.229  3.249   1.00 17.66 ? 108 SER A CB  1 
ATOM   866  O  OG  . SER A 1 109 ? -3.818  -2.595  3.994   1.00 21.04 ? 108 SER A OG  1 
ATOM   867  N  N   . GLU A 1 110 ? -7.039  -2.961  0.909   1.00 18.55 ? 109 GLU A N   1 
ATOM   868  C  CA  . GLU A 1 110 ? -8.139  -3.519  0.069   1.00 20.13 ? 109 GLU A CA  1 
ATOM   869  C  C   . GLU A 1 110 ? -7.838  -3.240  -1.410  1.00 19.23 ? 109 GLU A C   1 
ATOM   870  O  O   . GLU A 1 110 ? -8.050  -4.083  -2.269  1.00 19.10 ? 109 GLU A O   1 
ATOM   871  C  CB  . GLU A 1 110 ? -9.505  -2.940  0.478   1.00 21.52 ? 109 GLU A CB  1 
ATOM   872  C  CG  . GLU A 1 110 ? -9.842  -3.176  1.950   1.00 26.44 ? 109 GLU A CG  1 
ATOM   873  C  CD  . GLU A 1 110 ? -11.162 -2.652  2.520   1.00 31.63 ? 109 GLU A CD  1 
ATOM   874  O  OE1 . GLU A 1 110 ? -11.422 -1.425  2.473   1.00 33.61 ? 109 GLU A OE1 1 
ATOM   875  O  OE2 . GLU A 1 110 ? -11.907 -3.478  3.090   1.00 39.02 ? 109 GLU A OE2 1 
ATOM   876  N  N   . ALA A 1 111 ? -7.272  -2.068  -1.693  1.00 17.88 ? 110 ALA A N   1 
ATOM   877  C  CA  . ALA A 1 111 ? -6.950  -1.695  -3.052  1.00 15.91 ? 110 ALA A CA  1 
ATOM   878  C  C   . ALA A 1 111 ? -5.792  -2.558  -3.572  1.00 16.56 ? 110 ALA A C   1 
ATOM   879  O  O   . ALA A 1 111 ? -5.841  -3.006  -4.696  1.00 16.78 ? 110 ALA A O   1 
ATOM   880  C  CB  . ALA A 1 111 ? -6.642  -0.219  -3.144  1.00 16.17 ? 110 ALA A CB  1 
ATOM   881  N  N   . ILE A 1 112 ? -4.758  -2.760  -2.748  1.00 16.49 ? 111 ILE A N   1 
ATOM   882  C  CA  . ILE A 1 112 ? -3.586  -3.532  -3.136  1.00 17.84 ? 111 ILE A CA  1 
ATOM   883  C  C   . ILE A 1 112 ? -4.055  -4.947  -3.475  1.00 20.96 ? 111 ILE A C   1 
ATOM   884  O  O   . ILE A 1 112 ? -3.672  -5.512  -4.511  1.00 20.86 ? 111 ILE A O   1 
ATOM   885  C  CB  . ILE A 1 112 ? -2.530  -3.517  -2.019  1.00 16.45 ? 111 ILE A CB  1 
ATOM   886  C  CG1 . ILE A 1 112 ? -1.849  -2.161  -1.887  1.00 15.23 ? 111 ILE A CG1 1 
ATOM   887  C  CG2 . ILE A 1 112 ? -1.491  -4.628  -2.191  1.00 17.69 ? 111 ILE A CG2 1 
ATOM   888  C  CD1 . ILE A 1 112 ? -1.057  -2.021  -0.617  1.00 14.77 ? 111 ILE A CD1 1 
ATOM   889  N  N   . ILE A 1 113 ? -4.944  -5.482  -2.639  1.00 23.08 ? 112 ILE A N   1 
ATOM   890  C  CA  . ILE A 1 113 ? -5.371  -6.847  -2.797  1.00 27.97 ? 112 ILE A CA  1 
ATOM   891  C  C   . ILE A 1 113 ? -6.213  -6.970  -4.076  1.00 31.03 ? 112 ILE A C   1 
ATOM   892  O  O   . ILE A 1 113 ? -5.892  -7.824  -4.916  1.00 30.77 ? 112 ILE A O   1 
ATOM   893  C  CB  . ILE A 1 113 ? -6.045  -7.351  -1.506  1.00 30.68 ? 112 ILE A CB  1 
ATOM   894  C  CG1 . ILE A 1 113 ? -4.966  -7.727  -0.487  1.00 32.06 ? 112 ILE A CG1 1 
ATOM   895  C  CG2 . ILE A 1 113 ? -7.007  -8.495  -1.796  1.00 30.28 ? 112 ILE A CG2 1 
ATOM   896  C  CD1 . ILE A 1 113 ? -5.285  -7.332  0.934   1.00 34.27 ? 112 ILE A CD1 1 
ATOM   897  N  N   . HIS A 1 114 ? -7.165  -6.045  -4.275  1.00 31.34 ? 113 HIS A N   1 
ATOM   898  C  CA  . HIS A 1 114 ? -8.009  -5.954  -5.466  1.00 30.80 ? 113 HIS A CA  1 
ATOM   899  C  C   . HIS A 1 114 ? -7.178  -5.869  -6.757  1.00 30.27 ? 113 HIS A C   1 
ATOM   900  O  O   . HIS A 1 114 ? -7.601  -6.432  -7.782  1.00 31.74 ? 113 HIS A O   1 
ATOM   901  C  CB  . HIS A 1 114 ? -8.970  -4.759  -5.363  1.00 31.99 ? 113 HIS A CB  1 
ATOM   902  C  CG  . HIS A 1 114 ? -9.926  -4.633  -6.504  1.00 36.11 ? 113 HIS A CG  1 
ATOM   903  N  ND1 . HIS A 1 114 ? -11.300 -4.675  -6.335  1.00 40.36 ? 113 HIS A ND1 1 
ATOM   904  C  CD2 . HIS A 1 114 ? -9.720  -4.483  -7.833  1.00 36.87 ? 113 HIS A CD2 1 
ATOM   905  C  CE1 . HIS A 1 114 ? -11.893 -4.553  -7.510  1.00 37.52 ? 113 HIS A CE1 1 
ATOM   906  N  NE2 . HIS A 1 114 ? -10.944 -4.431  -8.440  1.00 38.24 ? 113 HIS A NE2 1 
ATOM   907  N  N   . VAL A 1 115 ? -6.060  -5.127  -6.742  1.00 27.48 ? 114 VAL A N   1 
ATOM   908  C  CA  . VAL A 1 115 ? -5.170  -5.013  -7.925  1.00 26.53 ? 114 VAL A CA  1 
ATOM   909  C  C   . VAL A 1 115 ? -4.200  -6.204  -8.082  1.00 27.68 ? 114 VAL A C   1 
ATOM   910  O  O   . VAL A 1 115 ? -3.946  -6.631  -9.216  1.00 28.49 ? 114 VAL A O   1 
ATOM   911  C  CB  . VAL A 1 115 ? -4.380  -3.691  -7.926  1.00 24.11 ? 114 VAL A CB  1 
ATOM   912  C  CG1 . VAL A 1 115 ? -3.349  -3.646  -9.055  1.00 23.53 ? 114 VAL A CG1 1 
ATOM   913  C  CG2 . VAL A 1 115 ? -5.330  -2.502  -7.969  1.00 23.58 ? 114 VAL A CG2 1 
ATOM   914  N  N   . LEU A 1 116 ? -3.533  -6.644  -7.012  1.00 29.43 ? 115 LEU A N   1 
ATOM   915  C  CA  . LEU A 1 116 ? -2.564  -7.756  -7.127  1.00 30.31 ? 115 LEU A CA  1 
ATOM   916  C  C   . LEU A 1 116 ? -3.276  -8.922  -7.798  1.00 31.34 ? 115 LEU A C   1 
ATOM   917  O  O   . LEU A 1 116 ? -2.708  -9.696  -8.578  1.00 27.64 ? 115 LEU A O   1 
ATOM   918  C  CB  . LEU A 1 116 ? -2.065  -8.169  -5.742  1.00 30.83 ? 115 LEU A CB  1 
ATOM   919  C  CG  . LEU A 1 116 ? -0.924  -7.317  -5.194  1.00 33.91 ? 115 LEU A CG  1 
ATOM   920  C  CD1 . LEU A 1 116 ? -0.167  -8.034  -4.086  1.00 31.87 ? 115 LEU A CD1 1 
ATOM   921  C  CD2 . LEU A 1 116 ? 0.024   -6.934  -6.297  1.00 34.01 ? 115 LEU A CD2 1 
ATOM   922  N  N   . HIS A 1 117 ? -4.546  -8.990  -7.447  1.00 29.97 ? 116 HIS A N   1 
ATOM   923  C  CA  . HIS A 1 117 ? -5.530  -9.910  -7.942  1.00 34.34 ? 116 HIS A CA  1 
ATOM   924  C  C   . HIS A 1 117 ? -5.657  -9.837  -9.473  1.00 31.51 ? 116 HIS A C   1 
ATOM   925  O  O   . HIS A 1 117 ? -5.562  -10.871 -10.161 1.00 28.71 ? 116 HIS A O   1 
ATOM   926  C  CB  . HIS A 1 117 ? -6.826  -9.579  -7.202  1.00 38.38 ? 116 HIS A CB  1 
ATOM   927  C  CG  . HIS A 1 117 ? -7.834  -10.670 -7.193  1.00 45.43 ? 116 HIS A CG  1 
ATOM   928  N  ND1 . HIS A 1 117 ? -8.611  -10.935 -8.292  1.00 47.24 ? 116 HIS A ND1 1 
ATOM   929  C  CD2 . HIS A 1 117 ? -8.208  -11.534 -6.224  1.00 45.10 ? 116 HIS A CD2 1 
ATOM   930  C  CE1 . HIS A 1 117 ? -9.405  -11.945 -8.017  1.00 50.66 ? 116 HIS A CE1 1 
ATOM   931  N  NE2 . HIS A 1 117 ? -9.173  -12.331 -6.755  1.00 49.30 ? 116 HIS A NE2 1 
ATOM   932  N  N   . SER A 1 118 ? -5.947  -8.645  -10.012 1.00 31.77 ? 117 SER A N   1 
ATOM   933  C  CA  . SER A 1 118 ? -6.181  -8.429  -11.480 1.00 30.01 ? 117 SER A CA  1 
ATOM   934  C  C   . SER A 1 118 ? -4.987  -8.894  -12.321 1.00 29.17 ? 117 SER A C   1 
ATOM   935  O  O   . SER A 1 118 ? -5.148  -9.489  -13.361 1.00 28.41 ? 117 SER A O   1 
ATOM   936  C  CB  . SER A 1 118 ? -6.476  -6.998  -11.774 1.00 29.81 ? 117 SER A CB  1 
ATOM   937  O  OG  . SER A 1 118 ? -7.431  -6.478  -10.858 1.00 33.67 ? 117 SER A OG  1 
ATOM   938  N  N   . ARG A 1 119 ? -3.775  -8.607  -11.846 1.00 25.62 ? 118 ARG A N   1 
ATOM   939  C  CA  . ARG A 1 119 ? -2.590  -8.652  -12.676 1.00 28.30 ? 118 ARG A CA  1 
ATOM   940  C  C   . ARG A 1 119 ? -1.734  -9.909  -12.453 1.00 28.51 ? 118 ARG A C   1 
ATOM   941  O  O   . ARG A 1 119 ? -0.819  -10.133 -13.229 1.00 28.67 ? 118 ARG A O   1 
ATOM   942  C  CB  . ARG A 1 119 ? -1.814  -7.369  -12.413 1.00 29.02 ? 118 ARG A CB  1 
ATOM   943  C  CG  . ARG A 1 119 ? -2.706  -6.158  -12.648 1.00 31.25 ? 118 ARG A CG  1 
ATOM   944  C  CD  . ARG A 1 119 ? -1.964  -4.852  -12.660 1.00 30.93 ? 118 ARG A CD  1 
ATOM   945  N  NE  . ARG A 1 119 ? -0.877  -4.871  -13.612 1.00 35.59 ? 118 ARG A NE  1 
ATOM   946  C  CZ  . ARG A 1 119 ? -0.166  -3.816  -13.955 1.00 34.67 ? 118 ARG A CZ  1 
ATOM   947  N  NH1 . ARG A 1 119 ? -0.558  -2.608  -13.589 1.00 35.63 ? 118 ARG A NH1 1 
ATOM   948  N  NH2 . ARG A 1 119 ? 0.943   -3.979  -14.649 1.00 32.17 ? 118 ARG A NH2 1 
ATOM   949  N  N   . HIS A 1 120 ? -2.005  -10.686 -11.400 1.00 24.87 ? 119 HIS A N   1 
ATOM   950  C  CA  . HIS A 1 120 ? -1.235  -11.931 -11.127 1.00 27.67 ? 119 HIS A CA  1 
ATOM   951  C  C   . HIS A 1 120 ? -2.166  -12.989 -10.546 1.00 30.84 ? 119 HIS A C   1 
ATOM   952  O  O   . HIS A 1 120 ? -1.891  -13.546 -9.475  1.00 32.54 ? 119 HIS A O   1 
ATOM   953  C  CB  . HIS A 1 120 ? -0.038  -11.648 -10.197 1.00 25.21 ? 119 HIS A CB  1 
ATOM   954  C  CG  . HIS A 1 120 ? 0.684   -10.393 -10.545 1.00 25.29 ? 119 HIS A CG  1 
ATOM   955  N  ND1 . HIS A 1 120 ? 1.675   -10.356 -11.495 1.00 24.44 ? 119 HIS A ND1 1 
ATOM   956  C  CD2 . HIS A 1 120 ? 0.548   -9.126  -10.099 1.00 30.40 ? 119 HIS A CD2 1 
ATOM   957  C  CE1 . HIS A 1 120 ? 2.111   -9.115  -11.641 1.00 26.81 ? 119 HIS A CE1 1 
ATOM   958  N  NE2 . HIS A 1 120 ? 1.467   -8.347  -10.762 1.00 28.79 ? 119 HIS A NE2 1 
ATOM   959  N  N   . PRO A 1 121 ? -3.329  -13.274 -11.185 1.00 31.03 ? 120 PRO A N   1 
ATOM   960  C  CA  . PRO A 1 121 ? -4.231  -14.301 -10.659 1.00 29.43 ? 120 PRO A CA  1 
ATOM   961  C  C   . PRO A 1 121 ? -3.523  -15.632 -10.339 1.00 29.34 ? 120 PRO A C   1 
ATOM   962  O  O   . PRO A 1 121 ? -3.710  -16.138 -9.247  1.00 31.39 ? 120 PRO A O   1 
ATOM   963  C  CB  . PRO A 1 121 ? -5.299  -14.429 -11.758 1.00 28.97 ? 120 PRO A CB  1 
ATOM   964  C  CG  . PRO A 1 121 ? -5.327  -13.071 -12.385 1.00 29.40 ? 120 PRO A CG  1 
ATOM   965  C  CD  . PRO A 1 121 ? -3.888  -12.590 -12.366 1.00 31.09 ? 120 PRO A CD  1 
ATOM   966  N  N   . GLY A 1 122 ? -2.677  -16.131 -11.254 1.00 29.94 ? 121 GLY A N   1 
ATOM   967  C  CA  . GLY A 1 122 ? -2.033  -17.448 -11.124 1.00 29.40 ? 121 GLY A CA  1 
ATOM   968  C  C   . GLY A 1 122 ? -1.104  -17.544 -9.920  1.00 28.78 ? 121 GLY A C   1 
ATOM   969  O  O   . GLY A 1 122 ? -0.799  -18.647 -9.436  1.00 31.04 ? 121 GLY A O   1 
ATOM   970  N  N   . ASN A 1 123 ? -0.607  -16.394 -9.447  1.00 28.83 ? 122 ASN A N   1 
ATOM   971  C  CA  . ASN A 1 123 ? 0.287   -16.333 -8.281  1.00 27.23 ? 122 ASN A CA  1 
ATOM   972  C  C   . ASN A 1 123 ? -0.403  -15.605 -7.115  1.00 25.87 ? 122 ASN A C   1 
ATOM   973  O  O   . ASN A 1 123 ? 0.274   -15.165 -6.175  1.00 25.27 ? 122 ASN A O   1 
ATOM   974  C  CB  . ASN A 1 123 ? 1.626   -15.677 -8.627  1.00 29.92 ? 122 ASN A CB  1 
ATOM   975  C  CG  . ASN A 1 123 ? 2.407   -16.451 -9.669  1.00 30.22 ? 122 ASN A CG  1 
ATOM   976  O  OD1 . ASN A 1 123 ? 3.315   -17.200 -9.328  1.00 33.94 ? 122 ASN A OD1 1 
ATOM   977  N  ND2 . ASN A 1 123 ? 2.047   -16.313 -10.932 1.00 32.00 ? 122 ASN A ND2 1 
ATOM   978  N  N   . PHE A 1 124 ? -1.729  -15.450 -7.182  1.00 25.65 ? 123 PHE A N   1 
ATOM   979  C  CA  . PHE A 1 124 ? -2.493  -14.785 -6.104  1.00 26.23 ? 123 PHE A CA  1 
ATOM   980  C  C   . PHE A 1 124 ? -3.848  -15.488 -5.953  1.00 27.98 ? 123 PHE A C   1 
ATOM   981  O  O   . PHE A 1 124 ? -4.880  -14.846 -5.974  1.00 29.56 ? 123 PHE A O   1 
ATOM   982  C  CB  . PHE A 1 124 ? -2.614  -13.281 -6.376  1.00 24.10 ? 123 PHE A CB  1 
ATOM   983  C  CG  . PHE A 1 124 ? -2.772  -12.429 -5.142  1.00 22.80 ? 123 PHE A CG  1 
ATOM   984  C  CD1 . PHE A 1 124 ? -1.718  -12.247 -4.256  1.00 23.24 ? 123 PHE A CD1 1 
ATOM   985  C  CD2 . PHE A 1 124 ? -3.964  -11.771 -4.896  1.00 22.12 ? 123 PHE A CD2 1 
ATOM   986  C  CE1 . PHE A 1 124 ? -1.878  -11.450 -3.125  1.00 23.61 ? 123 PHE A CE1 1 
ATOM   987  C  CE2 . PHE A 1 124 ? -4.131  -11.007 -3.757  1.00 20.71 ? 123 PHE A CE2 1 
ATOM   988  C  CZ  . PHE A 1 124 ? -3.087  -10.825 -2.883  1.00 21.66 ? 123 PHE A CZ  1 
ATOM   989  N  N   . GLY A 1 125 ? -3.800  -16.823 -5.832  1.00 27.46 ? 124 GLY A N   1 
ATOM   990  C  CA  . GLY A 1 125 ? -4.901  -17.647 -5.305  1.00 27.58 ? 124 GLY A CA  1 
ATOM   991  C  C   . GLY A 1 125 ? -5.196  -17.314 -3.858  1.00 28.05 ? 124 GLY A C   1 
ATOM   992  O  O   . GLY A 1 125 ? -4.525  -16.486 -3.268  1.00 25.28 ? 124 GLY A O   1 
ATOM   993  N  N   . ALA A 1 126 ? -6.202  -17.970 -3.258  1.00 27.88 ? 125 ALA A N   1 
ATOM   994  C  CA  . ALA A 1 126 ? -6.663  -17.555 -1.941  1.00 26.49 ? 125 ALA A CA  1 
ATOM   995  C  C   . ALA A 1 126 ? -5.578  -17.782 -0.875  1.00 22.02 ? 125 ALA A C   1 
ATOM   996  O  O   . ALA A 1 126 ? -5.524  -17.041 0.110   1.00 24.63 ? 125 ALA A O   1 
ATOM   997  C  CB  . ALA A 1 126 ? -7.953  -18.259 -1.571  1.00 27.39 ? 125 ALA A CB  1 
ATOM   998  N  N   . ASP A 1 127 ? -4.682  -18.736 -1.075  1.00 22.32 ? 126 ASP A N   1 
ATOM   999  C  CA  . ASP A 1 127 ? -3.574  -18.957 -0.089  1.00 23.75 ? 126 ASP A CA  1 
ATOM   1000 C  C   . ASP A 1 127 ? -2.661  -17.707 -0.024  1.00 20.93 ? 126 ASP A C   1 
ATOM   1001 O  O   . ASP A 1 127 ? -2.240  -17.226 1.049   1.00 18.06 ? 126 ASP A O   1 
ATOM   1002 C  CB  . ASP A 1 127 ? -2.824  -20.259 -0.397  1.00 25.81 ? 126 ASP A CB  1 
ATOM   1003 C  CG  . ASP A 1 127 ? -2.006  -20.320 -1.679  1.00 27.58 ? 126 ASP A CG  1 
ATOM   1004 O  OD1 . ASP A 1 127 ? -2.281  -19.543 -2.642  1.00 33.07 ? 126 ASP A OD1 1 
ATOM   1005 O  OD2 . ASP A 1 127 ? -1.103  -21.157 -1.718  1.00 28.49 ? 126 ASP A OD2 1 
ATOM   1006 N  N   . ALA A 1 128 ? -2.369  -17.153 -1.189  1.00 19.92 ? 127 ALA A N   1 
ATOM   1007 C  CA  . ALA A 1 128 ? -1.480  -15.998 -1.290  1.00 17.87 ? 127 ALA A CA  1 
ATOM   1008 C  C   . ALA A 1 128 ? -2.217  -14.717 -0.860  1.00 17.77 ? 127 ALA A C   1 
ATOM   1009 O  O   . ALA A 1 128 ? -1.595  -13.776 -0.327  1.00 16.35 ? 127 ALA A O   1 
ATOM   1010 C  CB  . ALA A 1 128 ? -0.999  -15.905 -2.710  1.00 20.32 ? 127 ALA A CB  1 
ATOM   1011 N  N   . GLN A 1 129 ? -3.512  -14.653 -1.185  1.00 15.74 ? 128 GLN A N   1 
ATOM   1012 C  CA  . GLN A 1 129 ? -4.380  -13.563 -0.743  1.00 17.08 ? 128 GLN A CA  1 
ATOM   1013 C  C   . GLN A 1 129 ? -4.417  -13.530 0.786   1.00 16.43 ? 128 GLN A C   1 
ATOM   1014 O  O   . GLN A 1 129 ? -4.291  -12.475 1.396   1.00 17.97 ? 128 GLN A O   1 
ATOM   1015 C  CB  . GLN A 1 129 ? -5.794  -13.726 -1.313  1.00 18.10 ? 128 GLN A CB  1 
ATOM   1016 C  CG  . GLN A 1 129 ? -6.769  -12.644 -0.851  1.00 18.58 ? 128 GLN A CG  1 
ATOM   1017 C  CD  . GLN A 1 129 ? -8.185  -12.819 -1.365  1.00 20.45 ? 128 GLN A CD  1 
ATOM   1018 O  OE1 . GLN A 1 129 ? -8.447  -13.563 -2.297  1.00 20.50 ? 128 GLN A OE1 1 
ATOM   1019 N  NE2 . GLN A 1 129 ? -9.129  -12.103 -0.780  1.00 20.91 ? 128 GLN A NE2 1 
ATOM   1020 N  N   . GLY A 1 130 ? -4.527  -14.706 1.390   1.00 17.88 ? 129 GLY A N   1 
ATOM   1021 C  CA  . GLY A 1 130 ? -4.548  -14.813 2.832   1.00 18.09 ? 129 GLY A CA  1 
ATOM   1022 C  C   . GLY A 1 130 ? -3.252  -14.317 3.455   1.00 16.73 ? 129 GLY A C   1 
ATOM   1023 O  O   . GLY A 1 130 ? -3.257  -13.613 4.465   1.00 16.74 ? 129 GLY A O   1 
ATOM   1024 N  N   . ALA A 1 131 ? -2.137  -14.710 2.841   1.00 17.46 ? 130 ALA A N   1 
ATOM   1025 C  CA  . ALA A 1 131 ? -0.803  -14.348 3.327   1.00 15.07 ? 130 ALA A CA  1 
ATOM   1026 C  C   . ALA A 1 131 ? -0.582  -12.835 3.210   1.00 13.82 ? 130 ALA A C   1 
ATOM   1027 O  O   . ALA A 1 131 ? -0.085  -12.217 4.142   1.00 11.88 ? 130 ALA A O   1 
ATOM   1028 C  CB  . ALA A 1 131 ? 0.242   -15.117 2.578   1.00 14.10 ? 130 ALA A CB  1 
ATOM   1029 N  N   . MET A 1 132 ? -1.011  -12.266 2.090   1.00 14.23 ? 131 MET A N   1 
ATOM   1030 C  CA  . MET A 1 132 ? -0.854  -10.858 1.819   1.00 14.92 ? 131 MET A CA  1 
ATOM   1031 C  C   . MET A 1 132 ? -1.733  -10.054 2.796   1.00 14.87 ? 131 MET A C   1 
ATOM   1032 O  O   . MET A 1 132 ? -1.266  -9.091  3.334   1.00 12.78 ? 131 MET A O   1 
ATOM   1033 C  CB  . MET A 1 132 ? -1.175  -10.504 0.366   1.00 16.30 ? 131 MET A CB  1 
ATOM   1034 C  CG  . MET A 1 132 ? -0.957  -9.046  0.049   1.00 17.57 ? 131 MET A CG  1 
ATOM   1035 S  SD  . MET A 1 132 ? 0.764   -8.470  0.276   1.00 19.16 ? 131 MET A SD  1 
ATOM   1036 C  CE  . MET A 1 132 ? 1.484   -9.333  -1.117  1.00 19.40 ? 131 MET A CE  1 
ATOM   1037 N  N   . ASN A 1 133 ? -2.961  -10.521 3.053   1.00 17.26 ? 132 ASN A N   1 
ATOM   1038 C  CA  . ASN A 1 133 ? -3.848  -9.901  4.069   1.00 19.89 ? 132 ASN A CA  1 
ATOM   1039 C  C   . ASN A 1 133 ? -3.112  -9.797  5.399   1.00 16.79 ? 132 ASN A C   1 
ATOM   1040 O  O   . ASN A 1 133 ? -3.062  -8.741  6.004   1.00 17.44 ? 132 ASN A O   1 
ATOM   1041 C  CB  . ASN A 1 133 ? -5.100  -10.718 4.324   1.00 22.49 ? 132 ASN A CB  1 
ATOM   1042 C  CG  . ASN A 1 133 ? -6.134  -10.537 3.246   1.00 24.81 ? 132 ASN A CG  1 
ATOM   1043 O  OD1 . ASN A 1 133 ? -6.083  -9.552  2.533   1.00 27.59 ? 132 ASN A OD1 1 
ATOM   1044 N  ND2 . ASN A 1 133 ? -7.079  -11.467 3.142   1.00 28.15 ? 132 ASN A ND2 1 
ATOM   1045 N  N   . LYS A 1 134 ? -2.510  -10.918 5.793   1.00 16.05 ? 133 LYS A N   1 
ATOM   1046 C  CA  . LYS A 1 134 ? -1.823  -11.048 7.061   1.00 15.64 ? 133 LYS A CA  1 
ATOM   1047 C  C   . LYS A 1 134 ? -0.638  -10.071 7.155   1.00 14.13 ? 133 LYS A C   1 
ATOM   1048 O  O   . LYS A 1 134 ? -0.383  -9.463  8.208   1.00 12.32 ? 133 LYS A O   1 
ATOM   1049 C  CB  . LYS A 1 134 ? -1.421  -12.510 7.266   1.00 18.35 ? 133 LYS A CB  1 
ATOM   1050 C  CG  . LYS A 1 134 ? -1.612  -13.044 8.671   1.00 21.58 ? 133 LYS A CG  1 
ATOM   1051 C  CD  . LYS A 1 134 ? -1.106  -14.456 8.845   1.00 23.22 ? 133 LYS A CD  1 
ATOM   1052 C  CE  . LYS A 1 134 ? -0.774  -14.793 10.283  1.00 26.03 ? 133 LYS A CE  1 
ATOM   1053 N  NZ  . LYS A 1 134 ? -0.422  -16.230 10.436  1.00 26.34 ? 133 LYS A NZ  1 
ATOM   1054 N  N   . ALA A 1 135 ? 0.129   -9.964  6.067   1.00 13.60 ? 134 ALA A N   1 
ATOM   1055 C  CA  . ALA A 1 135 ? 1.287   -9.077  6.037   1.00 13.10 ? 134 ALA A CA  1 
ATOM   1056 C  C   . ALA A 1 135 ? 0.858   -7.610  6.180   1.00 12.65 ? 134 ALA A C   1 
ATOM   1057 O  O   . ALA A 1 135 ? 1.513   -6.846  6.856   1.00 14.64 ? 134 ALA A O   1 
ATOM   1058 C  CB  . ALA A 1 135 ? 2.059   -9.307  4.755   1.00 11.37 ? 134 ALA A CB  1 
ATOM   1059 N  N   . LEU A 1 136 ? -0.175  -7.218  5.431   1.00 12.72 ? 135 LEU A N   1 
ATOM   1060 C  CA  . LEU A 1 136 ? -0.680  -5.841  5.451   1.00 13.24 ? 135 LEU A CA  1 
ATOM   1061 C  C   . LEU A 1 136 ? -1.309  -5.541  6.828   1.00 13.84 ? 135 LEU A C   1 
ATOM   1062 O  O   . LEU A 1 136 ? -1.229  -4.438  7.353   1.00 14.59 ? 135 LEU A O   1 
ATOM   1063 C  CB  . LEU A 1 136 ? -1.665  -5.694  4.293   1.00 14.94 ? 135 LEU A CB  1 
ATOM   1064 C  CG  . LEU A 1 136 ? -1.051  -5.844  2.895   1.00 14.81 ? 135 LEU A CG  1 
ATOM   1065 C  CD1 . LEU A 1 136 ? -2.068  -5.631  1.796   1.00 16.51 ? 135 LEU A CD1 1 
ATOM   1066 C  CD2 . LEU A 1 136 ? 0.116   -4.906  2.686   1.00 16.38 ? 135 LEU A CD2 1 
ATOM   1067 N  N   . GLU A 1 137 ? -1.901  -6.561  7.424   1.00 14.53 ? 136 GLU A N   1 
ATOM   1068 C  CA  . GLU A 1 137 ? -2.483  -6.384  8.774   1.00 16.86 ? 136 GLU A CA  1 
ATOM   1069 C  C   . GLU A 1 137 ? -1.365  -6.169  9.799   1.00 14.73 ? 136 GLU A C   1 
ATOM   1070 O  O   . GLU A 1 137 ? -1.459  -5.322  10.636  1.00 15.77 ? 136 GLU A O   1 
ATOM   1071 C  CB  . GLU A 1 137 ? -3.237  -7.631  9.190   1.00 18.36 ? 136 GLU A CB  1 
ATOM   1072 C  CG  . GLU A 1 137 ? -4.400  -7.999  8.316   1.00 22.69 ? 136 GLU A CG  1 
ATOM   1073 C  CD  . GLU A 1 137 ? -5.136  -9.203  8.874   1.00 25.83 ? 136 GLU A CD  1 
ATOM   1074 O  OE1 . GLU A 1 137 ? -5.139  -10.271 8.224   1.00 28.38 ? 136 GLU A OE1 1 
ATOM   1075 O  OE2 . GLU A 1 137 ? -5.679  -9.052  9.983   1.00 34.87 ? 136 GLU A OE2 1 
ATOM   1076 N  N   . LEU A 1 138 ? -0.292  -6.960  9.710   1.00 14.60 ? 137 LEU A N   1 
ATOM   1077 C  CA  . LEU A 1 138 ? 0.860   -6.793  10.642  1.00 14.16 ? 137 LEU A CA  1 
ATOM   1078 C  C   . LEU A 1 138 ? 1.405   -5.351  10.495  1.00 13.01 ? 137 LEU A C   1 
ATOM   1079 O  O   . LEU A 1 138 ? 1.662   -4.661  11.473  1.00 14.24 ? 137 LEU A O   1 
ATOM   1080 C  CB  . LEU A 1 138 ? 1.911   -7.894  10.404  1.00 14.99 ? 137 LEU A CB  1 
ATOM   1081 C  CG  . LEU A 1 138 ? 3.310   -7.684  11.021  1.00 16.48 ? 137 LEU A CG  1 
ATOM   1082 C  CD1 . LEU A 1 138 ? 3.287   -7.742  12.548  1.00 18.58 ? 137 LEU A CD1 1 
ATOM   1083 C  CD2 . LEU A 1 138 ? 4.325   -8.675  10.475  1.00 16.53 ? 137 LEU A CD2 1 
ATOM   1084 N  N   . PHE A 1 139 ? 1.561   -4.883  9.266   1.00 14.00 ? 138 PHE A N   1 
ATOM   1085 C  CA  . PHE A 1 139 ? 2.042   -3.528  8.998   1.00 15.80 ? 138 PHE A CA  1 
ATOM   1086 C  C   . PHE A 1 139 ? 1.123   -2.500  9.668   1.00 15.75 ? 138 PHE A C   1 
ATOM   1087 O  O   . PHE A 1 139 ? 1.585   -1.559  10.328  1.00 16.49 ? 138 PHE A O   1 
ATOM   1088 C  CB  . PHE A 1 139 ? 2.190   -3.364  7.482   1.00 19.75 ? 138 PHE A CB  1 
ATOM   1089 C  CG  . PHE A 1 139 ? 2.109   -1.966  6.935   1.00 23.96 ? 138 PHE A CG  1 
ATOM   1090 C  CD1 . PHE A 1 139 ? 3.222   -1.145  6.896   1.00 26.62 ? 138 PHE A CD1 1 
ATOM   1091 C  CD2 . PHE A 1 139 ? 0.914   -1.491  6.406   1.00 25.87 ? 138 PHE A CD2 1 
ATOM   1092 C  CE1 . PHE A 1 139 ? 3.137   0.136   6.367   1.00 26.75 ? 138 PHE A CE1 1 
ATOM   1093 C  CE2 . PHE A 1 139 ? 0.822   -0.209  5.890   1.00 26.55 ? 138 PHE A CE2 1 
ATOM   1094 C  CZ  . PHE A 1 139 ? 1.946   0.600   5.865   1.00 28.58 ? 138 PHE A CZ  1 
ATOM   1095 N  N   . ARG A 1 140 ? -0.187  -2.650  9.472   1.00 15.84 ? 139 ARG A N   1 
ATOM   1096 C  CA  . ARG A 1 140 ? -1.149  -1.693  10.032  1.00 16.05 ? 139 ARG A CA  1 
ATOM   1097 C  C   . ARG A 1 140 ? -1.067  -1.704  11.565  1.00 15.10 ? 139 ARG A C   1 
ATOM   1098 O  O   . ARG A 1 140 ? -1.109  -0.639  12.205  1.00 15.80 ? 139 ARG A O   1 
ATOM   1099 C  CB  . ARG A 1 140 ? -2.583  -2.050  9.640   1.00 17.54 ? 139 ARG A CB  1 
ATOM   1100 C  CG  . ARG A 1 140 ? -3.171  -1.185  8.545   1.00 22.22 ? 139 ARG A CG  1 
ATOM   1101 C  CD  . ARG A 1 140 ? -4.685  -1.106  8.634   1.00 22.04 ? 139 ARG A CD  1 
ATOM   1102 N  NE  . ARG A 1 140 ? -5.356  -2.370  8.936   1.00 21.83 ? 139 ARG A NE  1 
ATOM   1103 C  CZ  . ARG A 1 140 ? -5.460  -3.398  8.104   1.00 21.09 ? 139 ARG A CZ  1 
ATOM   1104 N  NH1 . ARG A 1 140 ? -4.666  -3.508  7.054   1.00 23.80 ? 139 ARG A NH1 1 
ATOM   1105 N  NH2 . ARG A 1 140 ? -6.369  -4.323  8.326   1.00 21.05 ? 139 ARG A NH2 1 
ATOM   1106 N  N   . LYS A 1 141 ? -0.991  -2.910  12.137  1.00 14.39 ? 140 LYS A N   1 
ATOM   1107 C  CA  . LYS A 1 141 ? -0.908  -3.066  13.631  1.00 17.16 ? 140 LYS A CA  1 
ATOM   1108 C  C   . LYS A 1 141 ? 0.297   -2.271  14.154  1.00 16.01 ? 140 LYS A C   1 
ATOM   1109 O  O   . LYS A 1 141 ? 0.193   -1.554  15.161  1.00 13.81 ? 140 LYS A O   1 
ATOM   1110 C  CB  . LYS A 1 141 ? -0.790  -4.532  14.036  1.00 18.91 ? 140 LYS A CB  1 
ATOM   1111 C  CG  . LYS A 1 141 ? -0.607  -4.786  15.523  1.00 21.18 ? 140 LYS A CG  1 
ATOM   1112 C  CD  . LYS A 1 141 ? -0.188  -6.213  15.828  1.00 25.81 ? 140 LYS A CD  1 
ATOM   1113 C  CE  . LYS A 1 141 ? -0.095  -6.497  17.313  1.00 29.33 ? 140 LYS A CE  1 
ATOM   1114 N  NZ  . LYS A 1 141 ? 1.290   -6.741  17.783  1.00 30.43 ? 140 LYS A NZ  1 
ATOM   1115 N  N   . ASP A 1 142 ? 1.441   -2.402  13.479  1.00 15.99 ? 141 ASP A N   1 
ATOM   1116 C  CA  . ASP A 1 142 ? 2.699   -1.781  13.959  1.00 17.47 ? 141 ASP A CA  1 
ATOM   1117 C  C   . ASP A 1 142 ? 2.603   -0.260  13.797  1.00 17.67 ? 141 ASP A C   1 
ATOM   1118 O  O   . ASP A 1 142 ? 2.948   0.469   14.697  1.00 17.43 ? 141 ASP A O   1 
ATOM   1119 C  CB  . ASP A 1 142 ? 3.903   -2.435  13.285  1.00 19.51 ? 141 ASP A CB  1 
ATOM   1120 C  CG  . ASP A 1 142 ? 4.127   -3.878  13.691  1.00 20.46 ? 141 ASP A CG  1 
ATOM   1121 O  OD1 . ASP A 1 142 ? 3.538   -4.314  14.699  1.00 24.27 ? 141 ASP A OD1 1 
ATOM   1122 O  OD2 . ASP A 1 142 ? 4.855   -4.565  12.990  1.00 22.09 ? 141 ASP A OD2 1 
ATOM   1123 N  N   . ILE A 1 143 ? 1.973   0.201   12.706  1.00 16.10 ? 142 ILE A N   1 
ATOM   1124 C  CA  . ILE A 1 143 ? 1.761   1.622   12.498  1.00 18.90 ? 142 ILE A CA  1 
ATOM   1125 C  C   . ILE A 1 143 ? 0.833   2.172   13.589  1.00 18.20 ? 142 ILE A C   1 
ATOM   1126 O  O   . ILE A 1 143 ? 1.095   3.239   14.186  1.00 17.99 ? 142 ILE A O   1 
ATOM   1127 C  CB  . ILE A 1 143 ? 1.220   1.887   11.073  1.00 19.41 ? 142 ILE A CB  1 
ATOM   1128 C  CG1 . ILE A 1 143 ? 2.244   1.524   9.992   1.00 23.04 ? 142 ILE A CG1 1 
ATOM   1129 C  CG2 . ILE A 1 143 ? 0.754   3.335   10.931  1.00 19.70 ? 142 ILE A CG2 1 
ATOM   1130 C  CD1 . ILE A 1 143 ? 3.444   2.434   9.967   1.00 24.95 ? 142 ILE A CD1 1 
ATOM   1131 N  N   . ALA A 1 144 ? -0.262  1.445   13.849  1.00 17.51 ? 143 ALA A N   1 
ATOM   1132 C  CA  . ALA A 1 144 ? -1.303  1.832   14.805  1.00 18.41 ? 143 ALA A CA  1 
ATOM   1133 C  C   . ALA A 1 144 ? -0.690  2.105   16.194  1.00 19.92 ? 143 ALA A C   1 
ATOM   1134 O  O   . ALA A 1 144 ? -1.022  3.103   16.865  1.00 21.54 ? 143 ALA A O   1 
ATOM   1135 C  CB  . ALA A 1 144 ? -2.346  0.744   14.852  1.00 18.81 ? 143 ALA A CB  1 
ATOM   1136 N  N   . ALA A 1 145 ? 0.297   1.295   16.574  1.00 18.54 ? 144 ALA A N   1 
ATOM   1137 C  CA  . ALA A 1 145 ? 0.953   1.402   17.883  1.00 18.89 ? 144 ALA A CA  1 
ATOM   1138 C  C   . ALA A 1 145 ? 1.855   2.654   17.930  1.00 20.69 ? 144 ALA A C   1 
ATOM   1139 O  O   . ALA A 1 145 ? 1.903   3.344   18.947  1.00 20.87 ? 144 ALA A O   1 
ATOM   1140 C  CB  . ALA A 1 145 ? 1.704   0.123   18.179  1.00 19.67 ? 144 ALA A CB  1 
ATOM   1141 N  N   . LYS A 1 146 ? 2.494   3.011   16.816  1.00 19.70 ? 145 LYS A N   1 
ATOM   1142 C  CA  . LYS A 1 146 ? 3.233   4.301   16.744  1.00 19.99 ? 145 LYS A CA  1 
ATOM   1143 C  C   . LYS A 1 146 ? 2.249   5.484   16.782  1.00 18.72 ? 145 LYS A C   1 
ATOM   1144 O  O   . LYS A 1 146 ? 2.457   6.488   17.512  1.00 20.06 ? 145 LYS A O   1 
ATOM   1145 C  CB  . LYS A 1 146 ? 4.113   4.331   15.496  1.00 21.43 ? 145 LYS A CB  1 
ATOM   1146 C  CG  . LYS A 1 146 ? 5.106   3.180   15.372  1.00 26.39 ? 145 LYS A CG  1 
ATOM   1147 C  CD  . LYS A 1 146 ? 5.791   2.820   16.694  1.00 31.23 ? 145 LYS A CD  1 
ATOM   1148 C  CE  . LYS A 1 146 ? 6.953   1.855   16.539  1.00 35.01 ? 145 LYS A CE  1 
ATOM   1149 N  NZ  . LYS A 1 146 ? 7.888   2.282   15.469  1.00 38.31 ? 145 LYS A NZ  1 
ATOM   1150 N  N   . TYR A 1 147 ? 1.136   5.364   16.055  1.00 16.94 ? 146 TYR A N   1 
ATOM   1151 C  CA  . TYR A 1 147 ? 0.087   6.360   16.138  1.00 18.57 ? 146 TYR A CA  1 
ATOM   1152 C  C   . TYR A 1 147 ? -0.334  6.627   17.606  1.00 20.51 ? 146 TYR A C   1 
ATOM   1153 O  O   . TYR A 1 147 ? -0.445  7.798   18.035  1.00 19.14 ? 146 TYR A O   1 
ATOM   1154 C  CB  . TYR A 1 147 ? -1.103  5.937   15.274  1.00 19.75 ? 146 TYR A CB  1 
ATOM   1155 C  CG  . TYR A 1 147 ? -1.048  6.399   13.837  1.00 19.35 ? 146 TYR A CG  1 
ATOM   1156 C  CD1 . TYR A 1 147 ? 0.112   6.330   13.082  1.00 20.44 ? 146 TYR A CD1 1 
ATOM   1157 C  CD2 . TYR A 1 147 ? -2.182  6.914   13.238  1.00 20.51 ? 146 TYR A CD2 1 
ATOM   1158 C  CE1 . TYR A 1 147 ? 0.130   6.742   11.756  1.00 21.38 ? 146 TYR A CE1 1 
ATOM   1159 C  CE2 . TYR A 1 147 ? -2.172  7.336   11.924  1.00 21.72 ? 146 TYR A CE2 1 
ATOM   1160 C  CZ  . TYR A 1 147 ? -1.011  7.251   11.182  1.00 19.84 ? 146 TYR A CZ  1 
ATOM   1161 O  OH  . TYR A 1 147 ? -1.057  7.694   9.889   1.00 24.06 ? 146 TYR A OH  1 
ATOM   1162 N  N   . LYS A 1 148 ? -0.629  5.559   18.348  1.00 20.55 ? 147 LYS A N   1 
ATOM   1163 C  CA  . LYS A 1 148 ? -1.178  5.611   19.717  1.00 23.07 ? 147 LYS A CA  1 
ATOM   1164 C  C   . LYS A 1 148 ? -0.153  6.281   20.634  1.00 24.58 ? 147 LYS A C   1 
ATOM   1165 O  O   . LYS A 1 148 ? -0.509  7.137   21.452  1.00 26.27 ? 147 LYS A O   1 
ATOM   1166 C  CB  . LYS A 1 148 ? -1.511  4.193   20.199  1.00 24.31 ? 147 LYS A CB  1 
ATOM   1167 C  CG  . LYS A 1 148 ? -2.136  4.071   21.588  1.00 28.29 ? 147 LYS A CG  1 
ATOM   1168 C  CD  . LYS A 1 148 ? -2.667  2.661   21.853  1.00 30.14 ? 147 LYS A CD  1 
ATOM   1169 C  CE  . LYS A 1 148 ? -3.422  2.480   23.162  1.00 35.53 ? 147 LYS A CE  1 
ATOM   1170 N  NZ  . LYS A 1 148 ? -2.579  1.872   24.223  1.00 36.88 ? 147 LYS A NZ  1 
ATOM   1171 N  N   . GLU A 1 149 ? 1.109   5.861   20.477  1.00 23.92 ? 148 GLU A N   1 
ATOM   1172 C  CA  . GLU A 1 149 ? 2.279   6.490   21.102  1.00 28.11 ? 148 GLU A CA  1 
ATOM   1173 C  C   . GLU A 1 149 ? 2.223   8.022   20.943  1.00 30.69 ? 148 GLU A C   1 
ATOM   1174 O  O   . GLU A 1 149 ? 2.342   8.758   21.936  1.00 38.35 ? 148 GLU A O   1 
ATOM   1175 C  CB  . GLU A 1 149 ? 3.557   5.912   20.485  1.00 29.38 ? 148 GLU A CB  1 
ATOM   1176 C  CG  . GLU A 1 149 ? 4.857   6.444   21.087  1.00 32.59 ? 148 GLU A CG  1 
ATOM   1177 C  CD  . GLU A 1 149 ? 6.094   6.038   20.296  1.00 36.02 ? 148 GLU A CD  1 
ATOM   1178 O  OE1 . GLU A 1 149 ? 6.066   4.956   19.672  1.00 37.77 ? 148 GLU A OE1 1 
ATOM   1179 O  OE2 . GLU A 1 149 ? 7.078   6.808   20.285  1.00 42.41 ? 148 GLU A OE2 1 
ATOM   1180 N  N   . LEU A 1 150 ? 1.998   8.489   19.707  1.00 27.76 ? 149 LEU A N   1 
ATOM   1181 C  CA  . LEU A 1 150 ? 2.095   9.894   19.302  1.00 29.18 ? 149 LEU A CA  1 
ATOM   1182 C  C   . LEU A 1 150 ? 0.823   10.679  19.649  1.00 27.62 ? 149 LEU A C   1 
ATOM   1183 O  O   . LEU A 1 150 ? 0.813   11.900  19.473  1.00 31.11 ? 149 LEU A O   1 
ATOM   1184 C  CB  . LEU A 1 150 ? 2.339   9.961   17.792  1.00 29.92 ? 149 LEU A CB  1 
ATOM   1185 C  CG  . LEU A 1 150 ? 3.721   9.505   17.317  1.00 33.10 ? 149 LEU A CG  1 
ATOM   1186 C  CD1 . LEU A 1 150 ? 3.745   9.367   15.804  1.00 33.18 ? 149 LEU A CD1 1 
ATOM   1187 C  CD2 . LEU A 1 150 ? 4.812   10.459  17.786  1.00 33.07 ? 149 LEU A CD2 1 
ATOM   1188 N  N   . GLY A 1 151 ? -0.239  9.975   20.059  1.00 26.03 ? 150 GLY A N   1 
ATOM   1189 C  CA  . GLY A 1 151 ? -1.531  10.564  20.460  1.00 28.31 ? 150 GLY A CA  1 
ATOM   1190 C  C   . GLY A 1 151 ? -2.553  10.696  19.333  1.00 28.24 ? 150 GLY A C   1 
ATOM   1191 O  O   . GLY A 1 151 ? -3.503  11.456  19.481  1.00 25.27 ? 150 GLY A O   1 
ATOM   1192 N  N   . TYR A 1 152 ? -2.372  9.954   18.223  1.00 27.42 ? 151 TYR A N   1 
ATOM   1193 C  CA  . TYR A 1 152 ? -3.278  9.987   17.030  1.00 28.58 ? 151 TYR A CA  1 
ATOM   1194 C  C   . TYR A 1 152 ? -4.164  8.732   16.955  1.00 30.21 ? 151 TYR A C   1 
ATOM   1195 O  O   . TYR A 1 152 ? -4.015  7.802   17.766  1.00 35.77 ? 151 TYR A O   1 
ATOM   1196 C  CB  . TYR A 1 152 ? -2.450  10.091  15.745  1.00 29.17 ? 151 TYR A CB  1 
ATOM   1197 C  CG  . TYR A 1 152 ? -1.687  11.379  15.643  1.00 31.97 ? 151 TYR A CG  1 
ATOM   1198 C  CD1 . TYR A 1 152 ? -0.507  11.565  16.356  1.00 32.63 ? 151 TYR A CD1 1 
ATOM   1199 C  CD2 . TYR A 1 152 ? -2.179  12.440  14.893  1.00 33.62 ? 151 TYR A CD2 1 
ATOM   1200 C  CE1 . TYR A 1 152 ? 0.181   12.765  16.297  1.00 33.28 ? 151 TYR A CE1 1 
ATOM   1201 C  CE2 . TYR A 1 152 ? -1.505  13.650  14.836  1.00 32.97 ? 151 TYR A CE2 1 
ATOM   1202 C  CZ  . TYR A 1 152 ? -0.320  13.808  15.539  1.00 33.16 ? 151 TYR A CZ  1 
ATOM   1203 O  OH  . TYR A 1 152 ? 0.378   14.985  15.493  1.00 38.88 ? 151 TYR A OH  1 
HETATM 1204 C  CHA . HEM B 2 .   ? 3.857   10.336  1.397   1.00 23.26 ? 201 HEM A CHA 1 
HETATM 1205 C  CHB . HEM B 2 .   ? 4.378   5.515   1.539   1.00 18.44 ? 201 HEM A CHB 1 
HETATM 1206 C  CHC . HEM B 2 .   ? -0.226  5.119   2.813   1.00 18.55 ? 201 HEM A CHC 1 
HETATM 1207 C  CHD . HEM B 2 .   ? -0.844  9.807   2.087   1.00 19.47 ? 201 HEM A CHD 1 
HETATM 1208 C  C1A . HEM B 2 .   ? 4.367   9.068   1.356   1.00 21.97 ? 201 HEM A C1A 1 
HETATM 1209 C  C2A . HEM B 2 .   ? 5.737   8.812   1.204   1.00 24.54 ? 201 HEM A C2A 1 
HETATM 1210 C  C3A . HEM B 2 .   ? 5.895   7.449   1.245   1.00 23.34 ? 201 HEM A C3A 1 
HETATM 1211 C  C4A . HEM B 2 .   ? 4.625   6.865   1.408   1.00 20.84 ? 201 HEM A C4A 1 
HETATM 1212 C  CMA . HEM B 2 .   ? 7.204   6.705   1.108   1.00 26.00 ? 201 HEM A CMA 1 
HETATM 1213 C  CAA . HEM B 2 .   ? 6.822   9.858   1.027   1.00 25.22 ? 201 HEM A CAA 1 
HETATM 1214 C  CBA . HEM B 2 .   ? 7.706   10.072  2.254   1.00 25.60 ? 201 HEM A CBA 1 
HETATM 1215 C  CGA . HEM B 2 .   ? 7.006   10.609  3.488   1.00 30.00 ? 201 HEM A CGA 1 
HETATM 1216 O  O1A . HEM B 2 .   ? 7.071   9.960   4.578   1.00 32.12 ? 201 HEM A O1A 1 
HETATM 1217 O  O2A . HEM B 2 .   ? 6.391   11.706  3.462   1.00 27.60 ? 201 HEM A O2A 1 
HETATM 1218 C  C1B . HEM B 2 .   ? 3.146   5.017   1.913   1.00 18.05 ? 201 HEM A C1B 1 
HETATM 1219 C  C2B . HEM B 2 .   ? 2.911   3.617   2.107   1.00 18.99 ? 201 HEM A C2B 1 
HETATM 1220 C  C3B . HEM B 2 .   ? 1.637   3.464   2.492   1.00 18.23 ? 201 HEM A C3B 1 
HETATM 1221 C  C4B . HEM B 2 .   ? 1.097   4.855   2.529   1.00 20.23 ? 201 HEM A C4B 1 
HETATM 1222 C  CMB . HEM B 2 .   ? 3.954   2.558   1.952   1.00 19.35 ? 201 HEM A CMB 1 
HETATM 1223 C  CAB . HEM B 2 .   ? 0.812   2.271   2.737   1.00 20.91 ? 201 HEM A CAB 1 
HETATM 1224 C  CBB . HEM B 2 .   ? 1.016   1.073   2.183   1.00 21.06 ? 201 HEM A CBB 1 
HETATM 1225 C  C1C . HEM B 2 .   ? -0.851  6.329   2.628   1.00 18.27 ? 201 HEM A C1C 1 
HETATM 1226 C  C2C . HEM B 2 .   ? -2.213  6.561   2.611   1.00 19.68 ? 201 HEM A C2C 1 
HETATM 1227 C  C3C . HEM B 2 .   ? -2.379  7.947   2.382   1.00 20.13 ? 201 HEM A C3C 1 
HETATM 1228 C  C4C . HEM B 2 .   ? -1.108  8.492   2.328   1.00 18.74 ? 201 HEM A C4C 1 
HETATM 1229 C  CMC . HEM B 2 .   ? -3.243  5.492   2.765   1.00 22.65 ? 201 HEM A CMC 1 
HETATM 1230 C  CAC . HEM B 2 .   ? -3.593  8.782   2.237   1.00 21.65 ? 201 HEM A CAC 1 
HETATM 1231 C  CBC . HEM B 2 .   ? -4.794  8.297   2.250   1.00 20.96 ? 201 HEM A CBC 1 
HETATM 1232 C  C1D . HEM B 2 .   ? 0.429   10.318  1.846   1.00 21.98 ? 201 HEM A C1D 1 
HETATM 1233 C  C2D . HEM B 2 .   ? 0.638   11.764  1.615   1.00 21.51 ? 201 HEM A C2D 1 
HETATM 1234 C  C3D . HEM B 2 .   ? 1.971   11.935  1.452   1.00 22.73 ? 201 HEM A C3D 1 
HETATM 1235 C  C4D . HEM B 2 .   ? 2.534   10.559  1.568   1.00 20.23 ? 201 HEM A C4D 1 
HETATM 1236 C  CMD . HEM B 2 .   ? -0.385  12.872  1.592   1.00 21.36 ? 201 HEM A CMD 1 
HETATM 1237 C  CAD . HEM B 2 .   ? 2.674   13.248  1.119   1.00 25.16 ? 201 HEM A CAD 1 
HETATM 1238 C  CBD . HEM B 2 .   ? 2.713   13.207  -0.424  1.00 25.51 ? 201 HEM A CBD 1 
HETATM 1239 C  CGD . HEM B 2 .   ? 3.049   14.425  -1.234  1.00 24.82 ? 201 HEM A CGD 1 
HETATM 1240 O  O1D . HEM B 2 .   ? 4.094   14.474  -1.874  1.00 24.90 ? 201 HEM A O1D 1 
HETATM 1241 O  O2D . HEM B 2 .   ? 2.257   15.378  -1.387  1.00 28.31 ? 201 HEM A O2D 1 
HETATM 1242 N  NA  . HEM B 2 .   ? 3.695   7.861   1.513   1.00 22.21 ? 201 HEM A NA  1 
HETATM 1243 N  NB  . HEM B 2 .   ? 2.051   5.698   2.151   1.00 18.67 ? 201 HEM A NB  1 
HETATM 1244 N  NC  . HEM B 2 .   ? -0.214  7.485   2.459   1.00 19.52 ? 201 HEM A NC  1 
HETATM 1245 N  ND  . HEM B 2 .   ? 1.598   9.654   1.839   1.00 19.66 ? 201 HEM A ND  1 
HETATM 1246 FE FE  . HEM B 2 .   ? 1.786   7.752   1.971   1.00 20.40 ? 201 HEM A FE  1 
HETATM 1247 C  C1  . NBE C 3 .   ? 0.202   7.033   -0.586  1.00 24.03 ? 202 NBE A C1  1 
HETATM 1248 N  N   . NBE C 3 .   ? 1.303   7.722   -0.092  1.00 20.68 ? 202 NBE A N   1 
HETATM 1249 O  O   . NBE C 3 .   ? 1.676   8.636   -0.774  1.00 26.12 ? 202 NBE A O   1 
HETATM 1250 C  C2  . NBE C 3 .   ? 0.087   5.704   -0.301  1.00 25.04 ? 202 NBE A C2  1 
HETATM 1251 C  C3  . NBE C 3 .   ? -0.972  4.996   -0.779  1.00 27.01 ? 202 NBE A C3  1 
HETATM 1252 C  C4  . NBE C 3 .   ? -1.960  5.596   -1.548  1.00 25.31 ? 202 NBE A C4  1 
HETATM 1253 C  C5  . NBE C 3 .   ? -1.850  6.944   -1.835  1.00 30.09 ? 202 NBE A C5  1 
HETATM 1254 C  C6  . NBE C 3 .   ? -0.755  7.641   -1.369  1.00 26.33 ? 202 NBE A C6  1 
HETATM 1255 S  S   . SO4 D 4 .   ? -15.096 9.190   -14.190 1.00 13.11 ? 203 SO4 A S   1 
HETATM 1256 O  O1  . SO4 D 4 .   ? -15.591 10.487  -14.624 1.00 12.82 ? 203 SO4 A O1  1 
HETATM 1257 O  O2  . SO4 D 4 .   ? -14.801 8.264   -15.391 1.00 14.65 ? 203 SO4 A O2  1 
HETATM 1258 O  O3  . SO4 D 4 .   ? -13.835 9.262   -13.401 1.00 12.46 ? 203 SO4 A O3  1 
HETATM 1259 O  O4  . SO4 D 4 .   ? -16.157 8.598   -13.377 1.00 11.10 ? 203 SO4 A O4  1 
HETATM 1260 O  O   . HOH E 5 .   ? 1.714   9.984   -17.763 1.00 21.56 ? 301 HOH A O   1 
HETATM 1261 O  O   . HOH E 5 .   ? 0.788   16.426  -9.118  1.00 22.26 ? 302 HOH A O   1 
HETATM 1262 O  O   . HOH E 5 .   ? -13.705 6.064   -15.509 1.00 21.41 ? 303 HOH A O   1 
HETATM 1263 O  O   . HOH E 5 .   ? 1.855   -12.294 -13.038 1.00 20.40 ? 304 HOH A O   1 
HETATM 1264 O  O   . HOH E 5 .   ? 11.377  -17.141 1.537   1.00 19.55 ? 305 HOH A O   1 
HETATM 1265 O  O   . HOH E 5 .   ? -17.025 9.146   -11.042 1.00 24.70 ? 306 HOH A O   1 
HETATM 1266 O  O   . HOH E 5 .   ? -2.156  -1.759  5.798   1.00 33.71 ? 307 HOH A O   1 
HETATM 1267 O  O   . HOH E 5 .   ? -3.488  19.755  -7.328  1.00 21.49 ? 308 HOH A O   1 
HETATM 1268 O  O   . HOH E 5 .   ? -7.483  0.771   -10.403 1.00 26.95 ? 309 HOH A O   1 
HETATM 1269 O  O   . HOH E 5 .   ? -12.040 13.696  -3.226  1.00 19.29 ? 310 HOH A O   1 
HETATM 1270 O  O   . HOH E 5 .   ? -5.804  8.800   -19.388 1.00 16.23 ? 311 HOH A O   1 
HETATM 1271 O  O   . HOH E 5 .   ? 2.643   4.303   -9.975  1.00 21.20 ? 312 HOH A O   1 
HETATM 1272 O  O   . HOH E 5 .   ? -15.798 12.731  -13.071 1.00 20.85 ? 313 HOH A O   1 
HETATM 1273 O  O   . HOH E 5 .   ? 2.379   -16.087 -4.682  1.00 17.84 ? 314 HOH A O   1 
HETATM 1274 O  O   . HOH E 5 .   ? -1.031  7.953   -13.578 1.00 17.32 ? 315 HOH A O   1 
HETATM 1275 O  O   . HOH E 5 .   ? -3.900  14.407  -15.878 1.00 14.50 ? 316 HOH A O   1 
HETATM 1276 O  O   . HOH E 5 .   ? 7.450   -6.862  6.823   1.00 19.71 ? 317 HOH A O   1 
HETATM 1277 O  O   . HOH E 5 .   ? 4.181   -6.508  7.558   1.00 28.96 ? 318 HOH A O   1 
HETATM 1278 O  O   . HOH E 5 .   ? -11.319 13.301  -18.336 1.00 14.82 ? 319 HOH A O   1 
HETATM 1279 O  O   . HOH E 5 .   ? 1.307   2.005   21.349  1.00 22.81 ? 320 HOH A O   1 
HETATM 1280 O  O   . HOH E 5 .   ? -15.826 6.981   0.810   1.00 20.54 ? 321 HOH A O   1 
HETATM 1281 O  O   . HOH E 5 .   ? -12.452 9.176   -16.917 1.00 16.11 ? 322 HOH A O   1 
HETATM 1282 O  O   . HOH E 5 .   ? 14.234  -15.054 7.062   1.00 22.34 ? 323 HOH A O   1 
HETATM 1283 O  O   . HOH E 5 .   ? -9.576  0.849   -1.737  1.00 16.89 ? 324 HOH A O   1 
HETATM 1284 O  O   . HOH E 5 .   ? -15.999 5.800   -12.298 1.00 21.18 ? 325 HOH A O   1 
HETATM 1285 O  O   . HOH E 5 .   ? 11.266  -2.281  -3.001  1.00 22.50 ? 326 HOH A O   1 
HETATM 1286 O  O   . HOH E 5 .   ? 7.029   11.243  -5.040  1.00 25.76 ? 327 HOH A O   1 
HETATM 1287 O  O   . HOH E 5 .   ? -0.419  -15.033 -13.393 1.00 26.45 ? 328 HOH A O   1 
HETATM 1288 O  O   . HOH E 5 .   ? -10.807 -1.816  -2.978  1.00 29.54 ? 329 HOH A O   1 
# 
